data_2BYG
# 
_entry.id   2BYG 
# 
_audit_conform.dict_name       mmcif_pdbx.dic 
_audit_conform.dict_version    5.382 
_audit_conform.dict_location   http://mmcif.pdb.org/dictionaries/ascii/mmcif_pdbx.dic 
# 
loop_
_database_2.database_id 
_database_2.database_code 
_database_2.pdbx_database_accession 
_database_2.pdbx_DOI 
PDB   2BYG         pdb_00002byg 10.2210/pdb2byg/pdb 
PDBE  EBI-24969    ?            ?                   
WWPDB D_1290024969 ?            ?                   
# 
_pdbx_database_status.status_code                     REL 
_pdbx_database_status.entry_id                        2BYG 
_pdbx_database_status.deposit_site                    PDBE 
_pdbx_database_status.process_site                    PDBE 
_pdbx_database_status.SG_entry                        . 
_pdbx_database_status.recvd_initial_deposition_date   2005-08-01 
_pdbx_database_status.pdb_format_compatible           Y 
_pdbx_database_status.status_code_sf                  REL 
_pdbx_database_status.status_code_mr                  ? 
_pdbx_database_status.status_code_cs                  ? 
_pdbx_database_status.methods_development_category    ? 
_pdbx_database_status.status_code_nmr_data            ? 
# 
loop_
_audit_author.name 
_audit_author.pdbx_ordinal 
'Elkins, J.M.'                         1  
'Schoch, G.A.'                         2  
'Smee, C.E.A.'                         3  
'Berridge, G.'                         4  
'Salah, E.'                            5  
'Sundstrom, M.'                        6  
'Edwards, A.'                          7  
'Arrowsmith, C.'                       8  
'Weigelt, J.'                          9  
'Doyle, D.A.'                          10 
'Structural Genomics Consortium (SGC)' 11 
# 
_citation.id                        primary 
_citation.title                     
'Structure of Pick1 and Other Pdz Domains Obtained with the Help of Self-Binding C-Terminal Extensions.' 
_citation.journal_abbrev            'Protein Sci.' 
_citation.journal_volume            16 
_citation.page_first                683 
_citation.page_last                 ? 
_citation.year                      2007 
_citation.journal_id_ASTM           PRCIEI 
_citation.country                   US 
_citation.journal_id_ISSN           0961-8368 
_citation.journal_id_CSD            0795 
_citation.book_publisher            ? 
_citation.pdbx_database_id_PubMed   17384233 
_citation.pdbx_database_id_DOI      10.1110/PS.062657507 
# 
loop_
_citation_author.citation_id 
_citation_author.name 
_citation_author.ordinal 
_citation_author.identifier_ORCID 
primary 'Elkins, J.M.'      1 ? 
primary 'Papagrigoriou, E.' 2 ? 
primary 'Berridge, G.'      3 ? 
primary 'Yang, X.'          4 ? 
primary 'Phillips, C.'      5 ? 
primary 'Gileadi, C.'       6 ? 
primary 'Savitsky, C.'      7 ? 
primary 'Doyle, D.A.'       8 ? 
# 
_cell.entry_id           2BYG 
_cell.length_a           44.774 
_cell.length_b           69.081 
_cell.length_c           73.967 
_cell.angle_alpha        90.00 
_cell.angle_beta         90.00 
_cell.angle_gamma        90.00 
_cell.Z_PDB              8 
_cell.pdbx_unique_axis   ? 
# 
_symmetry.entry_id                         2BYG 
_symmetry.space_group_name_H-M             'I 2 2 2' 
_symmetry.pdbx_full_space_group_name_H-M   ? 
_symmetry.cell_setting                     ? 
_symmetry.Int_Tables_number                23 
# 
loop_
_entity.id 
_entity.type 
_entity.src_method 
_entity.pdbx_description 
_entity.formula_weight 
_entity.pdbx_number_of_molecules 
_entity.pdbx_ec 
_entity.pdbx_mutation 
_entity.pdbx_fragment 
_entity.details 
1 polymer man 'CHANNEL ASSOCIATED PROTEIN OF SYNAPSE-110' 12787.502 1   ? ? '2ND PDZ DOMAIN, RESIDUES 190-283' ? 
2 water   nat water                                       18.015    100 ? ? ?                                  ? 
# 
_entity_name_com.entity_id   1 
_entity_name_com.name        'CHAPSYN-110, DISCS LARGE HOMOLOG 2' 
# 
_entity_poly.entity_id                      1 
_entity_poly.type                           'polypeptide(L)' 
_entity_poly.nstd_linkage                   no 
_entity_poly.nstd_monomer                   no 
_entity_poly.pdbx_seq_one_letter_code       
;MHHHHHHSSGVDLGTENLYFQSMTVVEIKLFKGPKGLGFSIAGGVGNQHIPGDNSIYVTKIIDGGAAQKDGRLQVGDRLL
MVNNYSLEEVTHEEAVAILKNTSEVVYLKVGKPTTIY
;
_entity_poly.pdbx_seq_one_letter_code_can   
;MHHHHHHSSGVDLGTENLYFQSMTVVEIKLFKGPKGLGFSIAGGVGNQHIPGDNSIYVTKIIDGGAAQKDGRLQVGDRLL
MVNNYSLEEVTHEEAVAILKNTSEVVYLKVGKPTTIY
;
_entity_poly.pdbx_strand_id                 A 
_entity_poly.pdbx_target_identifier         ? 
# 
loop_
_entity_poly_seq.entity_id 
_entity_poly_seq.num 
_entity_poly_seq.mon_id 
_entity_poly_seq.hetero 
1 1   MET n 
1 2   HIS n 
1 3   HIS n 
1 4   HIS n 
1 5   HIS n 
1 6   HIS n 
1 7   HIS n 
1 8   SER n 
1 9   SER n 
1 10  GLY n 
1 11  VAL n 
1 12  ASP n 
1 13  LEU n 
1 14  GLY n 
1 15  THR n 
1 16  GLU n 
1 17  ASN n 
1 18  LEU n 
1 19  TYR n 
1 20  PHE n 
1 21  GLN n 
1 22  SER n 
1 23  MET n 
1 24  THR n 
1 25  VAL n 
1 26  VAL n 
1 27  GLU n 
1 28  ILE n 
1 29  LYS n 
1 30  LEU n 
1 31  PHE n 
1 32  LYS n 
1 33  GLY n 
1 34  PRO n 
1 35  LYS n 
1 36  GLY n 
1 37  LEU n 
1 38  GLY n 
1 39  PHE n 
1 40  SER n 
1 41  ILE n 
1 42  ALA n 
1 43  GLY n 
1 44  GLY n 
1 45  VAL n 
1 46  GLY n 
1 47  ASN n 
1 48  GLN n 
1 49  HIS n 
1 50  ILE n 
1 51  PRO n 
1 52  GLY n 
1 53  ASP n 
1 54  ASN n 
1 55  SER n 
1 56  ILE n 
1 57  TYR n 
1 58  VAL n 
1 59  THR n 
1 60  LYS n 
1 61  ILE n 
1 62  ILE n 
1 63  ASP n 
1 64  GLY n 
1 65  GLY n 
1 66  ALA n 
1 67  ALA n 
1 68  GLN n 
1 69  LYS n 
1 70  ASP n 
1 71  GLY n 
1 72  ARG n 
1 73  LEU n 
1 74  GLN n 
1 75  VAL n 
1 76  GLY n 
1 77  ASP n 
1 78  ARG n 
1 79  LEU n 
1 80  LEU n 
1 81  MET n 
1 82  VAL n 
1 83  ASN n 
1 84  ASN n 
1 85  TYR n 
1 86  SER n 
1 87  LEU n 
1 88  GLU n 
1 89  GLU n 
1 90  VAL n 
1 91  THR n 
1 92  HIS n 
1 93  GLU n 
1 94  GLU n 
1 95  ALA n 
1 96  VAL n 
1 97  ALA n 
1 98  ILE n 
1 99  LEU n 
1 100 LYS n 
1 101 ASN n 
1 102 THR n 
1 103 SER n 
1 104 GLU n 
1 105 VAL n 
1 106 VAL n 
1 107 TYR n 
1 108 LEU n 
1 109 LYS n 
1 110 VAL n 
1 111 GLY n 
1 112 LYS n 
1 113 PRO n 
1 114 THR n 
1 115 THR n 
1 116 ILE n 
1 117 TYR n 
# 
_entity_src_gen.entity_id                          1 
_entity_src_gen.pdbx_src_id                        1 
_entity_src_gen.pdbx_alt_source_flag               sample 
_entity_src_gen.pdbx_seq_type                      ? 
_entity_src_gen.pdbx_beg_seq_num                   ? 
_entity_src_gen.pdbx_end_seq_num                   ? 
_entity_src_gen.gene_src_common_name               HUMAN 
_entity_src_gen.gene_src_genus                     ? 
_entity_src_gen.pdbx_gene_src_gene                 ? 
_entity_src_gen.gene_src_species                   ? 
_entity_src_gen.gene_src_strain                    ? 
_entity_src_gen.gene_src_tissue                    ? 
_entity_src_gen.gene_src_tissue_fraction           ? 
_entity_src_gen.gene_src_details                   ? 
_entity_src_gen.pdbx_gene_src_fragment             ? 
_entity_src_gen.pdbx_gene_src_scientific_name      'HOMO SAPIENS' 
_entity_src_gen.pdbx_gene_src_ncbi_taxonomy_id     9606 
_entity_src_gen.pdbx_gene_src_variant              ? 
_entity_src_gen.pdbx_gene_src_cell_line            ? 
_entity_src_gen.pdbx_gene_src_atcc                 ? 
_entity_src_gen.pdbx_gene_src_organ                ? 
_entity_src_gen.pdbx_gene_src_organelle            ? 
_entity_src_gen.pdbx_gene_src_cell                 ? 
_entity_src_gen.pdbx_gene_src_cellular_location    ? 
_entity_src_gen.host_org_common_name               ? 
_entity_src_gen.pdbx_host_org_scientific_name      'ESCHERICHIA COLI' 
_entity_src_gen.pdbx_host_org_ncbi_taxonomy_id     469008 
_entity_src_gen.host_org_genus                     ? 
_entity_src_gen.pdbx_host_org_gene                 ? 
_entity_src_gen.pdbx_host_org_organ                ? 
_entity_src_gen.host_org_species                   ? 
_entity_src_gen.pdbx_host_org_tissue               ? 
_entity_src_gen.pdbx_host_org_tissue_fraction      ? 
_entity_src_gen.pdbx_host_org_strain               'BL21(DE3)' 
_entity_src_gen.pdbx_host_org_variant              ? 
_entity_src_gen.pdbx_host_org_cell_line            ? 
_entity_src_gen.pdbx_host_org_atcc                 ? 
_entity_src_gen.pdbx_host_org_culture_collection   ? 
_entity_src_gen.pdbx_host_org_cell                 ? 
_entity_src_gen.pdbx_host_org_organelle            ? 
_entity_src_gen.pdbx_host_org_cellular_location    ? 
_entity_src_gen.pdbx_host_org_vector_type          ? 
_entity_src_gen.pdbx_host_org_vector               ? 
_entity_src_gen.host_org_details                   ? 
_entity_src_gen.expression_system_id               ? 
_entity_src_gen.plasmid_name                       PNIC28-BSA4 
_entity_src_gen.plasmid_details                    ? 
_entity_src_gen.pdbx_description                   ? 
# 
loop_
_struct_ref.id 
_struct_ref.db_name 
_struct_ref.db_code 
_struct_ref.entity_id 
_struct_ref.pdbx_seq_one_letter_code 
_struct_ref.pdbx_align_begin 
_struct_ref.pdbx_db_accession 
_struct_ref.pdbx_db_isoform 
1 PDB 2BYG       1 ? ? 2BYG   ? 
2 UNP DLG2_HUMAN 1 ? ? Q15700 ? 
# 
loop_
_struct_ref_seq.align_id 
_struct_ref_seq.ref_id 
_struct_ref_seq.pdbx_PDB_id_code 
_struct_ref_seq.pdbx_strand_id 
_struct_ref_seq.seq_align_beg 
_struct_ref_seq.pdbx_seq_align_beg_ins_code 
_struct_ref_seq.seq_align_end 
_struct_ref_seq.pdbx_seq_align_end_ins_code 
_struct_ref_seq.pdbx_db_accession 
_struct_ref_seq.db_align_beg 
_struct_ref_seq.pdbx_db_align_beg_ins_code 
_struct_ref_seq.db_align_end 
_struct_ref_seq.pdbx_db_align_end_ins_code 
_struct_ref_seq.pdbx_auth_seq_align_beg 
_struct_ref_seq.pdbx_auth_seq_align_end 
1 1 2BYG A 1  ? 23  ? 2BYG   167 ? 189 ? 167 189 
2 2 2BYG A 24 ? 117 ? Q15700 190 ? 283 ? 190 283 
# 
_struct_ref_seq_dif.align_id                     1 
_struct_ref_seq_dif.pdbx_pdb_id_code             2BYG 
_struct_ref_seq_dif.mon_id                       LYS 
_struct_ref_seq_dif.pdbx_pdb_strand_id           A 
_struct_ref_seq_dif.seq_num                      112 
_struct_ref_seq_dif.pdbx_pdb_ins_code            ? 
_struct_ref_seq_dif.pdbx_seq_db_name             UNP 
_struct_ref_seq_dif.pdbx_seq_db_accession_code   Q15700 
_struct_ref_seq_dif.db_mon_id                    ASN 
_struct_ref_seq_dif.pdbx_seq_db_seq_num          278 
_struct_ref_seq_dif.details                      conflict 
_struct_ref_seq_dif.pdbx_auth_seq_num            278 
_struct_ref_seq_dif.pdbx_ordinal                 1 
# 
loop_
_chem_comp.id 
_chem_comp.type 
_chem_comp.mon_nstd_flag 
_chem_comp.name 
_chem_comp.pdbx_synonyms 
_chem_comp.formula 
_chem_comp.formula_weight 
ALA 'L-peptide linking' y ALANINE         ? 'C3 H7 N O2'     89.093  
ARG 'L-peptide linking' y ARGININE        ? 'C6 H15 N4 O2 1' 175.209 
ASN 'L-peptide linking' y ASPARAGINE      ? 'C4 H8 N2 O3'    132.118 
ASP 'L-peptide linking' y 'ASPARTIC ACID' ? 'C4 H7 N O4'     133.103 
GLN 'L-peptide linking' y GLUTAMINE       ? 'C5 H10 N2 O3'   146.144 
GLU 'L-peptide linking' y 'GLUTAMIC ACID' ? 'C5 H9 N O4'     147.129 
GLY 'peptide linking'   y GLYCINE         ? 'C2 H5 N O2'     75.067  
HIS 'L-peptide linking' y HISTIDINE       ? 'C6 H10 N3 O2 1' 156.162 
HOH non-polymer         . WATER           ? 'H2 O'           18.015  
ILE 'L-peptide linking' y ISOLEUCINE      ? 'C6 H13 N O2'    131.173 
LEU 'L-peptide linking' y LEUCINE         ? 'C6 H13 N O2'    131.173 
LYS 'L-peptide linking' y LYSINE          ? 'C6 H15 N2 O2 1' 147.195 
MET 'L-peptide linking' y METHIONINE      ? 'C5 H11 N O2 S'  149.211 
PHE 'L-peptide linking' y PHENYLALANINE   ? 'C9 H11 N O2'    165.189 
PRO 'L-peptide linking' y PROLINE         ? 'C5 H9 N O2'     115.130 
SER 'L-peptide linking' y SERINE          ? 'C3 H7 N O3'     105.093 
THR 'L-peptide linking' y THREONINE       ? 'C4 H9 N O3'     119.119 
TYR 'L-peptide linking' y TYROSINE        ? 'C9 H11 N O3'    181.189 
VAL 'L-peptide linking' y VALINE          ? 'C5 H11 N O2'    117.146 
# 
_exptl.entry_id          2BYG 
_exptl.method            'X-RAY DIFFRACTION' 
_exptl.crystals_number   1 
# 
_exptl_crystal.id                    1 
_exptl_crystal.density_meas          ? 
_exptl_crystal.density_Matthews      2.2 
_exptl_crystal.density_percent_sol   44.6 
_exptl_crystal.description           NONE 
# 
_exptl_crystal_grow.crystal_id      1 
_exptl_crystal_grow.method          ? 
_exptl_crystal_grow.temp            ? 
_exptl_crystal_grow.temp_details    ? 
_exptl_crystal_grow.pH              8.0 
_exptl_crystal_grow.pdbx_pH_range   ? 
_exptl_crystal_grow.pdbx_details    '25% PEG 3350, 0.2M NACL, 0.1M BIS-TRIS PH 5.5' 
# 
_diffrn.id                     1 
_diffrn.ambient_temp           100 
_diffrn.ambient_temp_details   ? 
_diffrn.crystal_id             1 
# 
_diffrn_detector.diffrn_id              1 
_diffrn_detector.detector               'IMAGE PLATE' 
_diffrn_detector.type                   RIGAKU-MSC 
_diffrn_detector.pdbx_collection_date   2005-06-23 
_diffrn_detector.details                'OSMIC MIRRORS' 
# 
_diffrn_radiation.diffrn_id                        1 
_diffrn_radiation.wavelength_id                    1 
_diffrn_radiation.pdbx_monochromatic_or_laue_m_l   M 
_diffrn_radiation.monochromator                    ? 
_diffrn_radiation.pdbx_diffrn_protocol             'SINGLE WAVELENGTH' 
_diffrn_radiation.pdbx_scattering_type             x-ray 
# 
_diffrn_radiation_wavelength.id           1 
_diffrn_radiation_wavelength.wavelength   1.5418 
_diffrn_radiation_wavelength.wt           1.0 
# 
_diffrn_source.diffrn_id                   1 
_diffrn_source.source                      'ROTATING ANODE' 
_diffrn_source.type                        'RIGAKU FR-E' 
_diffrn_source.pdbx_synchrotron_site       ? 
_diffrn_source.pdbx_synchrotron_beamline   ? 
_diffrn_source.pdbx_wavelength             1.5418 
_diffrn_source.pdbx_wavelength_list        ? 
# 
_reflns.pdbx_diffrn_id               1 
_reflns.pdbx_ordinal                 1 
_reflns.entry_id                     2BYG 
_reflns.observed_criterion_sigma_I   0.0 
_reflns.observed_criterion_sigma_F   ? 
_reflns.d_resolution_low             34.54 
_reflns.d_resolution_high            1.85 
_reflns.number_obs                   9967 
_reflns.number_all                   ? 
_reflns.percent_possible_obs         98.7 
_reflns.pdbx_Rmerge_I_obs            0.04 
_reflns.pdbx_Rsym_value              ? 
_reflns.pdbx_netI_over_sigmaI        19.90 
_reflns.B_iso_Wilson_estimate        ? 
_reflns.pdbx_redundancy              4.1 
# 
_reflns_shell.pdbx_diffrn_id         1 
_reflns_shell.pdbx_ordinal           1 
_reflns_shell.d_res_high             1.85 
_reflns_shell.d_res_low              1.95 
_reflns_shell.percent_possible_all   91.4 
_reflns_shell.Rmerge_I_obs           0.34 
_reflns_shell.pdbx_Rsym_value        ? 
_reflns_shell.meanI_over_sigI_obs    2.20 
_reflns_shell.pdbx_redundancy        2.1 
# 
_refine.pdbx_refine_id                           'X-RAY DIFFRACTION' 
_refine.entry_id                                 2BYG 
_refine.pdbx_diffrn_id                           1 
_refine.pdbx_TLS_residual_ADP_flag               'LIKELY RESIDUAL' 
_refine.ls_number_reflns_obs                     9195 
_refine.ls_number_reflns_all                     ? 
_refine.pdbx_ls_sigma_I                          ? 
_refine.pdbx_ls_sigma_F                          ? 
_refine.pdbx_data_cutoff_high_absF               ? 
_refine.pdbx_data_cutoff_low_absF                ? 
_refine.pdbx_data_cutoff_high_rms_absF           ? 
_refine.ls_d_res_low                             50.51 
_refine.ls_d_res_high                            1.85 
_refine.ls_percent_reflns_obs                    98.2 
_refine.ls_R_factor_obs                          0.200 
_refine.ls_R_factor_all                          ? 
_refine.ls_R_factor_R_work                       0.196 
_refine.ls_R_factor_R_free                       0.252 
_refine.ls_R_factor_R_free_error                 ? 
_refine.ls_R_factor_R_free_error_details         ? 
_refine.ls_percent_reflns_R_free                 7.600 
_refine.ls_number_reflns_R_free                  754 
_refine.ls_number_parameters                     ? 
_refine.ls_number_restraints                     ? 
_refine.occupancy_min                            ? 
_refine.occupancy_max                            ? 
_refine.correlation_coeff_Fo_to_Fc               0.960 
_refine.correlation_coeff_Fo_to_Fc_free          0.941 
_refine.B_iso_mean                               35.84 
_refine.aniso_B[1][1]                            1.67000 
_refine.aniso_B[2][2]                            0.11000 
_refine.aniso_B[3][3]                            -1.78000 
_refine.aniso_B[1][2]                            0.00000 
_refine.aniso_B[1][3]                            0.00000 
_refine.aniso_B[2][3]                            0.00000 
_refine.solvent_model_details                    'BABINET MODEL WITH MASK' 
_refine.solvent_model_param_ksol                 ? 
_refine.solvent_model_param_bsol                 ? 
_refine.pdbx_solvent_vdw_probe_radii             1.20 
_refine.pdbx_solvent_ion_probe_radii             0.80 
_refine.pdbx_solvent_shrinkage_radii             0.80 
_refine.pdbx_ls_cross_valid_method               THROUGHOUT 
_refine.details                                  'HYDROGENS HAVE BEEN ADDED IN THE RIDING POSITIONS.' 
_refine.pdbx_starting_model                      'PDB ENTRY 1PDR' 
_refine.pdbx_method_to_determine_struct          'MOLECULAR REPLACEMENT' 
_refine.pdbx_isotropic_thermal_model             ? 
_refine.pdbx_stereochemistry_target_values       'MAXIMUM LIKELIHOOD' 
_refine.pdbx_stereochem_target_val_spec_case     ? 
_refine.pdbx_R_Free_selection_details            RANDOM 
_refine.pdbx_overall_ESU_R                       0.141 
_refine.pdbx_overall_ESU_R_Free                  0.145 
_refine.overall_SU_ML                            0.117 
_refine.pdbx_overall_phase_error                 ? 
_refine.overall_SU_B                             7.246 
_refine.overall_SU_R_Cruickshank_DPI             ? 
_refine.pdbx_overall_SU_R_free_Cruickshank_DPI   ? 
_refine.pdbx_overall_SU_R_Blow_DPI               ? 
_refine.pdbx_overall_SU_R_free_Blow_DPI          ? 
# 
_refine_hist.pdbx_refine_id                   'X-RAY DIFFRACTION' 
_refine_hist.cycle_id                         LAST 
_refine_hist.pdbx_number_atoms_protein        738 
_refine_hist.pdbx_number_atoms_nucleic_acid   0 
_refine_hist.pdbx_number_atoms_ligand         0 
_refine_hist.number_atoms_solvent             100 
_refine_hist.number_atoms_total               838 
_refine_hist.d_res_high                       1.85 
_refine_hist.d_res_low                        50.51 
# 
loop_
_refine_ls_restr.type 
_refine_ls_restr.dev_ideal 
_refine_ls_restr.dev_ideal_target 
_refine_ls_restr.weight 
_refine_ls_restr.number 
_refine_ls_restr.pdbx_refine_id 
_refine_ls_restr.pdbx_restraint_function 
r_bond_refined_d             0.011  0.022  ? 748  'X-RAY DIFFRACTION' ? 
r_bond_other_d               0.001  0.020  ? 699  'X-RAY DIFFRACTION' ? 
r_angle_refined_deg          1.276  1.976  ? 1011 'X-RAY DIFFRACTION' ? 
r_angle_other_deg            0.704  3.000  ? 1632 'X-RAY DIFFRACTION' ? 
r_dihedral_angle_1_deg       5.644  5.000  ? 97   'X-RAY DIFFRACTION' ? 
r_dihedral_angle_2_deg       35.338 25.862 ? 29   'X-RAY DIFFRACTION' ? 
r_dihedral_angle_3_deg       12.176 15.000 ? 134  'X-RAY DIFFRACTION' ? 
r_dihedral_angle_4_deg       4.929  15.000 ? 2    'X-RAY DIFFRACTION' ? 
r_chiral_restr               0.071  0.200  ? 119  'X-RAY DIFFRACTION' ? 
r_gen_planes_refined         0.005  0.020  ? 830  'X-RAY DIFFRACTION' ? 
r_gen_planes_other           0.001  0.020  ? 132  'X-RAY DIFFRACTION' ? 
r_nbd_refined                0.191  0.200  ? 123  'X-RAY DIFFRACTION' ? 
r_nbd_other                  0.164  0.200  ? 660  'X-RAY DIFFRACTION' ? 
r_nbtor_refined              0.170  0.200  ? 348  'X-RAY DIFFRACTION' ? 
r_nbtor_other                0.078  0.200  ? 475  'X-RAY DIFFRACTION' ? 
r_xyhbond_nbd_refined        0.161  0.200  ? 77   'X-RAY DIFFRACTION' ? 
r_xyhbond_nbd_other          ?      ?      ? ?    'X-RAY DIFFRACTION' ? 
r_metal_ion_refined          ?      ?      ? ?    'X-RAY DIFFRACTION' ? 
r_metal_ion_other            ?      ?      ? ?    'X-RAY DIFFRACTION' ? 
r_symmetry_vdw_refined       0.105  0.200  ? 8    'X-RAY DIFFRACTION' ? 
r_symmetry_vdw_other         0.143  0.200  ? 36   'X-RAY DIFFRACTION' ? 
r_symmetry_hbond_refined     0.126  0.200  ? 9    'X-RAY DIFFRACTION' ? 
r_symmetry_hbond_other       ?      ?      ? ?    'X-RAY DIFFRACTION' ? 
r_symmetry_metal_ion_refined ?      ?      ? ?    'X-RAY DIFFRACTION' ? 
r_symmetry_metal_ion_other   ?      ?      ? ?    'X-RAY DIFFRACTION' ? 
r_mcbond_it                  3.552  3.000  ? 513  'X-RAY DIFFRACTION' ? 
r_mcbond_other               ?      ?      ? ?    'X-RAY DIFFRACTION' ? 
r_mcangle_it                 4.420  5.000  ? 776  'X-RAY DIFFRACTION' ? 
r_mcangle_other              ?      ?      ? ?    'X-RAY DIFFRACTION' ? 
r_scbond_it                  6.806  7.000  ? 282  'X-RAY DIFFRACTION' ? 
r_scbond_other               ?      ?      ? ?    'X-RAY DIFFRACTION' ? 
r_scangle_it                 8.567  11.000 ? 235  'X-RAY DIFFRACTION' ? 
r_scangle_other              ?      ?      ? ?    'X-RAY DIFFRACTION' ? 
r_long_range_B_refined       ?      ?      ? ?    'X-RAY DIFFRACTION' ? 
r_long_range_B_other         ?      ?      ? ?    'X-RAY DIFFRACTION' ? 
r_rigid_bond_restr           ?      ?      ? ?    'X-RAY DIFFRACTION' ? 
r_sphericity_free            ?      ?      ? ?    'X-RAY DIFFRACTION' ? 
r_sphericity_bonded          ?      ?      ? ?    'X-RAY DIFFRACTION' ? 
# 
_refine_ls_shell.pdbx_refine_id                   'X-RAY DIFFRACTION' 
_refine_ls_shell.pdbx_total_number_of_bins_used   20 
_refine_ls_shell.d_res_high                       1.85 
_refine_ls_shell.d_res_low                        1.90 
_refine_ls_shell.number_reflns_R_work             574 
_refine_ls_shell.R_factor_R_work                  0.4220 
_refine_ls_shell.percent_reflns_obs               ? 
_refine_ls_shell.R_factor_R_free                  0.5750 
_refine_ls_shell.R_factor_R_free_error            ? 
_refine_ls_shell.percent_reflns_R_free            ? 
_refine_ls_shell.number_reflns_R_free             46 
_refine_ls_shell.number_reflns_all                ? 
_refine_ls_shell.R_factor_all                     ? 
# 
_struct.entry_id                  2BYG 
_struct.title                     '2nd PDZ Domain of Discs Large Homologue 2' 
_struct.pdbx_model_details        ? 
_struct.pdbx_CASP_flag            ? 
_struct.pdbx_model_type_details   ? 
# 
_struct_keywords.entry_id        2BYG 
_struct_keywords.pdbx_keywords   'SIGNAL TRANSDUCTION' 
_struct_keywords.text            
'DLG2, PDZ, PDZ DOMAIN, STRUCTURAL GENOMICS, STRUCTURAL GENOMICS CONSORTIUM, SGC, PHOSPHORYLATION, SH3 DOMAIN, SIGNAL TRANSDUCTION' 
# 
loop_
_struct_asym.id 
_struct_asym.pdbx_blank_PDB_chainid_flag 
_struct_asym.pdbx_modified 
_struct_asym.entity_id 
_struct_asym.details 
A N N 1 ? 
B N N 2 ? 
# 
_struct_biol.id   1 
# 
loop_
_struct_conf.conf_type_id 
_struct_conf.id 
_struct_conf.pdbx_PDB_helix_id 
_struct_conf.beg_label_comp_id 
_struct_conf.beg_label_asym_id 
_struct_conf.beg_label_seq_id 
_struct_conf.pdbx_beg_PDB_ins_code 
_struct_conf.end_label_comp_id 
_struct_conf.end_label_asym_id 
_struct_conf.end_label_seq_id 
_struct_conf.pdbx_end_PDB_ins_code 
_struct_conf.beg_auth_comp_id 
_struct_conf.beg_auth_asym_id 
_struct_conf.beg_auth_seq_id 
_struct_conf.end_auth_comp_id 
_struct_conf.end_auth_asym_id 
_struct_conf.end_auth_seq_id 
_struct_conf.pdbx_PDB_helix_class 
_struct_conf.details 
_struct_conf.pdbx_PDB_helix_length 
HELX_P HELX_P1 1 GLY A 65 ? GLY A 71  ? GLY A 231 GLY A 237 1 ? 7  
HELX_P HELX_P2 2 THR A 91 ? ASN A 101 ? THR A 257 ASN A 267 1 ? 11 
# 
_struct_conf_type.id          HELX_P 
_struct_conf_type.criteria    ? 
_struct_conf_type.reference   ? 
# 
loop_
_struct_sheet.id 
_struct_sheet.type 
_struct_sheet.number_strands 
_struct_sheet.details 
AA ? 5 ? 
AB ? 4 ? 
# 
loop_
_struct_sheet_order.sheet_id 
_struct_sheet_order.range_id_1 
_struct_sheet_order.range_id_2 
_struct_sheet_order.offset 
_struct_sheet_order.sense 
AA 1 2 ? anti-parallel 
AA 2 3 ? anti-parallel 
AA 3 4 ? anti-parallel 
AA 4 5 ? anti-parallel 
AB 1 2 ? anti-parallel 
AB 2 3 ? anti-parallel 
AB 3 4 ? anti-parallel 
# 
loop_
_struct_sheet_range.sheet_id 
_struct_sheet_range.id 
_struct_sheet_range.beg_label_comp_id 
_struct_sheet_range.beg_label_asym_id 
_struct_sheet_range.beg_label_seq_id 
_struct_sheet_range.pdbx_beg_PDB_ins_code 
_struct_sheet_range.end_label_comp_id 
_struct_sheet_range.end_label_asym_id 
_struct_sheet_range.end_label_seq_id 
_struct_sheet_range.pdbx_end_PDB_ins_code 
_struct_sheet_range.beg_auth_comp_id 
_struct_sheet_range.beg_auth_asym_id 
_struct_sheet_range.beg_auth_seq_id 
_struct_sheet_range.end_auth_comp_id 
_struct_sheet_range.end_auth_asym_id 
_struct_sheet_range.end_auth_seq_id 
AA 1 GLN A 21  ? PHE A 31  ? GLN A 187 PHE A 197 
AA 2 VAL A 105 ? THR A 115 ? VAL A 271 THR A 281 
AA 3 ARG A 78  ? VAL A 82  ? ARG A 244 VAL A 248 
AA 4 ILE A 56  ? ILE A 61  ? ILE A 222 ILE A 227 
AA 5 PHE A 39  ? GLY A 43  ? PHE A 205 GLY A 209 
AB 1 GLN A 21  ? PHE A 31  ? GLN A 187 PHE A 197 
AB 2 VAL A 105 ? THR A 115 ? VAL A 271 THR A 281 
AB 3 ARG A 78  ? VAL A 82  ? ARG A 244 VAL A 248 
AB 4 TYR A 85  ? SER A 86  ? TYR A 251 SER A 252 
# 
loop_
_pdbx_struct_sheet_hbond.sheet_id 
_pdbx_struct_sheet_hbond.range_id_1 
_pdbx_struct_sheet_hbond.range_id_2 
_pdbx_struct_sheet_hbond.range_1_label_atom_id 
_pdbx_struct_sheet_hbond.range_1_label_comp_id 
_pdbx_struct_sheet_hbond.range_1_label_asym_id 
_pdbx_struct_sheet_hbond.range_1_label_seq_id 
_pdbx_struct_sheet_hbond.range_1_PDB_ins_code 
_pdbx_struct_sheet_hbond.range_1_auth_atom_id 
_pdbx_struct_sheet_hbond.range_1_auth_comp_id 
_pdbx_struct_sheet_hbond.range_1_auth_asym_id 
_pdbx_struct_sheet_hbond.range_1_auth_seq_id 
_pdbx_struct_sheet_hbond.range_2_label_atom_id 
_pdbx_struct_sheet_hbond.range_2_label_comp_id 
_pdbx_struct_sheet_hbond.range_2_label_asym_id 
_pdbx_struct_sheet_hbond.range_2_label_seq_id 
_pdbx_struct_sheet_hbond.range_2_PDB_ins_code 
_pdbx_struct_sheet_hbond.range_2_auth_atom_id 
_pdbx_struct_sheet_hbond.range_2_auth_comp_id 
_pdbx_struct_sheet_hbond.range_2_auth_asym_id 
_pdbx_struct_sheet_hbond.range_2_auth_seq_id 
AA 1 2 N LEU A 30  ? N LEU A 196 O VAL A 106 ? O VAL A 272 
AA 2 3 N GLY A 111 ? N GLY A 277 O ARG A 78  ? O ARG A 244 
AA 3 4 N LEU A 79  ? N LEU A 245 O ILE A 56  ? O ILE A 222 
AA 4 5 N THR A 59  ? N THR A 225 O SER A 40  ? O SER A 206 
AB 1 2 N LEU A 30  ? N LEU A 196 O VAL A 106 ? O VAL A 272 
AB 2 3 N GLY A 111 ? N GLY A 277 O ARG A 78  ? O ARG A 244 
AB 3 4 N VAL A 82  ? N VAL A 248 O TYR A 85  ? O TYR A 251 
# 
_atom_sites.entry_id                    2BYG 
_atom_sites.fract_transf_matrix[1][1]   -0.02045808 
_atom_sites.fract_transf_matrix[1][2]   -0.00884546 
_atom_sites.fract_transf_matrix[1][3]   -0.00142562 
_atom_sites.fract_transf_matrix[2][1]   0.00519407 
_atom_sites.fract_transf_matrix[2][2]   -0.01273905 
_atom_sites.fract_transf_matrix[2][3]   0.00450476 
_atom_sites.fract_transf_matrix[3][1]   -0.00242576 
_atom_sites.fract_transf_matrix[3][2]   0.00354423 
_atom_sites.fract_transf_matrix[3][3]   0.01281969 
_atom_sites.fract_transf_vector[1]      0.151835 
_atom_sites.fract_transf_vector[2]      0.274457 
_atom_sites.fract_transf_vector[3]      0.152294 
# 
loop_
_atom_type.symbol 
C 
N 
O 
S 
# 
loop_
_atom_site.group_PDB 
_atom_site.id 
_atom_site.type_symbol 
_atom_site.label_atom_id 
_atom_site.label_alt_id 
_atom_site.label_comp_id 
_atom_site.label_asym_id 
_atom_site.label_entity_id 
_atom_site.label_seq_id 
_atom_site.pdbx_PDB_ins_code 
_atom_site.Cartn_x 
_atom_site.Cartn_y 
_atom_site.Cartn_z 
_atom_site.occupancy 
_atom_site.B_iso_or_equiv 
_atom_site.pdbx_formal_charge 
_atom_site.auth_seq_id 
_atom_site.auth_comp_id 
_atom_site.auth_asym_id 
_atom_site.auth_atom_id 
_atom_site.pdbx_PDB_model_num 
ATOM   1   N N   . PHE A 1 20  ? 1.747   21.793  8.071   1.00 52.07 ? 186  PHE A N   1 
ATOM   2   C CA  . PHE A 1 20  ? 1.818   20.904  9.270   1.00 52.38 ? 186  PHE A CA  1 
ATOM   3   C C   . PHE A 1 20  ? 1.825   19.433  8.883   1.00 50.45 ? 186  PHE A C   1 
ATOM   4   O O   . PHE A 1 20  ? 2.491   18.648  9.538   1.00 47.29 ? 186  PHE A O   1 
ATOM   5   C CB  . PHE A 1 20  ? 0.656   21.169  10.232  1.00 52.15 ? 186  PHE A CB  1 
ATOM   6   C CG  . PHE A 1 20  ? 0.804   20.486  11.567  1.00 49.64 ? 186  PHE A CG  1 
ATOM   7   N N   . GLN A 1 21  ? 1.065   19.072  7.843   1.00 54.74 ? 187  GLN A N   1 
ATOM   8   C CA  . GLN A 1 21  ? 1.012   17.696  7.329   1.00 57.51 ? 187  GLN A CA  1 
ATOM   9   C C   . GLN A 1 21  ? 1.607   17.609  5.919   1.00 57.47 ? 187  GLN A C   1 
ATOM   10  O O   . GLN A 1 21  ? 1.416   18.508  5.103   1.00 63.06 ? 187  GLN A O   1 
ATOM   11  C CB  . GLN A 1 21  ? -0.433  17.181  7.311   1.00 57.84 ? 187  GLN A CB  1 
ATOM   12  C CG  . GLN A 1 21  ? -1.057  16.985  8.694   1.00 61.06 ? 187  GLN A CG  1 
ATOM   13  C CD  . GLN A 1 21  ? -0.348  15.920  9.526   1.00 66.30 ? 187  GLN A CD  1 
ATOM   14  O OE1 . GLN A 1 21  ? 0.162   16.209  10.616  1.00 59.41 ? 187  GLN A OE1 1 
ATOM   15  N NE2 . GLN A 1 21  ? -0.306  14.683  9.012   1.00 58.99 ? 187  GLN A NE2 1 
ATOM   16  N N   . SER A 1 22  ? 2.338   16.533  5.645   1.00 52.65 ? 188  SER A N   1 
ATOM   17  C CA  . SER A 1 22  ? 2.945   16.317  4.330   1.00 52.39 ? 188  SER A CA  1 
ATOM   18  C C   . SER A 1 22  ? 2.977   14.811  4.019   1.00 49.50 ? 188  SER A C   1 
ATOM   19  O O   . SER A 1 22  ? 2.331   14.031  4.723   1.00 47.51 ? 188  SER A O   1 
ATOM   20  C CB  . SER A 1 22  ? 4.348   16.960  4.288   1.00 52.01 ? 188  SER A CB  1 
ATOM   21  O OG  . SER A 1 22  ? 5.120   16.491  3.190   1.00 61.06 ? 188  SER A OG  1 
ATOM   22  N N   . MET A 1 23  ? 3.700   14.414  2.971   1.00 48.87 ? 189  MET A N   1 
ATOM   23  C CA  . MET A 1 23  ? 3.915   12.985  2.653   1.00 51.57 ? 189  MET A CA  1 
ATOM   24  C C   . MET A 1 23  ? 5.390   12.724  2.325   1.00 42.15 ? 189  MET A C   1 
ATOM   25  O O   . MET A 1 23  ? 6.035   13.472  1.572   1.00 40.63 ? 189  MET A O   1 
ATOM   26  C CB  . MET A 1 23  ? 3.028   12.557  1.479   1.00 50.86 ? 189  MET A CB  1 
ATOM   27  C CG  . MET A 1 23  ? 3.052   11.072  1.112   1.00 54.36 ? 189  MET A CG  1 
ATOM   28  S SD  . MET A 1 23  ? 1.888   10.673  -0.241  1.00 66.57 ? 189  MET A SD  1 
ATOM   29  C CE  . MET A 1 23  ? 2.791   11.239  -1.675  1.00 57.93 ? 189  MET A CE  1 
ATOM   30  N N   . THR A 1 24  ? 5.924   11.667  2.915   1.00 34.64 ? 190  THR A N   1 
ATOM   31  C CA  . THR A 1 24  ? 7.276   11.214  2.601   1.00 35.54 ? 190  THR A CA  1 
ATOM   32  C C   . THR A 1 24  ? 7.158   9.964   1.742   1.00 37.57 ? 190  THR A C   1 
ATOM   33  O O   . THR A 1 24  ? 6.451   9.041   2.110   1.00 36.06 ? 190  THR A O   1 
ATOM   34  C CB  . THR A 1 24  ? 8.016   10.875  3.896   1.00 43.92 ? 190  THR A CB  1 
ATOM   35  O OG1 . THR A 1 24  ? 7.990   12.023  4.762   1.00 43.49 ? 190  THR A OG1 1 
ATOM   36  C CG2 . THR A 1 24  ? 9.457   10.456  3.610   1.00 35.59 ? 190  THR A CG2 1 
ATOM   37  N N   . VAL A 1 25  ? 7.831   9.951   0.599   1.00 32.90 ? 191  VAL A N   1 
ATOM   38  C CA  . VAL A 1 25  ? 7.778   8.821   -0.314  1.00 36.12 ? 191  VAL A CA  1 
ATOM   39  C C   . VAL A 1 25  ? 8.931   7.878   0.020   1.00 39.43 ? 191  VAL A C   1 
ATOM   40  O O   . VAL A 1 25  ? 10.092  8.297   0.125   1.00 33.20 ? 191  VAL A O   1 
ATOM   41  C CB  . VAL A 1 25  ? 7.818   9.291   -1.788  1.00 37.02 ? 191  VAL A CB  1 
ATOM   42  C CG1 . VAL A 1 25  ? 7.800   8.120   -2.754  1.00 43.04 ? 191  VAL A CG1 1 
ATOM   43  C CG2 . VAL A 1 25  ? 6.639   10.278  -2.057  1.00 45.02 ? 191  VAL A CG2 1 
ATOM   44  N N   . VAL A 1 26  ? 8.596   6.617   0.212   1.00 34.26 ? 192  VAL A N   1 
ATOM   45  C CA  . VAL A 1 26  ? 9.580   5.585   0.554   1.00 39.60 ? 192  VAL A CA  1 
ATOM   46  C C   . VAL A 1 26  ? 9.387   4.348   -0.315  1.00 35.46 ? 192  VAL A C   1 
ATOM   47  O O   . VAL A 1 26  ? 8.260   4.022   -0.702  1.00 36.61 ? 192  VAL A O   1 
ATOM   48  C CB  . VAL A 1 26  ? 9.505   5.161   2.059   1.00 36.66 ? 192  VAL A CB  1 
ATOM   49  C CG1 . VAL A 1 26  ? 9.913   6.308   2.979   1.00 44.57 ? 192  VAL A CG1 1 
ATOM   50  C CG2 . VAL A 1 26  ? 8.147   4.659   2.420   1.00 46.03 ? 192  VAL A CG2 1 
ATOM   51  N N   . GLU A 1 27  ? 10.494  3.682   -0.622  1.00 35.84 ? 193  GLU A N   1 
ATOM   52  C CA  . GLU A 1 27  ? 10.481  2.421   -1.333  1.00 38.86 ? 193  GLU A CA  1 
ATOM   53  C C   . GLU A 1 27  ? 10.641  1.272   -0.335  1.00 39.42 ? 193  GLU A C   1 
ATOM   54  O O   . GLU A 1 27  ? 11.529  1.283   0.504   1.00 41.40 ? 193  GLU A O   1 
ATOM   55  C CB  . GLU A 1 27  ? 11.603  2.360   -2.376  1.00 39.79 ? 193  GLU A CB  1 
ATOM   56  C CG  . GLU A 1 27  ? 11.465  3.351   -3.538  1.00 39.00 ? 193  GLU A CG  1 
ATOM   57  C CD  . GLU A 1 27  ? 10.182  3.167   -4.384  1.00 38.83 ? 193  GLU A CD  1 
ATOM   58  O OE1 . GLU A 1 27  ? 9.652   2.020   -4.554  1.00 41.26 ? 193  GLU A OE1 1 
ATOM   59  O OE2 . GLU A 1 27  ? 9.743   4.200   -4.911  1.00 51.73 ? 193  GLU A OE2 1 
ATOM   60  N N   . ILE A 1 28  ? 9.756   0.293   -0.431  1.00 34.62 ? 194  ILE A N   1 
ATOM   61  C CA  . ILE A 1 28  ? 9.727   -0.835  0.482   1.00 42.54 ? 194  ILE A CA  1 
ATOM   62  C C   . ILE A 1 28  ? 9.704   -2.086  -0.397  1.00 42.98 ? 194  ILE A C   1 
ATOM   63  O O   . ILE A 1 28  ? 8.799   -2.257  -1.201  1.00 42.14 ? 194  ILE A O   1 
ATOM   64  C CB  . ILE A 1 28  ? 8.465   -0.802  1.386   1.00 43.81 ? 194  ILE A CB  1 
ATOM   65  C CG1 . ILE A 1 28  ? 8.482   0.437   2.295   1.00 44.08 ? 194  ILE A CG1 1 
ATOM   66  C CG2 . ILE A 1 28  ? 8.321   -2.063  2.258   1.00 36.78 ? 194  ILE A CG2 1 
ATOM   67  C CD1 . ILE A 1 28  ? 7.162   0.650   3.029   1.00 49.06 ? 194  ILE A CD1 1 
ATOM   68  N N   . LYS A 1 29  ? 10.708  -2.935  -0.223  1.00 37.67 ? 195  LYS A N   1 
ATOM   69  C CA  . LYS A 1 29  ? 10.786  -4.243  -0.870  1.00 41.45 ? 195  LYS A CA  1 
ATOM   70  C C   . LYS A 1 29  ? 10.369  -5.336  0.092   1.00 38.96 ? 195  LYS A C   1 
ATOM   71  O O   . LYS A 1 29  ? 11.000  -5.513  1.145   1.00 33.72 ? 195  LYS A O   1 
ATOM   72  C CB  . LYS A 1 29  ? 12.221  -4.484  -1.314  1.00 36.53 ? 195  LYS A CB  1 
ATOM   73  C CG  . LYS A 1 29  ? 12.525  -5.786  -2.050  1.00 36.48 ? 195  LYS A CG  1 
ATOM   74  C CD  . LYS A 1 29  ? 14.034  -5.990  -1.934  1.00 39.18 ? 195  LYS A CD  1 
ATOM   75  C CE  . LYS A 1 29  ? 14.574  -7.088  -2.783  1.00 59.82 ? 195  LYS A CE  1 
ATOM   76  N NZ  . LYS A 1 29  ? 16.013  -7.291  -2.434  1.00 46.54 ? 195  LYS A NZ  1 
ATOM   77  N N   . LEU A 1 30  ? 9.318   -6.074  -0.268  1.00 35.53 ? 196  LEU A N   1 
ATOM   78  C CA  . LEU A 1 30  ? 8.861   -7.198  0.534   1.00 33.45 ? 196  LEU A CA  1 
ATOM   79  C C   . LEU A 1 30  ? 8.992   -8.520  -0.205  1.00 37.97 ? 196  LEU A C   1 
ATOM   80  O O   . LEU A 1 30  ? 8.839   -8.611  -1.425  1.00 37.77 ? 196  LEU A O   1 
ATOM   81  C CB  . LEU A 1 30  ? 7.403   -7.028  0.961   1.00 33.14 ? 196  LEU A CB  1 
ATOM   82  C CG  . LEU A 1 30  ? 7.024   -5.865  1.882   1.00 35.17 ? 196  LEU A CG  1 
ATOM   83  C CD1 . LEU A 1 30  ? 5.527   -5.952  2.183   1.00 43.17 ? 196  LEU A CD1 1 
ATOM   84  C CD2 . LEU A 1 30  ? 7.840   -5.868  3.164   1.00 39.68 ? 196  LEU A CD2 1 
ATOM   85  N N   . PHE A 1 31  ? 9.241   -9.554  0.585   1.00 38.44 ? 197  PHE A N   1 
ATOM   86  C CA  . PHE A 1 31  ? 9.319   -10.903 0.109   1.00 37.52 ? 197  PHE A CA  1 
ATOM   87  C C   . PHE A 1 31  ? 8.071   -11.596 0.643   1.00 41.03 ? 197  PHE A C   1 
ATOM   88  O O   . PHE A 1 31  ? 7.866   -11.672 1.864   1.00 35.20 ? 197  PHE A O   1 
ATOM   89  C CB  . PHE A 1 31  ? 10.590  -11.559 0.657   1.00 37.71 ? 197  PHE A CB  1 
ATOM   90  C CG  . PHE A 1 31  ? 11.863  -10.874 0.234   1.00 48.69 ? 197  PHE A CG  1 
ATOM   91  C CD1 . PHE A 1 31  ? 12.553  -10.049 1.107   1.00 44.13 ? 197  PHE A CD1 1 
ATOM   92  C CD2 . PHE A 1 31  ? 12.370  -11.064 -1.038  1.00 41.22 ? 197  PHE A CD2 1 
ATOM   93  C CE1 . PHE A 1 31  ? 13.738  -9.425  0.710   1.00 42.61 ? 197  PHE A CE1 1 
ATOM   94  C CE2 . PHE A 1 31  ? 13.554  -10.461 -1.434  1.00 41.52 ? 197  PHE A CE2 1 
ATOM   95  C CZ  . PHE A 1 31  ? 14.238  -9.637  -0.559  1.00 43.94 ? 197  PHE A CZ  1 
ATOM   96  N N   . LYS A 1 32  ? 7.226   -12.086 -0.257  1.00 34.54 ? 198  LYS A N   1 
ATOM   97  C CA  . LYS A 1 32  ? 6.019   -12.797 0.166   1.00 41.78 ? 198  LYS A CA  1 
ATOM   98  C C   . LYS A 1 32  ? 6.353   -14.002 0.989   1.00 41.80 ? 198  LYS A C   1 
ATOM   99  O O   . LYS A 1 32  ? 7.269   -14.737 0.647   1.00 40.39 ? 198  LYS A O   1 
ATOM   100 C CB  . LYS A 1 32  ? 5.209   -13.299 -1.024  1.00 44.52 ? 198  LYS A CB  1 
ATOM   101 C CG  . LYS A 1 32  ? 4.373   -12.293 -1.676  1.00 50.91 ? 198  LYS A CG  1 
ATOM   102 C CD  . LYS A 1 32  ? 3.350   -12.972 -2.535  1.00 42.35 ? 198  LYS A CD  1 
ATOM   103 C CE  . LYS A 1 32  ? 2.566   -11.983 -3.336  1.00 41.45 ? 198  LYS A CE  1 
ATOM   104 N NZ  . LYS A 1 32  ? 2.041   -12.604 -4.576  1.00 45.04 ? 198  LYS A NZ  1 
ATOM   105 N N   . GLY A 1 33  ? 5.617   -14.186 2.082   1.00 45.09 ? 199  GLY A N   1 
ATOM   106 C CA  . GLY A 1 33  ? 5.614   -15.441 2.839   1.00 44.06 ? 199  GLY A CA  1 
ATOM   107 C C   . GLY A 1 33  ? 4.523   -16.338 2.285   1.00 42.59 ? 199  GLY A C   1 
ATOM   108 O O   . GLY A 1 33  ? 3.848   -15.968 1.332   1.00 36.81 ? 199  GLY A O   1 
ATOM   109 N N   . PRO A 1 34  ? 4.344   -17.537 2.865   1.00 45.45 ? 200  PRO A N   1 
ATOM   110 C CA  . PRO A 1 34  ? 3.324   -18.452 2.373   1.00 47.22 ? 200  PRO A CA  1 
ATOM   111 C C   . PRO A 1 34  ? 1.903   -17.872 2.401   1.00 51.74 ? 200  PRO A C   1 
ATOM   112 O O   . PRO A 1 34  ? 1.061   -18.280 1.599   1.00 53.36 ? 200  PRO A O   1 
ATOM   113 C CB  . PRO A 1 34  ? 3.430   -19.648 3.330   1.00 49.76 ? 200  PRO A CB  1 
ATOM   114 C CG  . PRO A 1 34  ? 4.152   -19.129 4.533   1.00 55.38 ? 200  PRO A CG  1 
ATOM   115 C CD  . PRO A 1 34  ? 5.097   -18.110 3.993   1.00 49.45 ? 200  PRO A CD  1 
ATOM   116 N N   . LYS A 1 35  ? 1.654   -16.926 3.305   1.00 47.78 ? 201  LYS A N   1 
ATOM   117 C CA  . LYS A 1 35  ? 0.364   -16.262 3.404   1.00 45.35 ? 201  LYS A CA  1 
ATOM   118 C C   . LYS A 1 35  ? 0.319   -14.886 2.700   1.00 43.23 ? 201  LYS A C   1 
ATOM   119 O O   . LYS A 1 35  ? -0.581  -14.099 2.956   1.00 44.65 ? 201  LYS A O   1 
ATOM   120 C CB  . LYS A 1 35  ? -0.005  -16.113 4.883   1.00 47.93 ? 201  LYS A CB  1 
ATOM   121 C CG  . LYS A 1 35  ? -0.074  -17.445 5.626   1.00 54.53 ? 201  LYS A CG  1 
ATOM   122 C CD  . LYS A 1 35  ? -0.388  -17.250 7.121   1.00 52.35 ? 201  LYS A CD  1 
ATOM   123 N N   . GLY A 1 36  ? 1.286   -14.600 1.827   1.00 39.50 ? 202  GLY A N   1 
ATOM   124 C CA  . GLY A 1 36  ? 1.292   -13.374 1.037   1.00 36.28 ? 202  GLY A CA  1 
ATOM   125 C C   . GLY A 1 36  ? 2.142   -12.257 1.637   1.00 35.63 ? 202  GLY A C   1 
ATOM   126 O O   . GLY A 1 36  ? 3.091   -12.502 2.372   1.00 35.57 ? 202  GLY A O   1 
ATOM   127 N N   . LEU A 1 37  ? 1.807   -11.020 1.277   1.00 38.24 ? 203  LEU A N   1 
ATOM   128 C CA  . LEU A 1 37  ? 2.573   -9.847  1.732   1.00 36.52 ? 203  LEU A CA  1 
ATOM   129 C C   . LEU A 1 37  ? 2.233   -9.484  3.189   1.00 33.12 ? 203  LEU A C   1 
ATOM   130 O O   . LEU A 1 37  ? 3.041   -8.888  3.895   1.00 34.33 ? 203  LEU A O   1 
ATOM   131 C CB  . LEU A 1 37  ? 2.272   -8.667  0.812   1.00 37.00 ? 203  LEU A CB  1 
ATOM   132 C CG  . LEU A 1 37  ? 2.792   -8.855  -0.616  1.00 37.13 ? 203  LEU A CG  1 
ATOM   133 C CD1 . LEU A 1 37  ? 2.088   -7.905  -1.623  1.00 39.75 ? 203  LEU A CD1 1 
ATOM   134 C CD2 . LEU A 1 37  ? 4.314   -8.687  -0.622  1.00 40.89 ? 203  LEU A CD2 1 
ATOM   135 N N   . GLY A 1 38  ? 1.013   -9.841  3.612   1.00 33.68 ? 204  GLY A N   1 
ATOM   136 C CA  . GLY A 1 38  ? 0.537   -9.615  4.972   1.00 34.28 ? 204  GLY A CA  1 
ATOM   137 C C   . GLY A 1 38  ? -0.149  -8.278  5.216   1.00 32.86 ? 204  GLY A C   1 
ATOM   138 O O   . GLY A 1 38  ? 0.024   -7.691  6.281   1.00 37.10 ? 204  GLY A O   1 
ATOM   139 N N   . PHE A 1 39  ? -0.918  -7.782  4.246   1.00 34.85 ? 205  PHE A N   1 
ATOM   140 C CA  . PHE A 1 39  ? -1.658  -6.560  4.467   1.00 35.75 ? 205  PHE A CA  1 
ATOM   141 C C   . PHE A 1 39  ? -2.926  -6.492  3.612   1.00 35.24 ? 205  PHE A C   1 
ATOM   142 O O   . PHE A 1 39  ? -3.101  -7.224  2.639   1.00 35.49 ? 205  PHE A O   1 
ATOM   143 C CB  . PHE A 1 39  ? -0.756  -5.314  4.303   1.00 36.14 ? 205  PHE A CB  1 
ATOM   144 C CG  . PHE A 1 39  ? -0.281  -5.049  2.889   1.00 34.38 ? 205  PHE A CG  1 
ATOM   145 C CD1 . PHE A 1 39  ? -1.076  -4.315  1.997   1.00 34.68 ? 205  PHE A CD1 1 
ATOM   146 C CD2 . PHE A 1 39  ? 0.993   -5.430  2.497   1.00 33.69 ? 205  PHE A CD2 1 
ATOM   147 C CE1 . PHE A 1 39  ? -0.627  -4.057  0.697   1.00 40.91 ? 205  PHE A CE1 1 
ATOM   148 C CE2 . PHE A 1 39  ? 1.487   -5.130  1.230   1.00 32.78 ? 205  PHE A CE2 1 
ATOM   149 C CZ  . PHE A 1 39  ? 0.651   -4.447  0.314   1.00 40.47 ? 205  PHE A CZ  1 
ATOM   150 N N   . SER A 1 40  ? -3.807  -5.602  4.012   1.00 35.07 ? 206  SER A N   1 
ATOM   151 C CA  . SER A 1 40  ? -5.041  -5.363  3.285   1.00 33.23 ? 206  SER A CA  1 
ATOM   152 C C   . SER A 1 40  ? -5.101  -3.908  2.893   1.00 30.39 ? 206  SER A C   1 
ATOM   153 O O   . SER A 1 40  ? -4.375  -3.085  3.459   1.00 36.89 ? 206  SER A O   1 
ATOM   154 C CB  . SER A 1 40  ? -6.229  -5.725  4.164   1.00 37.19 ? 206  SER A CB  1 
ATOM   155 O OG  . SER A 1 40  ? -6.287  -4.902  5.311   1.00 35.60 ? 206  SER A OG  1 
ATOM   156 N N   . ILE A 1 41  ? -5.976  -3.608  1.929   1.00 37.11 ? 207  ILE A N   1 
ATOM   157 C CA  . ILE A 1 41  ? -6.096  -2.258  1.374   1.00 37.34 ? 207  ILE A CA  1 
ATOM   158 C C   . ILE A 1 41  ? -7.535  -1.818  1.243   1.00 35.74 ? 207  ILE A C   1 
ATOM   159 O O   . ILE A 1 41  ? -8.440  -2.642  1.184   1.00 32.82 ? 207  ILE A O   1 
ATOM   160 C CB  . ILE A 1 41  ? -5.445  -2.140  -0.025  1.00 35.06 ? 207  ILE A CB  1 
ATOM   161 C CG1 . ILE A 1 41  ? -6.025  -3.188  -0.993  1.00 38.43 ? 207  ILE A CG1 1 
ATOM   162 C CG2 . ILE A 1 41  ? -3.930  -2.272  0.104   1.00 36.69 ? 207  ILE A CG2 1 
ATOM   163 C CD1 . ILE A 1 41  ? -5.844  -2.859  -2.457  1.00 42.66 ? 207  ILE A CD1 1 
ATOM   164 N N   . ALA A 1 42  ? -7.720  -0.504  1.187   1.00 36.57 ? 208  ALA A N   1 
ATOM   165 C CA  . ALA A 1 42  ? -9.013  0.070   0.866   1.00 38.95 ? 208  ALA A CA  1 
ATOM   166 C C   . ALA A 1 42  ? -8.751  1.249   -0.052  1.00 38.21 ? 208  ALA A C   1 
ATOM   167 O O   . ALA A 1 42  ? -7.611  1.735   -0.150  1.00 36.28 ? 208  ALA A O   1 
ATOM   168 C CB  . ALA A 1 42  ? -9.757  0.506   2.152   1.00 40.73 ? 208  ALA A CB  1 
ATOM   169 N N   . GLY A 1 43  ? -9.801  1.716   -0.709  1.00 38.13 ? 209  GLY A N   1 
ATOM   170 C CA  . GLY A 1 43  ? -9.707  2.904   -1.533  1.00 33.64 ? 209  GLY A CA  1 
ATOM   171 C C   . GLY A 1 43  ? -9.877  2.605   -2.992  1.00 37.08 ? 209  GLY A C   1 
ATOM   172 O O   . GLY A 1 43  ? -10.174 1.478   -3.390  1.00 41.52 ? 209  GLY A O   1 
ATOM   173 N N   . GLY A 1 44  ? -9.698  3.640   -3.797  1.00 37.71 ? 210  GLY A N   1 
ATOM   174 C CA  . GLY A 1 44  ? -9.857  3.529   -5.232  1.00 41.61 ? 210  GLY A CA  1 
ATOM   175 C C   . GLY A 1 44  ? -10.891 4.526   -5.715  1.00 39.42 ? 210  GLY A C   1 
ATOM   176 O O   . GLY A 1 44  ? -11.710 5.035   -4.927  1.00 44.81 ? 210  GLY A O   1 
ATOM   177 N N   . VAL A 1 45  ? -10.851 4.807   -7.008  1.00 41.13 ? 211  VAL A N   1 
ATOM   178 C CA  . VAL A 1 45  ? -11.840 5.700   -7.617  1.00 42.77 ? 211  VAL A CA  1 
ATOM   179 C C   . VAL A 1 45  ? -13.177 4.959   -7.562  1.00 43.84 ? 211  VAL A C   1 
ATOM   180 O O   . VAL A 1 45  ? -13.245 3.769   -7.893  1.00 46.77 ? 211  VAL A O   1 
ATOM   181 C CB  . VAL A 1 45  ? -11.491 6.084   -9.089  1.00 42.64 ? 211  VAL A CB  1 
ATOM   182 C CG1 . VAL A 1 45  ? -10.106 6.692   -9.208  1.00 46.60 ? 211  VAL A CG1 1 
ATOM   183 C CG2 . VAL A 1 45  ? -11.613 4.902   -10.028 1.00 60.05 ? 211  VAL A CG2 1 
ATOM   184 N N   . GLY A 1 46  ? -14.228 5.648   -7.127  1.00 43.75 ? 212  GLY A N   1 
ATOM   185 C CA  . GLY A 1 46  ? -15.552 5.046   -6.986  1.00 44.68 ? 212  GLY A CA  1 
ATOM   186 C C   . GLY A 1 46  ? -15.743 4.165   -5.759  1.00 47.07 ? 212  GLY A C   1 
ATOM   187 O O   . GLY A 1 46  ? -16.817 3.580   -5.562  1.00 41.30 ? 212  GLY A O   1 
ATOM   188 N N   . ASN A 1 47  ? -14.705 4.063   -4.931  1.00 47.42 ? 213  ASN A N   1 
ATOM   189 C CA  . ASN A 1 47  ? -14.767 3.264   -3.726  1.00 48.42 ? 213  ASN A CA  1 
ATOM   190 C C   . ASN A 1 47  ? -13.874 3.899   -2.661  1.00 43.47 ? 213  ASN A C   1 
ATOM   191 O O   . ASN A 1 47  ? -13.068 3.217   -2.027  1.00 48.31 ? 213  ASN A O   1 
ATOM   192 C CB  . ASN A 1 47  ? -14.345 1.828   -4.049  1.00 52.40 ? 213  ASN A CB  1 
ATOM   193 C CG  . ASN A 1 47  ? -14.925 0.815   -3.086  1.00 65.20 ? 213  ASN A CG  1 
ATOM   194 O OD1 . ASN A 1 47  ? -15.215 1.127   -1.930  1.00 72.41 ? 213  ASN A OD1 1 
ATOM   195 N ND2 . ASN A 1 47  ? -15.093 -0.416  -3.557  1.00 80.02 ? 213  ASN A ND2 1 
ATOM   196 N N   . GLN A 1 48  ? -14.035 5.211   -2.475  1.00 40.00 ? 214  GLN A N   1 
ATOM   197 C CA  . GLN A 1 48  ? -13.079 6.031   -1.716  1.00 38.94 ? 214  GLN A CA  1 
ATOM   198 C C   . GLN A 1 48  ? -12.904 5.549   -0.280  1.00 41.15 ? 214  GLN A C   1 
ATOM   199 O O   . GLN A 1 48  ? -13.890 5.336   0.415   1.00 43.06 ? 214  GLN A O   1 
ATOM   200 C CB  . GLN A 1 48  ? -13.506 7.500   -1.691  1.00 39.99 ? 214  GLN A CB  1 
ATOM   201 C CG  . GLN A 1 48  ? -13.491 8.171   -3.048  1.00 38.97 ? 214  GLN A CG  1 
ATOM   202 C CD  . GLN A 1 48  ? -13.827 9.642   -2.964  1.00 46.57 ? 214  GLN A CD  1 
ATOM   203 O OE1 . GLN A 1 48  ? -14.460 10.087  -2.006  1.00 47.50 ? 214  GLN A OE1 1 
ATOM   204 N NE2 . GLN A 1 48  ? -13.396 10.410  -3.963  1.00 38.39 ? 214  GLN A NE2 1 
ATOM   205 N N   . HIS A 1 49  ? -11.648 5.376   0.151   1.00 41.49 ? 215  HIS A N   1 
ATOM   206 C CA  . HIS A 1 49  ? -11.349 5.075   1.561   1.00 39.86 ? 215  HIS A CA  1 
ATOM   207 C C   . HIS A 1 49  ? -11.655 6.304   2.397   1.00 41.49 ? 215  HIS A C   1 
ATOM   208 O O   . HIS A 1 49  ? -12.269 6.201   3.463   1.00 47.59 ? 215  HIS A O   1 
ATOM   209 C CB  . HIS A 1 49  ? -9.891  4.642   1.789   1.00 43.02 ? 215  HIS A CB  1 
ATOM   210 C CG  . HIS A 1 49  ? -9.581  4.309   3.218   1.00 37.55 ? 215  HIS A CG  1 
ATOM   211 N ND1 . HIS A 1 49  ? -10.371 3.465   3.969   1.00 38.81 ? 215  HIS A ND1 1 
ATOM   212 C CD2 . HIS A 1 49  ? -8.600  4.737   4.045   1.00 38.93 ? 215  HIS A CD2 1 
ATOM   213 C CE1 . HIS A 1 49  ? -9.867  3.357   5.187   1.00 43.81 ? 215  HIS A CE1 1 
ATOM   214 N NE2 . HIS A 1 49  ? -8.783  4.107   5.257   1.00 35.41 ? 215  HIS A NE2 1 
ATOM   215 N N   . ILE A 1 50  ? -11.253 7.463   1.892   1.00 39.49 ? 216  ILE A N   1 
ATOM   216 C CA  . ILE A 1 50  ? -11.413 8.737   2.594   1.00 36.87 ? 216  ILE A CA  1 
ATOM   217 C C   . ILE A 1 50  ? -12.171 9.719   1.690   1.00 35.17 ? 216  ILE A C   1 
ATOM   218 O O   . ILE A 1 50  ? -11.884 9.813   0.496   1.00 37.82 ? 216  ILE A O   1 
ATOM   219 C CB  . ILE A 1 50  ? -10.025 9.337   2.968   1.00 39.65 ? 216  ILE A CB  1 
ATOM   220 C CG1 . ILE A 1 50  ? -9.321  8.452   4.011   1.00 37.24 ? 216  ILE A CG1 1 
ATOM   221 C CG2 . ILE A 1 50  ? -10.168 10.774  3.476   1.00 41.28 ? 216  ILE A CG2 1 
ATOM   222 C CD1 . ILE A 1 50  ? -7.853  8.776   4.201   1.00 43.53 ? 216  ILE A CD1 1 
ATOM   223 N N   . PRO A 1 51  ? -13.162 10.434  2.245   1.00 40.76 ? 217  PRO A N   1 
ATOM   224 C CA  . PRO A 1 51  ? -13.873 11.414  1.421   1.00 42.21 ? 217  PRO A CA  1 
ATOM   225 C C   . PRO A 1 51  ? -12.983 12.344  0.595   1.00 40.70 ? 217  PRO A C   1 
ATOM   226 O O   . PRO A 1 51  ? -12.071 13.005  1.130   1.00 36.67 ? 217  PRO A O   1 
ATOM   227 C CB  . PRO A 1 51  ? -14.692 12.194  2.449   1.00 42.44 ? 217  PRO A CB  1 
ATOM   228 C CG  . PRO A 1 51  ? -15.034 11.161  3.456   1.00 45.37 ? 217  PRO A CG  1 
ATOM   229 C CD  . PRO A 1 51  ? -13.764 10.330  3.585   1.00 41.44 ? 217  PRO A CD  1 
ATOM   230 N N   . GLY A 1 52  ? -13.248 12.353  -0.713  1.00 40.54 ? 218  GLY A N   1 
ATOM   231 C CA  . GLY A 1 52  ? -12.579 13.239  -1.644  1.00 46.01 ? 218  GLY A CA  1 
ATOM   232 C C   . GLY A 1 52  ? -11.247 12.724  -2.128  1.00 44.45 ? 218  GLY A C   1 
ATOM   233 O O   . GLY A 1 52  ? -10.574 13.408  -2.873  1.00 42.33 ? 218  GLY A O   1 
ATOM   234 N N   . ASP A 1 53  ? -10.880 11.509  -1.718  1.00 46.97 ? 219  ASP A N   1 
ATOM   235 C CA  . ASP A 1 53  ? -9.542  10.974  -1.926  1.00 44.22 ? 219  ASP A CA  1 
ATOM   236 C C   . ASP A 1 53  ? -9.646  9.571   -2.522  1.00 42.90 ? 219  ASP A C   1 
ATOM   237 O O   . ASP A 1 53  ? -10.202 8.673   -1.892  1.00 40.32 ? 219  ASP A O   1 
ATOM   238 C CB  . ASP A 1 53  ? -8.807  10.943  -0.581  1.00 45.27 ? 219  ASP A CB  1 
ATOM   239 C CG  . ASP A 1 53  ? -7.380  10.416  -0.689  1.00 52.37 ? 219  ASP A CG  1 
ATOM   240 O OD1 . ASP A 1 53  ? -7.025  9.834   -1.730  1.00 46.25 ? 219  ASP A OD1 1 
ATOM   241 O OD2 . ASP A 1 53  ? -6.609  10.593  0.283   1.00 42.45 ? 219  ASP A OD2 1 
ATOM   242 N N   . ASN A 1 54  ? -9.104  9.396   -3.728  1.00 39.95 ? 220  ASN A N   1 
ATOM   243 C CA  . ASN A 1 54  ? -9.226  8.150   -4.482  1.00 38.92 ? 220  ASN A CA  1 
ATOM   244 C C   . ASN A 1 54  ? -8.060  7.176   -4.267  1.00 38.47 ? 220  ASN A C   1 
ATOM   245 O O   . ASN A 1 54  ? -8.044  6.086   -4.851  1.00 38.32 ? 220  ASN A O   1 
ATOM   246 C CB  . ASN A 1 54  ? -9.381  8.450   -5.978  1.00 38.22 ? 220  ASN A CB  1 
ATOM   247 C CG  . ASN A 1 54  ? -10.701 9.132   -6.317  1.00 36.58 ? 220  ASN A CG  1 
ATOM   248 O OD1 . ASN A 1 54  ? -11.722 8.918   -5.651  1.00 50.01 ? 220  ASN A OD1 1 
ATOM   249 N ND2 . ASN A 1 54  ? -10.689 9.951   -7.365  1.00 39.23 ? 220  ASN A ND2 1 
ATOM   250 N N   . SER A 1 55  ? -7.093  7.573   -3.436  1.00 33.52 ? 221  SER A N   1 
ATOM   251 C CA  . SER A 1 55  ? -5.879  6.804   -3.242  1.00 38.67 ? 221  SER A CA  1 
ATOM   252 C C   . SER A 1 55  ? -6.134  5.471   -2.576  1.00 38.45 ? 221  SER A C   1 
ATOM   253 O O   . SER A 1 55  ? -7.130  5.272   -1.872  1.00 35.38 ? 221  SER A O   1 
ATOM   254 C CB  . SER A 1 55  ? -4.876  7.551   -2.367  1.00 41.76 ? 221  SER A CB  1 
ATOM   255 O OG  . SER A 1 55  ? -4.570  8.822   -2.891  1.00 47.84 ? 221  SER A OG  1 
ATOM   256 N N   . ILE A 1 56  ? -5.169  4.581   -2.765  1.00 40.99 ? 222  ILE A N   1 
ATOM   257 C CA  . ILE A 1 56  ? -5.192  3.269   -2.180  1.00 37.49 ? 222  ILE A CA  1 
ATOM   258 C C   . ILE A 1 56  ? -4.436  3.313   -0.858  1.00 38.04 ? 222  ILE A C   1 
ATOM   259 O O   . ILE A 1 56  ? -3.308  3.790   -0.802  1.00 39.34 ? 222  ILE A O   1 
ATOM   260 C CB  . ILE A 1 56  ? -4.504  2.258   -3.103  1.00 39.15 ? 222  ILE A CB  1 
ATOM   261 C CG1 . ILE A 1 56  ? -5.156  2.282   -4.506  1.00 38.52 ? 222  ILE A CG1 1 
ATOM   262 C CG2 . ILE A 1 56  ? -4.555  0.865   -2.460  1.00 32.59 ? 222  ILE A CG2 1 
ATOM   263 C CD1 . ILE A 1 56  ? -6.610  1.799   -4.520  1.00 41.48 ? 222  ILE A CD1 1 
ATOM   264 N N   . TYR A 1 57  ? -5.073  2.814   0.201   1.00 31.75 ? 223  TYR A N   1 
ATOM   265 C CA  . TYR A 1 57  ? -4.496  2.857   1.556   1.00 33.32 ? 223  TYR A CA  1 
ATOM   266 C C   . TYR A 1 57  ? -4.373  1.490   2.159   1.00 35.26 ? 223  TYR A C   1 
ATOM   267 O O   . TYR A 1 57  ? -5.267  0.650   1.979   1.00 33.62 ? 223  TYR A O   1 
ATOM   268 C CB  . TYR A 1 57  ? -5.372  3.685   2.490   1.00 34.60 ? 223  TYR A CB  1 
ATOM   269 C CG  . TYR A 1 57  ? -5.277  5.161   2.222   1.00 35.63 ? 223  TYR A CG  1 
ATOM   270 C CD1 . TYR A 1 57  ? -6.151  5.776   1.350   1.00 38.79 ? 223  TYR A CD1 1 
ATOM   271 C CD2 . TYR A 1 57  ? -4.292  5.925   2.826   1.00 41.89 ? 223  TYR A CD2 1 
ATOM   272 C CE1 . TYR A 1 57  ? -6.074  7.108   1.093   1.00 38.57 ? 223  TYR A CE1 1 
ATOM   273 C CE2 . TYR A 1 57  ? -4.201  7.273   2.578   1.00 45.30 ? 223  TYR A CE2 1 
ATOM   274 C CZ  . TYR A 1 57  ? -5.091  7.860   1.705   1.00 39.51 ? 223  TYR A CZ  1 
ATOM   275 O OH  . TYR A 1 57  ? -4.995  9.204   1.440   1.00 44.19 ? 223  TYR A OH  1 
ATOM   276 N N   . VAL A 1 58  ? -3.304  1.300   2.924   1.00 35.04 ? 224  VAL A N   1 
ATOM   277 C CA  . VAL A 1 58  ? -3.125  0.100   3.764   1.00 34.60 ? 224  VAL A CA  1 
ATOM   278 C C   . VAL A 1 58  ? -4.052  0.202   4.986   1.00 37.36 ? 224  VAL A C   1 
ATOM   279 O O   . VAL A 1 58  ? -4.053  1.222   5.685   1.00 34.15 ? 224  VAL A O   1 
ATOM   280 C CB  . VAL A 1 58  ? -1.629  -0.051  4.199   1.00 36.11 ? 224  VAL A CB  1 
ATOM   281 C CG1 . VAL A 1 58  ? -1.455  -1.237  5.127   1.00 37.64 ? 224  VAL A CG1 1 
ATOM   282 C CG2 . VAL A 1 58  ? -0.729  -0.183  2.968   1.00 39.47 ? 224  VAL A CG2 1 
ATOM   283 N N   . THR A 1 59  ? -4.900  -0.813  5.197   1.00 34.88 ? 225  THR A N   1 
ATOM   284 C CA  . THR A 1 59  ? -5.889  -0.772  6.272   1.00 37.17 ? 225  THR A CA  1 
ATOM   285 C C   . THR A 1 59  ? -5.587  -1.711  7.435   1.00 37.23 ? 225  THR A C   1 
ATOM   286 O O   . THR A 1 59  ? -6.051  -1.473  8.551   1.00 34.44 ? 225  THR A O   1 
ATOM   287 C CB  . THR A 1 59  ? -7.307  -1.030  5.736   1.00 38.47 ? 225  THR A CB  1 
ATOM   288 O OG1 . THR A 1 59  ? -7.332  -2.252  4.998   1.00 35.65 ? 225  THR A OG1 1 
ATOM   289 C CG2 . THR A 1 59  ? -7.759  0.136   4.828   1.00 39.71 ? 225  THR A CG2 1 
ATOM   290 N N   . LYS A 1 60  ? -4.802  -2.759  7.184   1.00 37.65 ? 226  LYS A N   1 
ATOM   291 C CA  . LYS A 1 60  ? -4.394  -3.690  8.226   1.00 39.86 ? 226  LYS A CA  1 
ATOM   292 C C   . LYS A 1 60  ? -3.061  -4.305  7.869   1.00 36.52 ? 226  LYS A C   1 
ATOM   293 O O   . LYS A 1 60  ? -2.768  -4.522  6.686   1.00 36.29 ? 226  LYS A O   1 
ATOM   294 C CB  . LYS A 1 60  ? -5.433  -4.793  8.357   1.00 36.34 ? 226  LYS A CB  1 
ATOM   295 C CG  . LYS A 1 60  ? -5.336  -5.627  9.636   1.00 44.63 ? 226  LYS A CG  1 
ATOM   296 C CD  . LYS A 1 60  ? -6.476  -6.663  9.702   1.00 48.63 ? 226  LYS A CD  1 
ATOM   297 C CE  . LYS A 1 60  ? -7.112  -6.756  11.096  1.00 60.61 ? 226  LYS A CE  1 
ATOM   298 N NZ  . LYS A 1 60  ? -6.122  -6.847  12.214  1.00 53.33 ? 226  LYS A NZ  1 
ATOM   299 N N   . ILE A 1 61  ? -2.253  -4.564  8.894   1.00 34.90 ? 227  ILE A N   1 
ATOM   300 C CA  . ILE A 1 61  ? -0.968  -5.256  8.742   1.00 32.93 ? 227  ILE A CA  1 
ATOM   301 C C   . ILE A 1 61  ? -1.015  -6.480  9.661   1.00 38.89 ? 227  ILE A C   1 
ATOM   302 O O   . ILE A 1 61  ? -1.133  -6.352  10.874  1.00 41.20 ? 227  ILE A O   1 
ATOM   303 C CB  . ILE A 1 61  ? 0.222   -4.343  9.054   1.00 37.08 ? 227  ILE A CB  1 
ATOM   304 C CG1 . ILE A 1 61  ? 0.482   -3.421  7.857   1.00 46.35 ? 227  ILE A CG1 1 
ATOM   305 C CG2 . ILE A 1 61  ? 1.452   -5.167  9.356   1.00 41.69 ? 227  ILE A CG2 1 
ATOM   306 C CD1 . ILE A 1 61  ? 1.331   -2.248  8.146   1.00 50.65 ? 227  ILE A CD1 1 
ATOM   307 N N   . ILE A 1 62  ? -0.959  -7.654  9.050   1.00 40.07 ? 228  ILE A N   1 
ATOM   308 C CA  . ILE A 1 62  ? -1.112  -8.920  9.741   1.00 41.95 ? 228  ILE A CA  1 
ATOM   309 C C   . ILE A 1 62  ? 0.062   -9.225  10.635  1.00 39.71 ? 228  ILE A C   1 
ATOM   310 O O   . ILE A 1 62  ? 1.212   -9.260  10.186  1.00 37.13 ? 228  ILE A O   1 
ATOM   311 C CB  . ILE A 1 62  ? -1.346  -10.065 8.712   1.00 42.49 ? 228  ILE A CB  1 
ATOM   312 C CG1 . ILE A 1 62  ? -2.692  -9.848  8.002   1.00 48.76 ? 228  ILE A CG1 1 
ATOM   313 C CG2 . ILE A 1 62  ? -1.317  -11.444 9.377   1.00 50.06 ? 228  ILE A CG2 1 
ATOM   314 C CD1 . ILE A 1 62  ? -3.857  -9.587  8.938   1.00 55.80 ? 228  ILE A CD1 1 
ATOM   315 N N   . ASP A 1 63  ? -0.220  -9.466  11.916  1.00 40.52 ? 229  ASP A N   1 
ATOM   316 C CA  . ASP A 1 63  ? 0.850   -9.845  12.825  1.00 42.54 ? 229  ASP A CA  1 
ATOM   317 C C   . ASP A 1 63  ? 1.554   -11.111 12.349  1.00 34.91 ? 229  ASP A C   1 
ATOM   318 O O   . ASP A 1 63  ? 0.909   -12.077 11.987  1.00 40.58 ? 229  ASP A O   1 
ATOM   319 C CB  . ASP A 1 63  ? 0.339   -10.040 14.250  1.00 42.69 ? 229  ASP A CB  1 
ATOM   320 C CG  . ASP A 1 63  ? 1.463   -10.342 15.235  1.00 49.95 ? 229  ASP A CG  1 
ATOM   321 O OD1 . ASP A 1 63  ? 2.623   -9.954  14.977  1.00 56.45 ? 229  ASP A OD1 1 
ATOM   322 O OD2 . ASP A 1 63  ? 1.186   -10.972 16.276  1.00 68.10 ? 229  ASP A OD2 1 
ATOM   323 N N   . GLY A 1 64  ? 2.887   -11.072 12.349  1.00 36.26 ? 230  GLY A N   1 
ATOM   324 C CA  . GLY A 1 64  ? 3.729   -12.179 11.910  1.00 36.21 ? 230  GLY A CA  1 
ATOM   325 C C   . GLY A 1 64  ? 3.980   -12.224 10.418  1.00 37.23 ? 230  GLY A C   1 
ATOM   326 O O   . GLY A 1 64  ? 4.754   -13.079 9.943   1.00 37.05 ? 230  GLY A O   1 
ATOM   327 N N   . GLY A 1 65  ? 3.329   -11.324 9.671   1.00 31.64 ? 231  GLY A N   1 
ATOM   328 C CA  . GLY A 1 65  ? 3.352   -11.372 8.211   1.00 32.37 ? 231  GLY A CA  1 
ATOM   329 C C   . GLY A 1 65  ? 4.547   -10.624 7.694   1.00 30.27 ? 231  GLY A C   1 
ATOM   330 O O   . GLY A 1 65  ? 5.207   -9.921  8.466   1.00 33.18 ? 231  GLY A O   1 
ATOM   331 N N   . ALA A 1 66  ? 4.823   -10.765 6.392   1.00 37.63 ? 232  ALA A N   1 
ATOM   332 C CA  . ALA A 1 66  ? 6.029   -10.193 5.769   1.00 38.86 ? 232  ALA A CA  1 
ATOM   333 C C   . ALA A 1 66  ? 6.144   -8.710  6.012   1.00 34.23 ? 232  ALA A C   1 
ATOM   334 O O   . ALA A 1 66  ? 7.202   -8.229  6.364   1.00 35.26 ? 232  ALA A O   1 
ATOM   335 C CB  . ALA A 1 66  ? 6.073   -10.482 4.244   1.00 38.98 ? 232  ALA A CB  1 
ATOM   336 N N   . ALA A 1 67  ? 5.048   -7.991  5.805   1.00 34.93 ? 233  ALA A N   1 
ATOM   337 C CA  . ALA A 1 67  ? 5.002   -6.546  5.974   1.00 35.20 ? 233  ALA A CA  1 
ATOM   338 C C   . ALA A 1 67  ? 5.287   -6.118  7.406   1.00 37.93 ? 233  ALA A C   1 
ATOM   339 O O   . ALA A 1 67  ? 6.053   -5.166  7.613   1.00 36.72 ? 233  ALA A O   1 
ATOM   340 C CB  . ALA A 1 67  ? 3.633   -6.002  5.503   1.00 33.92 ? 233  ALA A CB  1 
ATOM   341 N N   . GLN A 1 68  ? 4.685   -6.825  8.372   1.00 43.11 ? 234  GLN A N   1 
ATOM   342 C CA  . GLN A 1 68  ? 4.909   -6.583  9.819   1.00 37.50 ? 234  GLN A CA  1 
ATOM   343 C C   . GLN A 1 68  ? 6.360   -6.867  10.157  1.00 38.83 ? 234  GLN A C   1 
ATOM   344 O O   . GLN A 1 68  ? 7.027   -6.016  10.724  1.00 37.97 ? 234  GLN A O   1 
ATOM   345 C CB  . GLN A 1 68  ? 3.980   -7.447  10.699  1.00 38.49 ? 234  GLN A CB  1 
ATOM   346 C CG  . GLN A 1 68  ? 4.128   -7.241  12.223  1.00 43.61 ? 234  GLN A CG  1 
ATOM   347 C CD  . GLN A 1 68  ? 5.104   -8.214  12.878  1.00 34.65 ? 234  GLN A CD  1 
ATOM   348 O OE1 . GLN A 1 68  ? 5.091   -9.409  12.584  1.00 42.16 ? 234  GLN A OE1 1 
ATOM   349 N NE2 . GLN A 1 68  ? 5.945   -7.711  13.774  1.00 41.35 ? 234  GLN A NE2 1 
ATOM   350 N N   . LYS A 1 69  ? 6.856   -8.052  9.795   1.00 39.18 ? 235  LYS A N   1 
ATOM   351 C CA  . LYS A 1 69  ? 8.244   -8.417  10.149  1.00 36.38 ? 235  LYS A CA  1 
ATOM   352 C C   . LYS A 1 69  ? 9.240   -7.419  9.558   1.00 40.17 ? 235  LYS A C   1 
ATOM   353 O O   . LYS A 1 69  ? 10.218  -7.057  10.213  1.00 37.18 ? 235  LYS A O   1 
ATOM   354 C CB  . LYS A 1 69  ? 8.595   -9.827  9.677   1.00 37.70 ? 235  LYS A CB  1 
ATOM   355 C CG  . LYS A 1 69  ? 8.147   -10.945 10.601  1.00 40.10 ? 235  LYS A CG  1 
ATOM   356 C CD  . LYS A 1 69  ? 8.157   -12.264 9.841   1.00 48.92 ? 235  LYS A CD  1 
ATOM   357 C CE  . LYS A 1 69  ? 8.394   -13.468 10.727  1.00 56.11 ? 235  LYS A CE  1 
ATOM   358 N NZ  . LYS A 1 69  ? 8.646   -14.653 9.859   1.00 61.60 ? 235  LYS A NZ  1 
ATOM   359 N N   . ASP A 1 70  ? 9.001   -6.987  8.316   1.00 40.33 ? 236  ASP A N   1 
ATOM   360 C CA  . ASP A 1 70  ? 9.865   -5.996  7.662   1.00 43.53 ? 236  ASP A CA  1 
ATOM   361 C C   . ASP A 1 70  ? 9.903   -4.686  8.448   1.00 44.26 ? 236  ASP A C   1 
ATOM   362 O O   . ASP A 1 70  ? 10.940  -4.034  8.520   1.00 47.31 ? 236  ASP A O   1 
ATOM   363 C CB  . ASP A 1 70  ? 9.433   -5.744  6.215   1.00 40.73 ? 236  ASP A CB  1 
ATOM   364 C CG  . ASP A 1 70  ? 10.218  -4.625  5.566   1.00 42.10 ? 236  ASP A CG  1 
ATOM   365 O OD1 . ASP A 1 70  ? 9.724   -3.481  5.570   1.00 39.08 ? 236  ASP A OD1 1 
ATOM   366 O OD2 . ASP A 1 70  ? 11.344  -4.897  5.094   1.00 47.66 ? 236  ASP A OD2 1 
ATOM   367 N N   . GLY A 1 71  ? 8.775   -4.289  9.012   1.00 46.01 ? 237  GLY A N   1 
ATOM   368 C CA  . GLY A 1 71  ? 8.753   -3.187  9.972   1.00 45.56 ? 237  GLY A CA  1 
ATOM   369 C C   . GLY A 1 71  ? 8.375   -1.836  9.413   1.00 42.29 ? 237  GLY A C   1 
ATOM   370 O O   . GLY A 1 71  ? 7.952   -0.971  10.163  1.00 46.76 ? 237  GLY A O   1 
ATOM   371 N N   . ARG A 1 72  ? 8.472   -1.665  8.096   1.00 40.22 ? 238  ARG A N   1 
ATOM   372 C CA  . ARG A 1 72  ? 8.341   -0.362  7.450   1.00 37.35 ? 238  ARG A CA  1 
ATOM   373 C C   . ARG A 1 72  ? 6.915   0.069   7.103   1.00 39.56 ? 238  ARG A C   1 
ATOM   374 O O   . ARG A 1 72  ? 6.519   1.190   7.371   1.00 39.84 ? 238  ARG A O   1 
ATOM   375 C CB  . ARG A 1 72  ? 9.237   -0.305  6.202   1.00 44.79 ? 238  ARG A CB  1 
ATOM   376 C CG  . ARG A 1 72  ? 10.729  -0.379  6.528   1.00 37.34 ? 238  ARG A CG  1 
ATOM   377 C CD  . ARG A 1 72  ? 11.611  -0.347  5.278   1.00 45.63 ? 238  ARG A CD  1 
ATOM   378 N NE  . ARG A 1 72  ? 11.648  -1.633  4.567   1.00 44.03 ? 238  ARG A NE  1 
ATOM   379 C CZ  . ARG A 1 72  ? 12.238  -1.814  3.385   1.00 40.97 ? 238  ARG A CZ  1 
ATOM   380 N NH1 . ARG A 1 72  ? 12.887  -0.818  2.790   1.00 40.39 ? 238  ARG A NH1 1 
ATOM   381 N NH2 . ARG A 1 72  ? 12.218  -3.008  2.810   1.00 39.36 ? 238  ARG A NH2 1 
ATOM   382 N N   . LEU A 1 73  ? 6.133   -0.811  6.494   1.00 39.43 ? 239  LEU A N   1 
ATOM   383 C CA  . LEU A 1 73  ? 4.783   -0.444  6.090   1.00 38.08 ? 239  LEU A CA  1 
ATOM   384 C C   . LEU A 1 73  ? 3.920   -0.216  7.349   1.00 35.69 ? 239  LEU A C   1 
ATOM   385 O O   . LEU A 1 73  ? 4.073   -0.935  8.344   1.00 40.58 ? 239  LEU A O   1 
ATOM   386 C CB  . LEU A 1 73  ? 4.178   -1.567  5.238   1.00 37.03 ? 239  LEU A CB  1 
ATOM   387 C CG  . LEU A 1 73  ? 2.957   -1.220  4.398   1.00 44.04 ? 239  LEU A CG  1 
ATOM   388 C CD1 . LEU A 1 73  ? 3.369   -0.280  3.225   1.00 39.21 ? 239  LEU A CD1 1 
ATOM   389 C CD2 . LEU A 1 73  ? 2.306   -2.474  3.902   1.00 44.77 ? 239  LEU A CD2 1 
ATOM   390 N N   . GLN A 1 74  ? 3.019   0.764   7.281   1.00 40.00 ? 240  GLN A N   1 
ATOM   391 C CA  . GLN A 1 74  ? 2.139   1.118   8.401   1.00 42.31 ? 240  GLN A CA  1 
ATOM   392 C C   . GLN A 1 74  ? 0.702   1.343   7.943   1.00 41.09 ? 240  GLN A C   1 
ATOM   393 O O   . GLN A 1 74  ? 0.446   1.755   6.802   1.00 37.64 ? 240  GLN A O   1 
ATOM   394 C CB  . GLN A 1 74  ? 2.652   2.381   9.109   1.00 39.21 ? 240  GLN A CB  1 
ATOM   395 C CG  . GLN A 1 74  ? 4.034   2.221   9.767   1.00 50.58 ? 240  GLN A CG  1 
ATOM   396 C CD  . GLN A 1 74  ? 4.069   1.121   10.838  1.00 63.98 ? 240  GLN A CD  1 
ATOM   397 O OE1 . GLN A 1 74  ? 3.080   0.879   11.528  1.00 74.20 ? 240  GLN A OE1 1 
ATOM   398 N NE2 . GLN A 1 74  ? 5.211   0.452   10.969  1.00 52.92 ? 240  GLN A NE2 1 
ATOM   399 N N   . VAL A 1 75  ? -0.244  1.061   8.836   1.00 39.67 ? 241  VAL A N   1 
ATOM   400 C CA  . VAL A 1 75  ? -1.647  1.310   8.538   1.00 41.10 ? 241  VAL A CA  1 
ATOM   401 C C   . VAL A 1 75  ? -1.779  2.811   8.284   1.00 37.97 ? 241  VAL A C   1 
ATOM   402 O O   . VAL A 1 75  ? -1.175  3.620   8.989   1.00 36.40 ? 241  VAL A O   1 
ATOM   403 C CB  . VAL A 1 75  ? -2.582  0.874   9.695   1.00 40.16 ? 241  VAL A CB  1 
ATOM   404 C CG1 . VAL A 1 75  ? -4.008  1.358   9.447   1.00 41.33 ? 241  VAL A CG1 1 
ATOM   405 C CG2 . VAL A 1 75  ? -2.538  -0.646  9.866   1.00 34.86 ? 241  VAL A CG2 1 
ATOM   406 N N   . GLY A 1 76  ? -2.572  3.164   7.278   1.00 38.59 ? 242  GLY A N   1 
ATOM   407 C CA  . GLY A 1 76  ? -2.765  4.544   6.879   1.00 37.41 ? 242  GLY A CA  1 
ATOM   408 C C   . GLY A 1 76  ? -1.833  5.033   5.784   1.00 36.25 ? 242  GLY A C   1 
ATOM   409 O O   . GLY A 1 76  ? -2.030  6.130   5.271   1.00 37.56 ? 242  GLY A O   1 
ATOM   410 N N   . ASP A 1 77  ? -0.815  4.243   5.445   1.00 35.60 ? 243  ASP A N   1 
ATOM   411 C CA  . ASP A 1 77  ? 0.135   4.574   4.372   1.00 35.46 ? 243  ASP A CA  1 
ATOM   412 C C   . ASP A 1 77  ? -0.564  4.450   3.033   1.00 34.83 ? 243  ASP A C   1 
ATOM   413 O O   . ASP A 1 77  ? -1.405  3.592   2.832   1.00 37.27 ? 243  ASP A O   1 
ATOM   414 C CB  . ASP A 1 77  ? 1.337   3.604   4.363   1.00 36.75 ? 243  ASP A CB  1 
ATOM   415 C CG  . ASP A 1 77  ? 2.360   3.882   5.443   1.00 33.97 ? 243  ASP A CG  1 
ATOM   416 O OD1 . ASP A 1 77  ? 2.298   4.927   6.129   1.00 38.87 ? 243  ASP A OD1 1 
ATOM   417 O OD2 . ASP A 1 77  ? 3.256   3.016   5.600   1.00 45.19 ? 243  ASP A OD2 1 
ATOM   418 N N   . ARG A 1 78  ? -0.216  5.332   2.108   1.00 34.98 ? 244  ARG A N   1 
ATOM   419 C CA  . ARG A 1 78  ? -0.731  5.290   0.754   1.00 37.60 ? 244  ARG A CA  1 
ATOM   420 C C   . ARG A 1 78  ? 0.170   4.415   -0.124  1.00 39.46 ? 244  ARG A C   1 
ATOM   421 O O   . ARG A 1 78  ? 1.385   4.562   -0.097  1.00 40.07 ? 244  ARG A O   1 
ATOM   422 C CB  . ARG A 1 78  ? -0.762  6.702   0.202   1.00 36.32 ? 244  ARG A CB  1 
ATOM   423 C CG  . ARG A 1 78  ? -1.644  6.949   -0.973  1.00 50.78 ? 244  ARG A CG  1 
ATOM   424 C CD  . ARG A 1 78  ? -1.490  8.394   -1.448  1.00 50.60 ? 244  ARG A CD  1 
ATOM   425 N NE  . ARG A 1 78  ? -2.078  9.352   -0.516  1.00 52.46 ? 244  ARG A NE  1 
ATOM   426 C CZ  . ARG A 1 78  ? -2.069  10.676  -0.685  1.00 67.90 ? 244  ARG A CZ  1 
ATOM   427 N NH1 . ARG A 1 78  ? -1.490  11.220  -1.758  1.00 59.61 ? 244  ARG A NH1 1 
ATOM   428 N NH2 . ARG A 1 78  ? -2.634  11.464  0.224   1.00 60.39 ? 244  ARG A NH2 1 
ATOM   429 N N   . LEU A 1 79  ? -0.438  3.483   -0.850  1.00 36.18 ? 245  LEU A N   1 
ATOM   430 C CA  . LEU A 1 79  ? 0.237   2.720   -1.900  1.00 35.59 ? 245  LEU A CA  1 
ATOM   431 C C   . LEU A 1 79  ? 0.207   3.450   -3.221  1.00 32.74 ? 245  LEU A C   1 
ATOM   432 O O   . LEU A 1 79  ? -0.840  3.625   -3.832  1.00 36.24 ? 245  LEU A O   1 
ATOM   433 C CB  . LEU A 1 79  ? -0.389  1.337   -2.078  1.00 40.52 ? 245  LEU A CB  1 
ATOM   434 C CG  . LEU A 1 79  ? -0.353  0.441   -0.853  1.00 49.87 ? 245  LEU A CG  1 
ATOM   435 C CD1 . LEU A 1 79  ? -0.824  -0.940  -1.285  1.00 57.12 ? 245  LEU A CD1 1 
ATOM   436 C CD2 . LEU A 1 79  ? 1.054   0.378   -0.228  1.00 45.44 ? 245  LEU A CD2 1 
ATOM   437 N N   . LEU A 1 80  ? 1.383   3.809   -3.694  1.00 36.83 ? 246  LEU A N   1 
ATOM   438 C CA  . LEU A 1 80  ? 1.512   4.629   -4.876  1.00 34.92 ? 246  LEU A CA  1 
ATOM   439 C C   . LEU A 1 80  ? 1.820   3.854   -6.155  1.00 37.11 ? 246  LEU A C   1 
ATOM   440 O O   . LEU A 1 80  ? 1.408   4.268   -7.234  1.00 32.24 ? 246  LEU A O   1 
ATOM   441 C CB  . LEU A 1 80  ? 2.622   5.642   -4.629  1.00 32.19 ? 246  LEU A CB  1 
ATOM   442 C CG  . LEU A 1 80  ? 2.312   6.620   -3.492  1.00 37.83 ? 246  LEU A CG  1 
ATOM   443 C CD1 . LEU A 1 80  ? 3.553   7.443   -3.180  1.00 38.44 ? 246  LEU A CD1 1 
ATOM   444 C CD2 . LEU A 1 80  ? 1.135   7.504   -3.846  1.00 49.20 ? 246  LEU A CD2 1 
ATOM   445 N N   . MET A 1 81  ? 2.603   2.793   -6.034  1.00 32.49 ? 247  MET A N   1 
ATOM   446 C CA  . MET A 1 81  ? 3.045   2.012   -7.169  1.00 30.17 ? 247  MET A CA  1 
ATOM   447 C C   . MET A 1 81  ? 3.479   0.639   -6.682  1.00 31.75 ? 247  MET A C   1 
ATOM   448 O O   . MET A 1 81  ? 4.022   0.517   -5.568  1.00 34.12 ? 247  MET A O   1 
ATOM   449 C CB  . MET A 1 81  ? 4.258   2.646   -7.830  1.00 32.24 ? 247  MET A CB  1 
ATOM   450 C CG  . MET A 1 81  ? 4.500   2.185   -9.258  1.00 40.77 ? 247  MET A CG  1 
ATOM   451 S SD  . MET A 1 81  ? 5.836   3.120   -9.996  1.00 45.73 ? 247  MET A SD  1 
ATOM   452 C CE  . MET A 1 81  ? 5.063   4.715   -10.178 1.00 52.41 ? 247  MET A CE  1 
ATOM   453 N N   . VAL A 1 82  ? 3.275   -0.363  -7.531  1.00 33.03 ? 248  VAL A N   1 
ATOM   454 C CA  . VAL A 1 82  ? 3.680   -1.740  -7.226  1.00 32.91 ? 248  VAL A CA  1 
ATOM   455 C C   . VAL A 1 82  ? 4.342   -2.274  -8.477  1.00 33.85 ? 248  VAL A C   1 
ATOM   456 O O   . VAL A 1 82  ? 3.699   -2.348  -9.524  1.00 34.33 ? 248  VAL A O   1 
ATOM   457 C CB  . VAL A 1 82  ? 2.491   -2.672  -6.877  1.00 35.23 ? 248  VAL A CB  1 
ATOM   458 C CG1 . VAL A 1 82  ? 2.984   -4.104  -6.606  1.00 36.89 ? 248  VAL A CG1 1 
ATOM   459 C CG2 . VAL A 1 82  ? 1.651   -2.122  -5.702  1.00 39.49 ? 248  VAL A CG2 1 
ATOM   460 N N   . ASN A 1 83  ? 5.640   -2.533  -8.397  1.00 32.89 ? 249  ASN A N   1 
ATOM   461 C CA  . ASN A 1 83  ? 6.395   -3.146  -9.498  1.00 33.37 ? 249  ASN A CA  1 
ATOM   462 C C   . ASN A 1 83  ? 6.127   -2.447  -10.836 1.00 33.40 ? 249  ASN A C   1 
ATOM   463 O O   . ASN A 1 83  ? 5.814   -3.091  -11.859 1.00 31.17 ? 249  ASN A O   1 
ATOM   464 C CB  . ASN A 1 83  ? 6.066   -4.640  -9.592  1.00 32.24 ? 249  ASN A CB  1 
ATOM   465 C CG  . ASN A 1 83  ? 6.603   -5.434  -8.418  1.00 34.11 ? 249  ASN A CG  1 
ATOM   466 O OD1 . ASN A 1 83  ? 7.491   -4.971  -7.673  1.00 35.64 ? 249  ASN A OD1 1 
ATOM   467 N ND2 . ASN A 1 83  ? 6.104   -6.660  -8.276  1.00 38.24 ? 249  ASN A ND2 1 
ATOM   468 N N   . ASN A 1 84  ? 6.282   -1.124  -10.795 1.00 32.68 ? 250  ASN A N   1 
ATOM   469 C CA  . ASN A 1 84  ? 6.071   -0.220  -11.917 1.00 31.76 ? 250  ASN A CA  1 
ATOM   470 C C   . ASN A 1 84  ? 4.605   0.106   -12.270 1.00 31.82 ? 250  ASN A C   1 
ATOM   471 O O   . ASN A 1 84  ? 4.368   0.943   -13.148 1.00 36.33 ? 250  ASN A O   1 
ATOM   472 C CB  . ASN A 1 84  ? 6.801   -0.695  -13.200 1.00 32.12 ? 250  ASN A CB  1 
ATOM   473 C CG  . ASN A 1 84  ? 8.290   -0.808  -13.034 1.00 37.47 ? 250  ASN A CG  1 
ATOM   474 O OD1 . ASN A 1 84  ? 8.883   -0.135  -12.200 1.00 34.62 ? 250  ASN A OD1 1 
ATOM   475 N ND2 . ASN A 1 84  ? 8.918   -1.666  -13.852 1.00 31.09 ? 250  ASN A ND2 1 
ATOM   476 N N   . TYR A 1 85  ? 3.642   -0.582  -11.667 1.00 35.25 ? 251  TYR A N   1 
ATOM   477 C CA  . TYR A 1 85  ? 2.230   -0.333  -11.926 1.00 36.47 ? 251  TYR A CA  1 
ATOM   478 C C   . TYR A 1 85  ? 1.726   0.764   -10.983 1.00 38.25 ? 251  TYR A C   1 
ATOM   479 O O   . TYR A 1 85  ? 1.777   0.620   -9.762  1.00 34.24 ? 251  TYR A O   1 
ATOM   480 C CB  . TYR A 1 85  ? 1.417   -1.611  -11.739 1.00 37.11 ? 251  TYR A CB  1 
ATOM   481 C CG  . TYR A 1 85  ? 1.659   -2.653  -12.792 1.00 40.00 ? 251  TYR A CG  1 
ATOM   482 C CD1 . TYR A 1 85  ? 2.566   -3.678  -12.581 1.00 50.70 ? 251  TYR A CD1 1 
ATOM   483 C CD2 . TYR A 1 85  ? 0.976   -2.612  -14.007 1.00 42.27 ? 251  TYR A CD2 1 
ATOM   484 C CE1 . TYR A 1 85  ? 2.794   -4.639  -13.555 1.00 47.21 ? 251  TYR A CE1 1 
ATOM   485 C CE2 . TYR A 1 85  ? 1.204   -3.572  -14.987 1.00 47.72 ? 251  TYR A CE2 1 
ATOM   486 C CZ  . TYR A 1 85  ? 2.108   -4.585  -14.739 1.00 40.28 ? 251  TYR A CZ  1 
ATOM   487 O OH  . TYR A 1 85  ? 2.345   -5.536  -15.689 1.00 51.85 ? 251  TYR A OH  1 
ATOM   488 N N   . SER A 1 86  ? 1.268   1.870   -11.556 1.00 34.82 ? 252  SER A N   1 
ATOM   489 C CA  . SER A 1 86  ? 0.742   2.992   -10.782 1.00 35.14 ? 252  SER A CA  1 
ATOM   490 C C   . SER A 1 86  ? -0.611  2.663   -10.147 1.00 31.16 ? 252  SER A C   1 
ATOM   491 O O   . SER A 1 86  ? -1.485  2.050   -10.766 1.00 37.65 ? 252  SER A O   1 
ATOM   492 C CB  . SER A 1 86  ? 0.598   4.227   -11.677 1.00 41.90 ? 252  SER A CB  1 
ATOM   493 O OG  . SER A 1 86  ? -0.020  5.292   -10.973 1.00 41.83 ? 252  SER A OG  1 
ATOM   494 N N   . LEU A 1 87  ? -0.764  3.079   -8.898  1.00 37.09 ? 253  LEU A N   1 
ATOM   495 C CA  . LEU A 1 87  ? -2.040  3.020   -8.210  1.00 36.56 ? 253  LEU A CA  1 
ATOM   496 C C   . LEU A 1 87  ? -2.613  4.421   -8.028  1.00 37.59 ? 253  LEU A C   1 
ATOM   497 O O   . LEU A 1 87  ? -3.419  4.647   -7.132  1.00 38.74 ? 253  LEU A O   1 
ATOM   498 C CB  . LEU A 1 87  ? -1.868  2.355   -6.850  1.00 36.68 ? 253  LEU A CB  1 
ATOM   499 C CG  . LEU A 1 87  ? -1.323  0.924   -6.872  1.00 38.91 ? 253  LEU A CG  1 
ATOM   500 C CD1 . LEU A 1 87  ? -0.996  0.490   -5.474  1.00 53.10 ? 253  LEU A CD1 1 
ATOM   501 C CD2 . LEU A 1 87  ? -2.331  0.017   -7.474  1.00 43.05 ? 253  LEU A CD2 1 
ATOM   502 N N   . GLU A 1 88  ? -2.212  5.344   -8.890  1.00 42.37 ? 254  GLU A N   1 
ATOM   503 C CA  . GLU A 1 88  ? -2.777  6.683   -8.907  1.00 46.16 ? 254  GLU A CA  1 
ATOM   504 C C   . GLU A 1 88  ? -4.073  6.664   -9.694  1.00 42.67 ? 254  GLU A C   1 
ATOM   505 O O   . GLU A 1 88  ? -4.068  6.324   -10.876 1.00 43.36 ? 254  GLU A O   1 
ATOM   506 C CB  . GLU A 1 88  ? -1.809  7.662   -9.576  1.00 48.11 ? 254  GLU A CB  1 
ATOM   507 C CG  . GLU A 1 88  ? -2.219  9.127   -9.423  1.00 56.13 ? 254  GLU A CG  1 
ATOM   508 C CD  . GLU A 1 88  ? -1.544  10.031  -10.434 1.00 59.76 ? 254  GLU A CD  1 
ATOM   509 O OE1 . GLU A 1 88  ? -1.865  9.917   -11.637 1.00 76.06 ? 254  GLU A OE1 1 
ATOM   510 O OE2 . GLU A 1 88  ? -0.704  10.862  -10.025 1.00 78.60 ? 254  GLU A OE2 1 
ATOM   511 N N   . GLU A 1 89  ? -5.173  7.033   -9.041  1.00 39.55 ? 255  GLU A N   1 
ATOM   512 C CA  . GLU A 1 89  ? -6.481  7.131   -9.685  1.00 42.42 ? 255  GLU A CA  1 
ATOM   513 C C   . GLU A 1 89  ? -6.870  5.826   -10.386 1.00 42.42 ? 255  GLU A C   1 
ATOM   514 O O   . GLU A 1 89  ? -7.245  5.805   -11.560 1.00 44.91 ? 255  GLU A O   1 
ATOM   515 C CB  . GLU A 1 89  ? -6.529  8.321   -10.654 1.00 49.09 ? 255  GLU A CB  1 
ATOM   516 C CG  . GLU A 1 89  ? -6.260  9.671   -9.994  1.00 55.18 ? 255  GLU A CG  1 
ATOM   517 C CD  . GLU A 1 89  ? -7.258  10.006  -8.884  1.00 56.52 ? 255  GLU A CD  1 
ATOM   518 O OE1 . GLU A 1 89  ? -8.475  9.783   -9.070  1.00 52.25 ? 255  GLU A OE1 1 
ATOM   519 O OE2 . GLU A 1 89  ? -6.816  10.492  -7.819  1.00 56.77 ? 255  GLU A OE2 1 
ATOM   520 N N   . VAL A 1 90  ? -6.779  4.738   -9.639  1.00 39.52 ? 256  VAL A N   1 
ATOM   521 C CA  . VAL A 1 90  ? -7.223  3.441   -10.118 1.00 40.45 ? 256  VAL A CA  1 
ATOM   522 C C   . VAL A 1 90  ? -8.445  3.048   -9.332  1.00 38.95 ? 256  VAL A C   1 
ATOM   523 O O   . VAL A 1 90  ? -8.700  3.606   -8.271  1.00 36.05 ? 256  VAL A O   1 
ATOM   524 C CB  . VAL A 1 90  ? -6.133  2.362   -9.966  1.00 37.40 ? 256  VAL A CB  1 
ATOM   525 C CG1 . VAL A 1 90  ? -4.907  2.738   -10.774 1.00 44.41 ? 256  VAL A CG1 1 
ATOM   526 C CG2 . VAL A 1 90  ? -5.757  2.150   -8.487  1.00 38.00 ? 256  VAL A CG2 1 
ATOM   527 N N   . THR A 1 91  ? -9.207  2.103   -9.871  1.00 38.87 ? 257  THR A N   1 
ATOM   528 C CA  . THR A 1 91  ? -10.284 1.494   -9.130  1.00 36.61 ? 257  THR A CA  1 
ATOM   529 C C   . THR A 1 91  ? -9.714  0.520   -8.112  1.00 45.03 ? 257  THR A C   1 
ATOM   530 O O   . THR A 1 91  ? -8.543  0.081   -8.240  1.00 36.18 ? 257  THR A O   1 
ATOM   531 C CB  . THR A 1 91  ? -11.242 0.741   -10.072 1.00 44.68 ? 257  THR A CB  1 
ATOM   532 O OG1 . THR A 1 91  ? -10.545 -0.333  -10.714 1.00 40.56 ? 257  THR A OG1 1 
ATOM   533 C CG2 . THR A 1 91  ? -11.800 1.675   -11.132 1.00 50.26 ? 257  THR A CG2 1 
ATOM   534 N N   . HIS A 1 92  ? -10.529 0.175   -7.111  1.00 42.95 ? 258  HIS A N   1 
ATOM   535 C CA  . HIS A 1 92  ? -10.153 -0.834  -6.136  1.00 44.70 ? 258  HIS A CA  1 
ATOM   536 C C   . HIS A 1 92  ? -9.791  -2.129  -6.856  1.00 47.18 ? 258  HIS A C   1 
ATOM   537 O O   . HIS A 1 92  ? -8.756  -2.750  -6.557  1.00 44.27 ? 258  HIS A O   1 
ATOM   538 C CB  . HIS A 1 92  ? -11.265 -1.074  -5.099  1.00 42.39 ? 258  HIS A CB  1 
ATOM   539 C CG  . HIS A 1 92  ? -10.828 -1.932  -3.951  1.00 40.87 ? 258  HIS A CG  1 
ATOM   540 N ND1 . HIS A 1 92  ? -10.029 -1.461  -2.930  1.00 41.59 ? 258  HIS A ND1 1 
ATOM   541 C CD2 . HIS A 1 92  ? -11.042 -3.243  -3.687  1.00 43.90 ? 258  HIS A CD2 1 
ATOM   542 C CE1 . HIS A 1 92  ? -9.776  -2.443  -2.083  1.00 44.08 ? 258  HIS A CE1 1 
ATOM   543 N NE2 . HIS A 1 92  ? -10.374 -3.537  -2.523  1.00 41.93 ? 258  HIS A NE2 1 
ATOM   544 N N   . GLU A 1 93  ? -10.618 -2.503  -7.833  1.00 43.79 ? 259  GLU A N   1 
ATOM   545 C CA  . GLU A 1 93  ? -10.418 -3.741  -8.600  1.00 47.74 ? 259  GLU A CA  1 
ATOM   546 C C   . GLU A 1 93  ? -9.110  -3.737  -9.411  1.00 41.99 ? 259  GLU A C   1 
ATOM   547 O O   . GLU A 1 93  ? -8.456  -4.770  -9.548  1.00 42.66 ? 259  GLU A O   1 
ATOM   548 C CB  . GLU A 1 93  ? -11.610 -3.989  -9.536  1.00 48.90 ? 259  GLU A CB  1 
ATOM   549 C CG  . GLU A 1 93  ? -12.921 -4.332  -8.813  1.00 61.76 ? 259  GLU A CG  1 
ATOM   550 C CD  . GLU A 1 93  ? -13.561 -3.143  -8.072  1.00 72.97 ? 259  GLU A CD  1 
ATOM   551 O OE1 . GLU A 1 93  ? -13.601 -2.024  -8.632  1.00 64.75 ? 259  GLU A OE1 1 
ATOM   552 O OE2 . GLU A 1 93  ? -14.024 -3.335  -6.922  1.00 73.31 ? 259  GLU A OE2 1 
ATOM   553 N N   . GLU A 1 94  ? -8.727  -2.576  -9.941  1.00 43.35 ? 260  GLU A N   1 
ATOM   554 C CA  . GLU A 1 94  ? -7.454  -2.453  -10.651 1.00 44.31 ? 260  GLU A CA  1 
ATOM   555 C C   . GLU A 1 94  ? -6.293  -2.679  -9.684  1.00 47.16 ? 260  GLU A C   1 
ATOM   556 O O   . GLU A 1 94  ? -5.384  -3.455  -9.976  1.00 46.40 ? 260  GLU A O   1 
ATOM   557 C CB  . GLU A 1 94  ? -7.347  -1.098  -11.360 1.00 44.26 ? 260  GLU A CB  1 
ATOM   558 C CG  . GLU A 1 94  ? -8.014  -1.107  -12.760 1.00 52.14 ? 260  GLU A CG  1 
ATOM   559 C CD  . GLU A 1 94  ? -8.371  0.269   -13.307 1.00 53.77 ? 260  GLU A CD  1 
ATOM   560 O OE1 . GLU A 1 94  ? -8.076  1.291   -12.661 1.00 48.37 ? 260  GLU A OE1 1 
ATOM   561 O OE2 . GLU A 1 94  ? -8.980  0.327   -14.399 1.00 64.73 ? 260  GLU A OE2 1 
ATOM   562 N N   . ALA A 1 95  ? -6.349  -1.998  -8.536  1.00 43.02 ? 261  ALA A N   1 
ATOM   563 C CA  . ALA A 1 95  ? -5.425  -2.215  -7.411  1.00 42.62 ? 261  ALA A CA  1 
ATOM   564 C C   . ALA A 1 95  ? -5.283  -3.682  -6.996  1.00 39.49 ? 261  ALA A C   1 
ATOM   565 O O   . ALA A 1 95  ? -4.178  -4.202  -6.823  1.00 40.43 ? 261  ALA A O   1 
ATOM   566 C CB  . ALA A 1 95  ? -5.879  -1.396  -6.199  1.00 42.99 ? 261  ALA A CB  1 
ATOM   567 N N   . VAL A 1 96  ? -6.418  -4.323  -6.783  1.00 40.71 ? 262  VAL A N   1 
ATOM   568 C CA  . VAL A 1 96  ? -6.446  -5.684  -6.310  1.00 37.99 ? 262  VAL A CA  1 
ATOM   569 C C   . VAL A 1 96  ? -5.769  -6.614  -7.318  1.00 38.29 ? 262  VAL A C   1 
ATOM   570 O O   . VAL A 1 96  ? -4.944  -7.443  -6.923  1.00 40.96 ? 262  VAL A O   1 
ATOM   571 C CB  . VAL A 1 96  ? -7.892  -6.135  -6.024  1.00 42.25 ? 262  VAL A CB  1 
ATOM   572 C CG1 . VAL A 1 96  ? -7.978  -7.656  -5.943  1.00 41.63 ? 262  VAL A CG1 1 
ATOM   573 C CG2 . VAL A 1 96  ? -8.390  -5.456  -4.717  1.00 38.34 ? 262  VAL A CG2 1 
ATOM   574 N N   . ALA A 1 97  ? -6.105  -6.440  -8.598  1.00 39.24 ? 263  ALA A N   1 
ATOM   575 C CA  . ALA A 1 97  ? -5.480  -7.202  -9.694  1.00 40.64 ? 263  ALA A CA  1 
ATOM   576 C C   . ALA A 1 97  ? -3.961  -7.006  -9.718  1.00 37.37 ? 263  ALA A C   1 
ATOM   577 O O   . ALA A 1 97  ? -3.206  -7.964  -9.857  1.00 41.00 ? 263  ALA A O   1 
ATOM   578 C CB  . ALA A 1 97  ? -6.087  -6.805  -11.014 1.00 41.24 ? 263  ALA A CB  1 
ATOM   579 N N   . ILE A 1 98  ? -3.524  -5.767  -9.555  1.00 39.22 ? 264  ILE A N   1 
ATOM   580 C CA  . ILE A 1 98  ? -2.089  -5.478  -9.406  1.00 41.24 ? 264  ILE A CA  1 
ATOM   581 C C   . ILE A 1 98  ? -1.452  -6.243  -8.225  1.00 39.03 ? 264  ILE A C   1 
ATOM   582 O O   . ILE A 1 98  ? -0.354  -6.806  -8.354  1.00 37.52 ? 264  ILE A O   1 
ATOM   583 C CB  . ILE A 1 98  ? -1.864  -3.944  -9.275  1.00 36.78 ? 264  ILE A CB  1 
ATOM   584 C CG1 . ILE A 1 98  ? -2.101  -3.278  -10.628 1.00 40.40 ? 264  ILE A CG1 1 
ATOM   585 C CG2 . ILE A 1 98  ? -0.479  -3.619  -8.775  1.00 40.32 ? 264  ILE A CG2 1 
ATOM   586 C CD1 . ILE A 1 98  ? -2.345  -1.787  -10.545 1.00 41.73 ? 264  ILE A CD1 1 
ATOM   587 N N   . LEU A 1 99  ? -2.117  -6.241  -7.072  1.00 38.40 ? 265  LEU A N   1 
ATOM   588 C CA  . LEU A 1 99  ? -1.606  -6.962  -5.899  1.00 38.73 ? 265  LEU A CA  1 
ATOM   589 C C   . LEU A 1 99  ? -1.651  -8.482  -6.068  1.00 44.57 ? 265  LEU A C   1 
ATOM   590 O O   . LEU A 1 99  ? -0.753  -9.198  -5.603  1.00 39.10 ? 265  LEU A O   1 
ATOM   591 C CB  . LEU A 1 99  ? -2.387  -6.571  -4.632  1.00 40.70 ? 265  LEU A CB  1 
ATOM   592 C CG  . LEU A 1 99  ? -2.069  -5.202  -4.033  1.00 44.04 ? 265  LEU A CG  1 
ATOM   593 C CD1 . LEU A 1 99  ? -2.821  -5.039  -2.717  1.00 47.32 ? 265  LEU A CD1 1 
ATOM   594 C CD2 . LEU A 1 99  ? -0.565  -5.031  -3.858  1.00 38.84 ? 265  LEU A CD2 1 
ATOM   595 N N   . LYS A 1 100 ? -2.703  -8.978  -6.715  1.00 41.20 ? 266  LYS A N   1 
ATOM   596 C CA  . LYS A 1 100 ? -2.790  -10.414 -7.013  1.00 47.06 ? 266  LYS A CA  1 
ATOM   597 C C   . LYS A 1 100 ? -1.737  -10.840 -8.058  1.00 48.22 ? 266  LYS A C   1 
ATOM   598 O O   . LYS A 1 100 ? -1.168  -11.925 -7.952  1.00 47.81 ? 266  LYS A O   1 
ATOM   599 C CB  . LYS A 1 100 ? -4.197  -10.782 -7.512  1.00 46.58 ? 266  LYS A CB  1 
ATOM   600 C CG  . LYS A 1 100 ? -5.232  -10.913 -6.418  1.00 48.73 ? 266  LYS A CG  1 
ATOM   601 C CD  . LYS A 1 100 ? -6.521  -11.536 -6.969  1.00 54.67 ? 266  LYS A CD  1 
ATOM   602 C CE  . LYS A 1 100 ? -7.575  -11.731 -5.882  1.00 57.72 ? 266  LYS A CE  1 
ATOM   603 N NZ  . LYS A 1 100 ? -8.973  -11.741 -6.437  1.00 63.41 ? 266  LYS A NZ  1 
ATOM   604 N N   . ASN A 1 101 ? -1.476  -9.984  -9.049  1.00 50.63 ? 267  ASN A N   1 
ATOM   605 C CA  . ASN A 1 101 ? -0.538  -10.300 -10.146 1.00 50.51 ? 267  ASN A CA  1 
ATOM   606 C C   . ASN A 1 101 ? 0.912   -10.529 -9.679  1.00 48.20 ? 267  ASN A C   1 
ATOM   607 O O   . ASN A 1 101 ? 1.744   -10.998 -10.443 1.00 59.33 ? 267  ASN A O   1 
ATOM   608 C CB  . ASN A 1 101 ? -0.587  -9.179  -11.211 1.00 49.73 ? 267  ASN A CB  1 
ATOM   609 C CG  . ASN A 1 101 ? 0.266   -9.483  -12.466 1.00 58.83 ? 267  ASN A CG  1 
ATOM   610 O OD1 . ASN A 1 101 ? 0.508   -10.640 -12.820 1.00 72.57 ? 267  ASN A OD1 1 
ATOM   611 N ND2 . ASN A 1 101 ? 0.703   -8.424  -13.147 1.00 62.42 ? 267  ASN A ND2 1 
ATOM   612 N N   . THR A 1 102 ? 1.200   -10.264 -8.415  1.00 47.55 ? 268  THR A N   1 
ATOM   613 C CA  . THR A 1 102 ? 2.574   -10.262 -7.931  1.00 44.22 ? 268  THR A CA  1 
ATOM   614 C C   . THR A 1 102 ? 3.130   -11.660 -7.677  1.00 46.71 ? 268  THR A C   1 
ATOM   615 O O   . THR A 1 102 ? 2.391   -12.598 -7.353  1.00 44.12 ? 268  THR A O   1 
ATOM   616 C CB  . THR A 1 102 ? 2.702   -9.425  -6.629  1.00 44.72 ? 268  THR A CB  1 
ATOM   617 O OG1 . THR A 1 102 ? 1.765   -9.885  -5.661  1.00 43.69 ? 268  THR A OG1 1 
ATOM   618 C CG2 . THR A 1 102 ? 2.426   -7.958  -6.899  1.00 43.67 ? 268  THR A CG2 1 
ATOM   619 N N   . SER A 1 103 ? 4.441   -11.791 -7.832  1.00 44.28 ? 269  SER A N   1 
ATOM   620 C CA  . SER A 1 103 ? 5.145   -12.998 -7.426  1.00 43.98 ? 269  SER A CA  1 
ATOM   621 C C   . SER A 1 103 ? 5.844   -12.711 -6.090  1.00 44.97 ? 269  SER A C   1 
ATOM   622 O O   . SER A 1 103 ? 5.392   -11.854 -5.312  1.00 53.58 ? 269  SER A O   1 
ATOM   623 C CB  . SER A 1 103 ? 6.102   -13.462 -8.541  1.00 47.66 ? 269  SER A CB  1 
ATOM   624 O OG  . SER A 1 103 ? 6.973   -12.421 -8.969  1.00 45.82 ? 269  SER A OG  1 
ATOM   625 N N   . GLU A 1 104 ? 6.940   -13.400 -5.825  1.00 34.88 ? 270  GLU A N   1 
ATOM   626 C CA  . GLU A 1 104 ? 7.544   -13.451 -4.507  1.00 37.46 ? 270  GLU A CA  1 
ATOM   627 C C   . GLU A 1 104 ? 8.142   -12.123 -4.044  1.00 36.87 ? 270  GLU A C   1 
ATOM   628 O O   . GLU A 1 104 ? 7.972   -11.769 -2.878  1.00 41.97 ? 270  GLU A O   1 
ATOM   629 C CB  . GLU A 1 104 ? 8.601   -14.565 -4.482  1.00 37.31 ? 270  GLU A CB  1 
ATOM   630 C CG  . GLU A 1 104 ? 9.507   -14.624 -3.280  1.00 42.91 ? 270  GLU A CG  1 
ATOM   631 C CD  . GLU A 1 104 ? 10.208  -15.982 -3.155  1.00 38.15 ? 270  GLU A CD  1 
ATOM   632 O OE1 . GLU A 1 104 ? 11.365  -16.124 -3.632  1.00 37.49 ? 270  GLU A OE1 1 
ATOM   633 O OE2 . GLU A 1 104 ? 9.583   -16.915 -2.600  1.00 40.00 ? 270  GLU A OE2 1 
ATOM   634 N N   . VAL A 1 105 ? 8.838   -11.402 -4.928  1.00 33.18 ? 271  VAL A N   1 
ATOM   635 C CA  . VAL A 1 105 ? 9.527   -10.164 -4.557  1.00 30.50 ? 271  VAL A CA  1 
ATOM   636 C C   . VAL A 1 105 ? 8.706   -8.982  -5.057  1.00 33.69 ? 271  VAL A C   1 
ATOM   637 O O   . VAL A 1 105 ? 8.428   -8.876  -6.254  1.00 35.92 ? 271  VAL A O   1 
ATOM   638 C CB  . VAL A 1 105 ? 10.951  -10.040 -5.152  1.00 35.27 ? 271  VAL A CB  1 
ATOM   639 C CG1 . VAL A 1 105 ? 11.614  -8.721  -4.709  1.00 40.83 ? 271  VAL A CG1 1 
ATOM   640 C CG2 . VAL A 1 105 ? 11.808  -11.224 -4.814  1.00 43.43 ? 271  VAL A CG2 1 
ATOM   641 N N   . VAL A 1 106 ? 8.312   -8.093  -4.144  1.00 33.92 ? 272  VAL A N   1 
ATOM   642 C CA  . VAL A 1 106 ? 7.420   -6.981  -4.500  1.00 34.96 ? 272  VAL A CA  1 
ATOM   643 C C   . VAL A 1 106 ? 8.001   -5.649  -4.030  1.00 37.91 ? 272  VAL A C   1 
ATOM   644 O O   . VAL A 1 106 ? 8.322   -5.484  -2.859  1.00 38.10 ? 272  VAL A O   1 
ATOM   645 C CB  . VAL A 1 106 ? 6.092   -7.165  -3.848  1.00 32.52 ? 272  VAL A CB  1 
ATOM   646 C CG1 . VAL A 1 106 ? 5.156   -5.984  -4.104  1.00 35.12 ? 272  VAL A CG1 1 
ATOM   647 C CG2 . VAL A 1 106 ? 5.451   -8.498  -4.289  1.00 41.76 ? 272  VAL A CG2 1 
ATOM   648 N N   . TYR A 1 107 ? 8.123   -4.709  -4.960  1.00 37.82 ? 273  TYR A N   1 
ATOM   649 C CA  . TYR A 1 107 ? 8.619   -3.362  -4.682  1.00 34.90 ? 273  TYR A CA  1 
ATOM   650 C C   . TYR A 1 107 ? 7.429   -2.424  -4.593  1.00 34.12 ? 273  TYR A C   1 
ATOM   651 O O   . TYR A 1 107 ? 6.666   -2.288  -5.559  1.00 38.29 ? 273  TYR A O   1 
ATOM   652 C CB  . TYR A 1 107 ? 9.539   -2.889  -5.803  1.00 35.06 ? 273  TYR A CB  1 
ATOM   653 C CG  . TYR A 1 107 ? 10.758  -3.747  -5.939  1.00 32.36 ? 273  TYR A CG  1 
ATOM   654 C CD1 . TYR A 1 107 ? 10.750  -4.882  -6.754  1.00 37.63 ? 273  TYR A CD1 1 
ATOM   655 C CD2 . TYR A 1 107 ? 11.902  -3.462  -5.227  1.00 35.45 ? 273  TYR A CD2 1 
ATOM   656 C CE1 . TYR A 1 107 ? 11.877  -5.689  -6.859  1.00 34.66 ? 273  TYR A CE1 1 
ATOM   657 C CE2 . TYR A 1 107 ? 13.029  -4.263  -5.342  1.00 35.89 ? 273  TYR A CE2 1 
ATOM   658 C CZ  . TYR A 1 107 ? 12.997  -5.383  -6.151  1.00 39.72 ? 273  TYR A CZ  1 
ATOM   659 O OH  . TYR A 1 107 ? 14.114  -6.217  -6.264  1.00 38.80 ? 273  TYR A OH  1 
ATOM   660 N N   . LEU A 1 108 ? 7.263   -1.827  -3.419  1.00 33.25 ? 274  LEU A N   1 
ATOM   661 C CA  . LEU A 1 108 ? 6.160   -0.908  -3.141  1.00 36.97 ? 274  LEU A CA  1 
ATOM   662 C C   . LEU A 1 108 ? 6.704   0.499   -2.965  1.00 32.96 ? 274  LEU A C   1 
ATOM   663 O O   . LEU A 1 108 ? 7.627   0.729   -2.172  1.00 36.74 ? 274  LEU A O   1 
ATOM   664 C CB  . LEU A 1 108 ? 5.426   -1.296  -1.838  1.00 38.67 ? 274  LEU A CB  1 
ATOM   665 C CG  . LEU A 1 108 ? 4.838   -2.708  -1.692  1.00 40.52 ? 274  LEU A CG  1 
ATOM   666 C CD1 . LEU A 1 108 ? 4.487   -3.010  -0.226  1.00 48.49 ? 274  LEU A CD1 1 
ATOM   667 C CD2 . LEU A 1 108 ? 3.623   -2.918  -2.557  1.00 49.68 ? 274  LEU A CD2 1 
ATOM   668 N N   . LYS A 1 109 ? 6.097   1.440   -3.680  1.00 33.79 ? 275  LYS A N   1 
ATOM   669 C CA  . LYS A 1 109 ? 6.328   2.850   -3.470  1.00 35.72 ? 275  LYS A CA  1 
ATOM   670 C C   . LYS A 1 109 ? 5.194   3.332   -2.577  1.00 37.25 ? 275  LYS A C   1 
ATOM   671 O O   . LYS A 1 109 ? 4.008   3.176   -2.934  1.00 34.10 ? 275  LYS A O   1 
ATOM   672 C CB  . LYS A 1 109 ? 6.333   3.613   -4.787  1.00 36.42 ? 275  LYS A CB  1 
ATOM   673 C CG  . LYS A 1 109 ? 6.730   5.072   -4.633  1.00 35.83 ? 275  LYS A CG  1 
ATOM   674 C CD  . LYS A 1 109 ? 6.460   5.868   -5.866  1.00 38.05 ? 275  LYS A CD  1 
ATOM   675 C CE  . LYS A 1 109 ? 7.303   5.480   -7.040  1.00 48.79 ? 275  LYS A CE  1 
ATOM   676 N NZ  . LYS A 1 109 ? 8.719   5.839   -6.836  1.00 43.13 ? 275  LYS A NZ  1 
ATOM   677 N N   . VAL A 1 110 ? 5.559   3.903   -1.433  1.00 37.02 ? 276  VAL A N   1 
ATOM   678 C CA  . VAL A 1 110 ? 4.601   4.172   -0.359  1.00 40.00 ? 276  VAL A CA  1 
ATOM   679 C C   . VAL A 1 110 ? 4.661   5.658   0.036   1.00 37.05 ? 276  VAL A C   1 
ATOM   680 O O   . VAL A 1 110 ? 5.741   6.240   0.131   1.00 36.56 ? 276  VAL A O   1 
ATOM   681 C CB  . VAL A 1 110 ? 4.921   3.287   0.857   1.00 42.23 ? 276  VAL A CB  1 
ATOM   682 C CG1 . VAL A 1 110 ? 4.104   3.683   2.051   1.00 46.35 ? 276  VAL A CG1 1 
ATOM   683 C CG2 . VAL A 1 110 ? 4.703   1.783   0.508   1.00 46.28 ? 276  VAL A CG2 1 
ATOM   684 N N   . GLY A 1 111 ? 3.499   6.257   0.259   1.00 32.16 ? 277  GLY A N   1 
ATOM   685 C CA  . GLY A 1 111 ? 3.429   7.633   0.756   1.00 33.83 ? 277  GLY A CA  1 
ATOM   686 C C   . GLY A 1 111 ? 3.059   7.583   2.213   1.00 37.94 ? 277  GLY A C   1 
ATOM   687 O O   . GLY A 1 111 ? 1.957   7.143   2.564   1.00 40.21 ? 277  GLY A O   1 
ATOM   688 N N   . LYS A 1 112 ? 3.990   8.004   3.066   1.00 38.03 ? 278  LYS A N   1 
ATOM   689 C CA  . LYS A 1 112 ? 3.771   8.026   4.508   1.00 38.69 ? 278  LYS A CA  1 
ATOM   690 C C   . LYS A 1 112 ? 3.291   9.401   4.967   1.00 39.53 ? 278  LYS A C   1 
ATOM   691 O O   . LYS A 1 112 ? 3.980   10.399  4.722   1.00 39.01 ? 278  LYS A O   1 
ATOM   692 C CB  . LYS A 1 112 ? 5.064   7.641   5.231   1.00 38.16 ? 278  LYS A CB  1 
ATOM   693 C CG  . LYS A 1 112 ? 5.417   6.176   5.045   1.00 47.87 ? 278  LYS A CG  1 
ATOM   694 C CD  . LYS A 1 112 ? 6.553   5.734   5.949   1.00 47.39 ? 278  LYS A CD  1 
ATOM   695 C CE  . LYS A 1 112 ? 6.513   4.240   6.187   1.00 44.86 ? 278  LYS A CE  1 
ATOM   696 N NZ  . LYS A 1 112 ? 5.343   3.871   7.035   1.00 36.69 ? 278  LYS A NZ  1 
ATOM   697 N N   . PRO A 1 113 ? 2.112   9.472   5.626   1.00 41.03 ? 279  PRO A N   1 
ATOM   698 C CA  . PRO A 1 113 ? 1.684   10.767  6.162   1.00 43.50 ? 279  PRO A CA  1 
ATOM   699 C C   . PRO A 1 113 ? 2.700   11.283  7.167   1.00 41.69 ? 279  PRO A C   1 
ATOM   700 O O   . PRO A 1 113 ? 3.168   10.515  8.011   1.00 42.65 ? 279  PRO A O   1 
ATOM   701 C CB  . PRO A 1 113 ? 0.358   10.453  6.860   1.00 46.08 ? 279  PRO A CB  1 
ATOM   702 C CG  . PRO A 1 113 ? 0.361   8.970   7.064   1.00 45.64 ? 279  PRO A CG  1 
ATOM   703 C CD  . PRO A 1 113 ? 1.130   8.411   5.920   1.00 44.44 ? 279  PRO A CD  1 
ATOM   704 N N   . THR A 1 114 ? 3.058   12.555  7.058   1.00 34.33 ? 280  THR A N   1 
ATOM   705 C CA  . THR A 1 114 ? 4.127   13.097  7.883   1.00 41.06 ? 280  THR A CA  1 
ATOM   706 C C   . THR A 1 114 ? 3.737   14.422  8.506   1.00 38.17 ? 280  THR A C   1 
ATOM   707 O O   . THR A 1 114 ? 3.046   15.233  7.892   1.00 41.12 ? 280  THR A O   1 
ATOM   708 C CB  . THR A 1 114 ? 5.467   13.223  7.095   1.00 46.56 ? 280  THR A CB  1 
ATOM   709 O OG1 . THR A 1 114 ? 6.557   13.374  8.006   1.00 60.90 ? 280  THR A OG1 1 
ATOM   710 C CG2 . THR A 1 114 ? 5.461   14.398  6.157   1.00 51.33 ? 280  THR A CG2 1 
ATOM   711 N N   . THR A 1 115 ? 4.178   14.614  9.743   1.00 35.81 ? 281  THR A N   1 
ATOM   712 C CA  . THR A 1 115 ? 3.941   15.851  10.476  1.00 38.07 ? 281  THR A CA  1 
ATOM   713 C C   . THR A 1 115 ? 5.207   16.689  10.441  1.00 33.62 ? 281  THR A C   1 
ATOM   714 O O   . THR A 1 115 ? 6.285   16.187  10.709  1.00 27.76 ? 281  THR A O   1 
ATOM   715 C CB  . THR A 1 115 ? 3.516   15.556  11.916  1.00 39.14 ? 281  THR A CB  1 
ATOM   716 O OG1 . THR A 1 115 ? 2.262   14.851  11.886  1.00 38.79 ? 281  THR A OG1 1 
ATOM   717 C CG2 . THR A 1 115 ? 3.345   16.846  12.707  1.00 43.60 ? 281  THR A CG2 1 
ATOM   718 N N   . ILE A 1 116 ? 5.059   17.955  10.075  1.00 30.82 ? 282  ILE A N   1 
ATOM   719 C CA  . ILE A 1 116 ? 6.169   18.888  10.002  1.00 32.75 ? 282  ILE A CA  1 
ATOM   720 C C   . ILE A 1 116 ? 6.261   19.667  11.320  1.00 33.44 ? 282  ILE A C   1 
ATOM   721 O O   . ILE A 1 116 ? 5.285   20.266  11.762  1.00 30.53 ? 282  ILE A O   1 
ATOM   722 C CB  . ILE A 1 116 ? 5.999   19.845  8.805   1.00 30.06 ? 282  ILE A CB  1 
ATOM   723 C CG1 . ILE A 1 116 ? 5.930   19.081  7.472   1.00 36.40 ? 282  ILE A CG1 1 
ATOM   724 C CG2 . ILE A 1 116 ? 7.107   20.882  8.777   1.00 27.50 ? 282  ILE A CG2 1 
ATOM   725 C CD1 . ILE A 1 116 ? 7.158   18.274  7.100   1.00 42.26 ? 282  ILE A CD1 1 
ATOM   726 N N   . TYR A 1 117 ? 7.434   19.642  11.948  1.00 29.92 ? 283  TYR A N   1 
ATOM   727 C CA  . TYR A 1 117 ? 7.693   20.412  13.169  1.00 31.65 ? 283  TYR A CA  1 
ATOM   728 C C   . TYR A 1 117 ? 8.510   21.643  12.810  1.00 30.09 ? 283  TYR A C   1 
ATOM   729 O O   . TYR A 1 117 ? 9.042   21.715  11.706  1.00 29.14 ? 283  TYR A O   1 
ATOM   730 C CB  . TYR A 1 117 ? 8.414   19.560  14.217  1.00 30.68 ? 283  TYR A CB  1 
ATOM   731 C CG  . TYR A 1 117 ? 7.589   18.362  14.565  1.00 34.54 ? 283  TYR A CG  1 
ATOM   732 C CD1 . TYR A 1 117 ? 7.875   17.120  14.012  1.00 40.64 ? 283  TYR A CD1 1 
ATOM   733 C CD2 . TYR A 1 117 ? 6.452   18.481  15.360  1.00 41.74 ? 283  TYR A CD2 1 
ATOM   734 C CE1 . TYR A 1 117 ? 7.088   16.033  14.271  1.00 40.28 ? 283  TYR A CE1 1 
ATOM   735 C CE2 . TYR A 1 117 ? 5.649   17.380  15.629  1.00 45.39 ? 283  TYR A CE2 1 
ATOM   736 C CZ  . TYR A 1 117 ? 5.976   16.157  15.077  1.00 47.50 ? 283  TYR A CZ  1 
ATOM   737 O OH  . TYR A 1 117 ? 5.198   15.044  15.323  1.00 48.95 ? 283  TYR A OH  1 
ATOM   738 O OXT . TYR A 1 117 ? 8.651   22.550  13.637  1.00 30.40 ? 283  TYR A OXT 1 
HETATM 739 O O   . HOH B 2 .   ? -10.554 3.817   9.107   1.00 48.04 ? 2001 HOH A O   1 
HETATM 740 O O   . HOH B 2 .   ? 10.043  3.470   5.824   1.00 45.92 ? 2002 HOH A O   1 
HETATM 741 O O   . HOH B 2 .   ? -5.881  -7.371  -14.652 1.00 54.03 ? 2003 HOH A O   1 
HETATM 742 O O   . HOH B 2 .   ? 9.541   12.675  0.412   1.00 48.08 ? 2004 HOH A O   1 
HETATM 743 O O   . HOH B 2 .   ? 13.063  4.789   0.132   1.00 39.21 ? 2005 HOH A O   1 
HETATM 744 O O   . HOH B 2 .   ? 11.846  -6.745  3.234   1.00 42.38 ? 2006 HOH A O   1 
HETATM 745 O O   . HOH B 2 .   ? 10.058  -8.985  3.276   1.00 28.93 ? 2007 HOH A O   1 
HETATM 746 O O   . HOH B 2 .   ? 9.133   -12.490 4.234   1.00 51.31 ? 2008 HOH A O   1 
HETATM 747 O O   . HOH B 2 .   ? 2.959   -15.171 -5.307  1.00 57.53 ? 2009 HOH A O   1 
HETATM 748 O O   . HOH B 2 .   ? 2.691   -16.427 -0.918  1.00 52.08 ? 2010 HOH A O   1 
HETATM 749 O O   . HOH B 2 .   ? 0.271   -12.754 6.037   1.00 50.39 ? 2011 HOH A O   1 
HETATM 750 O O   . HOH B 2 .   ? 3.349   -15.529 5.396   1.00 34.49 ? 2012 HOH A O   1 
HETATM 751 O O   . HOH B 2 .   ? 2.865   -12.679 5.055   1.00 33.91 ? 2013 HOH A O   1 
HETATM 752 O O   . HOH B 2 .   ? -13.063 1.251   -7.083  1.00 45.29 ? 2014 HOH A O   1 
HETATM 753 O O   . HOH B 2 .   ? -12.629 1.884   0.051   1.00 49.63 ? 2015 HOH A O   1 
HETATM 754 O O   . HOH B 2 .   ? -15.527 7.763   1.873   1.00 54.16 ? 2016 HOH A O   1 
HETATM 755 O O   . HOH B 2 .   ? -16.220 4.110   -0.129  1.00 43.49 ? 2017 HOH A O   1 
HETATM 756 O O   . HOH B 2 .   ? -16.391 6.621   -3.586  1.00 39.15 ? 2018 HOH A O   1 
HETATM 757 O O   . HOH B 2 .   ? -16.864 8.723   -0.261  1.00 49.74 ? 2019 HOH A O   1 
HETATM 758 O O   . HOH B 2 .   ? -8.790  7.029   7.385   1.00 52.95 ? 2020 HOH A O   1 
HETATM 759 O O   . HOH B 2 .   ? -6.081  6.150   6.323   1.00 56.95 ? 2021 HOH A O   1 
HETATM 760 O O   . HOH B 2 .   ? -14.748 4.825   3.517   1.00 53.85 ? 2022 HOH A O   1 
HETATM 761 O O   . HOH B 2 .   ? -13.276 8.646   6.120   1.00 59.74 ? 2023 HOH A O   1 
HETATM 762 O O   . HOH B 2 .   ? -10.243 13.262  -5.982  1.00 50.08 ? 2024 HOH A O   1 
HETATM 763 O O   . HOH B 2 .   ? -9.505  6.273   -1.307  1.00 38.14 ? 2025 HOH A O   1 
HETATM 764 O O   . HOH B 2 .   ? -13.373 10.701  -8.566  1.00 59.41 ? 2026 HOH A O   1 
HETATM 765 O O   . HOH B 2 .   ? -7.920  11.286  -5.212  1.00 48.50 ? 2027 HOH A O   1 
HETATM 766 O O   . HOH B 2 .   ? -2.288  7.786   -4.931  1.00 48.55 ? 2028 HOH A O   1 
HETATM 767 O O   . HOH B 2 .   ? -5.974  3.467   6.618   1.00 46.85 ? 2029 HOH A O   1 
HETATM 768 O O   . HOH B 2 .   ? -9.934  -2.669  4.930   1.00 45.85 ? 2030 HOH A O   1 
HETATM 769 O O   . HOH B 2 .   ? -7.559  0.688   9.136   1.00 36.47 ? 2031 HOH A O   1 
HETATM 770 O O   . HOH B 2 .   ? -5.774  -2.168  11.288  1.00 47.75 ? 2032 HOH A O   1 
HETATM 771 O O   . HOH B 2 .   ? -3.561  -6.009  12.759  1.00 38.33 ? 2033 HOH A O   1 
HETATM 772 O O   . HOH B 2 .   ? 0.605   -6.227  12.823  1.00 42.59 ? 2034 HOH A O   1 
HETATM 773 O O   . HOH B 2 .   ? -2.970  -3.729  11.590  1.00 30.98 ? 2035 HOH A O   1 
HETATM 774 O O   . HOH B 2 .   ? 2.306   -8.424  7.826   1.00 24.62 ? 2036 HOH A O   1 
HETATM 775 O O   . HOH B 2 .   ? -2.913  -9.308  12.873  1.00 39.33 ? 2037 HOH A O   1 
HETATM 776 O O   . HOH B 2 .   ? 9.504   -9.418  6.059   1.00 31.52 ? 2038 HOH A O   1 
HETATM 777 O O   . HOH B 2 .   ? 8.999   -5.864  12.810  1.00 53.27 ? 2039 HOH A O   1 
HETATM 778 O O   . HOH B 2 .   ? 9.126   -17.070 9.478   1.00 45.52 ? 2040 HOH A O   1 
HETATM 779 O O   . HOH B 2 .   ? 11.455  -8.757  7.270   1.00 43.92 ? 2041 HOH A O   1 
HETATM 780 O O   . HOH B 2 .   ? 8.239   2.359   9.802   1.00 56.55 ? 2042 HOH A O   1 
HETATM 781 O O   . HOH B 2 .   ? 14.314  -2.332  0.555   1.00 50.02 ? 2043 HOH A O   1 
HETATM 782 O O   . HOH B 2 .   ? 12.666  1.970   3.075   1.00 38.29 ? 2044 HOH A O   1 
HETATM 783 O O   . HOH B 2 .   ? 6.974   -3.242  5.784   1.00 30.81 ? 2045 HOH A O   1 
HETATM 784 O O   . HOH B 2 .   ? 5.366   -3.085  9.213   1.00 30.31 ? 2046 HOH A O   1 
HETATM 785 O O   . HOH B 2 .   ? 0.721   -0.163  11.513  1.00 32.93 ? 2047 HOH A O   1 
HETATM 786 O O   . HOH B 2 .   ? -2.791  4.157   11.948  1.00 52.54 ? 2048 HOH A O   1 
HETATM 787 O O   . HOH B 2 .   ? -3.976  7.508   5.922   1.00 47.29 ? 2049 HOH A O   1 
HETATM 788 O O   . HOH B 2 .   ? 0.689   5.796   8.145   1.00 34.59 ? 2050 HOH A O   1 
HETATM 789 O O   . HOH B 2 .   ? 3.424   5.799   8.381   1.00 44.08 ? 2051 HOH A O   1 
HETATM 790 O O   . HOH B 2 .   ? -2.967  5.260   -4.466  1.00 26.54 ? 2052 HOH A O   1 
HETATM 791 O O   . HOH B 2 .   ? 0.368   7.717   -7.288  1.00 55.21 ? 2053 HOH A O   1 
HETATM 792 O O   . HOH B 2 .   ? 6.386   -4.982  -13.459 1.00 37.19 ? 2054 HOH A O   1 
HETATM 793 O O   . HOH B 2 .   ? 4.183   -7.599  -10.586 1.00 30.94 ? 2055 HOH A O   1 
HETATM 794 O O   . HOH B 2 .   ? 3.838   3.516   -13.745 1.00 38.08 ? 2056 HOH A O   1 
HETATM 795 O O   . HOH B 2 .   ? 3.539   -7.487  -15.164 1.00 43.49 ? 2057 HOH A O   1 
HETATM 796 O O   . HOH B 2 .   ? -2.049  1.064   -13.073 1.00 37.38 ? 2058 HOH A O   1 
HETATM 797 O O   . HOH B 2 .   ? 0.844   1.699   -14.566 1.00 38.57 ? 2059 HOH A O   1 
HETATM 798 O O   . HOH B 2 .   ? -2.707  5.389   -12.806 1.00 51.53 ? 2060 HOH A O   1 
HETATM 799 O O   . HOH B 2 .   ? -4.974  8.287   -6.321  1.00 38.88 ? 2061 HOH A O   1 
HETATM 800 O O   . HOH B 2 .   ? -6.292  5.225   -6.911  1.00 33.80 ? 2062 HOH A O   1 
HETATM 801 O O   . HOH B 2 .   ? -11.875 -1.290  -12.706 1.00 46.36 ? 2063 HOH A O   1 
HETATM 802 O O   . HOH B 2 .   ? 12.019  -11.312 4.219   0.50 48.53 ? 2064 HOH A O   1 
HETATM 803 O O   . HOH B 2 .   ? -9.718  -7.012  -9.319  1.00 46.03 ? 2065 HOH A O   1 
HETATM 804 O O   . HOH B 2 .   ? -5.070  -3.471  -12.661 1.00 45.01 ? 2066 HOH A O   1 
HETATM 805 O O   . HOH B 2 .   ? -9.683  3.523   -13.442 1.00 52.87 ? 2067 HOH A O   1 
HETATM 806 O O   . HOH B 2 .   ? -9.144  -2.372  -15.586 1.00 60.28 ? 2068 HOH A O   1 
HETATM 807 O O   . HOH B 2 .   ? -3.652  -10.124 -11.703 1.00 53.08 ? 2069 HOH A O   1 
HETATM 808 O O   . HOH B 2 .   ? 1.473   -6.192  -10.454 1.00 44.73 ? 2070 HOH A O   1 
HETATM 809 O O   . HOH B 2 .   ? -16.565 8.501   -5.294  1.00 48.68 ? 2071 HOH A O   1 
HETATM 810 O O   . HOH B 2 .   ? 0.369   -14.031 -9.825  1.00 70.00 ? 2072 HOH A O   1 
HETATM 811 O O   . HOH B 2 .   ? -2.895  -12.504 -11.007 1.00 62.27 ? 2073 HOH A O   1 
HETATM 812 O O   . HOH B 2 .   ? 0.064   -5.988  -12.600 1.00 49.50 ? 2074 HOH A O   1 
HETATM 813 O O   . HOH B 2 .   ? -11.226 -0.139  6.695   1.00 39.83 ? 2075 HOH A O   1 
HETATM 814 O O   . HOH B 2 .   ? -9.818  1.147   8.262   1.00 43.92 ? 2076 HOH A O   1 
HETATM 815 O O   . HOH B 2 .   ? -0.650  -2.490  12.596  1.00 43.18 ? 2077 HOH A O   1 
HETATM 816 O O   . HOH B 2 .   ? -0.360  -7.002  15.051  1.00 52.12 ? 2078 HOH A O   1 
HETATM 817 O O   . HOH B 2 .   ? -5.105  -3.050  15.256  1.00 57.07 ? 2079 HOH A O   1 
HETATM 818 O O   . HOH B 2 .   ? 9.317   -11.910 -7.840  1.00 30.60 ? 2080 HOH A O   1 
HETATM 819 O O   . HOH B 2 .   ? 5.958   -11.425 -11.492 1.00 47.89 ? 2081 HOH A O   1 
HETATM 820 O O   . HOH B 2 .   ? 12.411  -14.590 -5.498  0.50 40.10 ? 2082 HOH A O   1 
HETATM 821 O O   . HOH B 2 .   ? 6.033   -9.415  -7.519  1.00 47.50 ? 2083 HOH A O   1 
HETATM 822 O O   . HOH B 2 .   ? 14.727  -2.221  -2.383  1.00 42.47 ? 2084 HOH A O   1 
HETATM 823 O O   . HOH B 2 .   ? 12.369  3.602   5.009   1.00 42.17 ? 2085 HOH A O   1 
HETATM 824 O O   . HOH B 2 .   ? -1.716  6.424   12.318  1.00 54.45 ? 2086 HOH A O   1 
HETATM 825 O O   . HOH B 2 .   ? 8.586   8.345   -6.792  1.00 46.23 ? 2087 HOH A O   1 
HETATM 826 O O   . HOH B 2 .   ? 5.362   -7.333  -13.614 1.00 41.30 ? 2088 HOH A O   1 
HETATM 827 O O   . HOH B 2 .   ? 0.161   4.541   -15.723 1.00 50.39 ? 2089 HOH A O   1 
HETATM 828 O O   . HOH B 2 .   ? -3.136  3.380   -14.293 1.00 47.83 ? 2090 HOH A O   1 
HETATM 829 O O   . HOH B 2 .   ? -4.531  -0.922  -13.582 1.00 60.82 ? 2091 HOH A O   1 
HETATM 830 O O   . HOH B 2 .   ? 0.198   -1.093  -17.291 1.00 64.46 ? 2092 HOH A O   1 
HETATM 831 O O   . HOH B 2 .   ? 4.320   8.334   8.814   1.00 45.54 ? 2093 HOH A O   1 
HETATM 832 O O   . HOH B 2 .   ? 6.121   12.253  10.091  1.00 41.98 ? 2094 HOH A O   1 
HETATM 833 O O   . HOH B 2 .   ? 7.373   14.046  11.699  1.00 30.76 ? 2095 HOH A O   1 
HETATM 834 O O   . HOH B 2 .   ? -11.759 -6.874  -6.877  1.00 59.37 ? 2096 HOH A O   1 
HETATM 835 O O   . HOH B 2 .   ? -2.372  -5.199  -13.487 1.00 51.76 ? 2097 HOH A O   1 
HETATM 836 O O   . HOH B 2 .   ? -3.606  -8.500  -13.695 1.00 61.80 ? 2098 HOH A O   1 
HETATM 837 O O   . HOH B 2 .   ? -7.026  -10.513 -12.208 1.00 66.95 ? 2099 HOH A O   1 
HETATM 838 O O   . HOH B 2 .   ? 6.056   12.814  14.152  1.00 38.24 ? 2100 HOH A O   1 
# 
loop_
_pdbx_poly_seq_scheme.asym_id 
_pdbx_poly_seq_scheme.entity_id 
_pdbx_poly_seq_scheme.seq_id 
_pdbx_poly_seq_scheme.mon_id 
_pdbx_poly_seq_scheme.ndb_seq_num 
_pdbx_poly_seq_scheme.pdb_seq_num 
_pdbx_poly_seq_scheme.auth_seq_num 
_pdbx_poly_seq_scheme.pdb_mon_id 
_pdbx_poly_seq_scheme.auth_mon_id 
_pdbx_poly_seq_scheme.pdb_strand_id 
_pdbx_poly_seq_scheme.pdb_ins_code 
_pdbx_poly_seq_scheme.hetero 
A 1 1   MET 1   167 ?   ?   ?   A . n 
A 1 2   HIS 2   168 ?   ?   ?   A . n 
A 1 3   HIS 3   169 ?   ?   ?   A . n 
A 1 4   HIS 4   170 ?   ?   ?   A . n 
A 1 5   HIS 5   171 ?   ?   ?   A . n 
A 1 6   HIS 6   172 ?   ?   ?   A . n 
A 1 7   HIS 7   173 ?   ?   ?   A . n 
A 1 8   SER 8   174 ?   ?   ?   A . n 
A 1 9   SER 9   175 ?   ?   ?   A . n 
A 1 10  GLY 10  176 ?   ?   ?   A . n 
A 1 11  VAL 11  177 ?   ?   ?   A . n 
A 1 12  ASP 12  178 ?   ?   ?   A . n 
A 1 13  LEU 13  179 ?   ?   ?   A . n 
A 1 14  GLY 14  180 ?   ?   ?   A . n 
A 1 15  THR 15  181 ?   ?   ?   A . n 
A 1 16  GLU 16  182 ?   ?   ?   A . n 
A 1 17  ASN 17  183 ?   ?   ?   A . n 
A 1 18  LEU 18  184 ?   ?   ?   A . n 
A 1 19  TYR 19  185 ?   ?   ?   A . n 
A 1 20  PHE 20  186 186 PHE PHE A . n 
A 1 21  GLN 21  187 187 GLN GLN A . n 
A 1 22  SER 22  188 188 SER SER A . n 
A 1 23  MET 23  189 189 MET MET A . n 
A 1 24  THR 24  190 190 THR THR A . n 
A 1 25  VAL 25  191 191 VAL VAL A . n 
A 1 26  VAL 26  192 192 VAL VAL A . n 
A 1 27  GLU 27  193 193 GLU GLU A . n 
A 1 28  ILE 28  194 194 ILE ILE A . n 
A 1 29  LYS 29  195 195 LYS LYS A . n 
A 1 30  LEU 30  196 196 LEU LEU A . n 
A 1 31  PHE 31  197 197 PHE PHE A . n 
A 1 32  LYS 32  198 198 LYS LYS A . n 
A 1 33  GLY 33  199 199 GLY GLY A . n 
A 1 34  PRO 34  200 200 PRO PRO A . n 
A 1 35  LYS 35  201 201 LYS LYS A . n 
A 1 36  GLY 36  202 202 GLY GLY A . n 
A 1 37  LEU 37  203 203 LEU LEU A . n 
A 1 38  GLY 38  204 204 GLY GLY A . n 
A 1 39  PHE 39  205 205 PHE PHE A . n 
A 1 40  SER 40  206 206 SER SER A . n 
A 1 41  ILE 41  207 207 ILE ILE A . n 
A 1 42  ALA 42  208 208 ALA ALA A . n 
A 1 43  GLY 43  209 209 GLY GLY A . n 
A 1 44  GLY 44  210 210 GLY GLY A . n 
A 1 45  VAL 45  211 211 VAL VAL A . n 
A 1 46  GLY 46  212 212 GLY GLY A . n 
A 1 47  ASN 47  213 213 ASN ASN A . n 
A 1 48  GLN 48  214 214 GLN GLN A . n 
A 1 49  HIS 49  215 215 HIS HIS A . n 
A 1 50  ILE 50  216 216 ILE ILE A . n 
A 1 51  PRO 51  217 217 PRO PRO A . n 
A 1 52  GLY 52  218 218 GLY GLY A . n 
A 1 53  ASP 53  219 219 ASP ASP A . n 
A 1 54  ASN 54  220 220 ASN ASN A . n 
A 1 55  SER 55  221 221 SER SER A . n 
A 1 56  ILE 56  222 222 ILE ILE A . n 
A 1 57  TYR 57  223 223 TYR TYR A . n 
A 1 58  VAL 58  224 224 VAL VAL A . n 
A 1 59  THR 59  225 225 THR THR A . n 
A 1 60  LYS 60  226 226 LYS LYS A . n 
A 1 61  ILE 61  227 227 ILE ILE A . n 
A 1 62  ILE 62  228 228 ILE ILE A . n 
A 1 63  ASP 63  229 229 ASP ASP A . n 
A 1 64  GLY 64  230 230 GLY GLY A . n 
A 1 65  GLY 65  231 231 GLY GLY A . n 
A 1 66  ALA 66  232 232 ALA ALA A . n 
A 1 67  ALA 67  233 233 ALA ALA A . n 
A 1 68  GLN 68  234 234 GLN GLN A . n 
A 1 69  LYS 69  235 235 LYS LYS A . n 
A 1 70  ASP 70  236 236 ASP ASP A . n 
A 1 71  GLY 71  237 237 GLY GLY A . n 
A 1 72  ARG 72  238 238 ARG ARG A . n 
A 1 73  LEU 73  239 239 LEU LEU A . n 
A 1 74  GLN 74  240 240 GLN GLN A . n 
A 1 75  VAL 75  241 241 VAL VAL A . n 
A 1 76  GLY 76  242 242 GLY GLY A . n 
A 1 77  ASP 77  243 243 ASP ASP A . n 
A 1 78  ARG 78  244 244 ARG ARG A . n 
A 1 79  LEU 79  245 245 LEU LEU A . n 
A 1 80  LEU 80  246 246 LEU LEU A . n 
A 1 81  MET 81  247 247 MET MET A . n 
A 1 82  VAL 82  248 248 VAL VAL A . n 
A 1 83  ASN 83  249 249 ASN ASN A . n 
A 1 84  ASN 84  250 250 ASN ASN A . n 
A 1 85  TYR 85  251 251 TYR TYR A . n 
A 1 86  SER 86  252 252 SER SER A . n 
A 1 87  LEU 87  253 253 LEU LEU A . n 
A 1 88  GLU 88  254 254 GLU GLU A . n 
A 1 89  GLU 89  255 255 GLU GLU A . n 
A 1 90  VAL 90  256 256 VAL VAL A . n 
A 1 91  THR 91  257 257 THR THR A . n 
A 1 92  HIS 92  258 258 HIS HIS A . n 
A 1 93  GLU 93  259 259 GLU GLU A . n 
A 1 94  GLU 94  260 260 GLU GLU A . n 
A 1 95  ALA 95  261 261 ALA ALA A . n 
A 1 96  VAL 96  262 262 VAL VAL A . n 
A 1 97  ALA 97  263 263 ALA ALA A . n 
A 1 98  ILE 98  264 264 ILE ILE A . n 
A 1 99  LEU 99  265 265 LEU LEU A . n 
A 1 100 LYS 100 266 266 LYS LYS A . n 
A 1 101 ASN 101 267 267 ASN ASN A . n 
A 1 102 THR 102 268 268 THR THR A . n 
A 1 103 SER 103 269 269 SER SER A . n 
A 1 104 GLU 104 270 270 GLU GLU A . n 
A 1 105 VAL 105 271 271 VAL VAL A . n 
A 1 106 VAL 106 272 272 VAL VAL A . n 
A 1 107 TYR 107 273 273 TYR TYR A . n 
A 1 108 LEU 108 274 274 LEU LEU A . n 
A 1 109 LYS 109 275 275 LYS LYS A . n 
A 1 110 VAL 110 276 276 VAL VAL A . n 
A 1 111 GLY 111 277 277 GLY GLY A . n 
A 1 112 LYS 112 278 278 LYS LYS A . n 
A 1 113 PRO 113 279 279 PRO PRO A . n 
A 1 114 THR 114 280 280 THR THR A . n 
A 1 115 THR 115 281 281 THR THR A . n 
A 1 116 ILE 116 282 282 ILE ILE A . n 
A 1 117 TYR 117 283 283 TYR TYR A . n 
# 
loop_
_pdbx_nonpoly_scheme.asym_id 
_pdbx_nonpoly_scheme.entity_id 
_pdbx_nonpoly_scheme.mon_id 
_pdbx_nonpoly_scheme.ndb_seq_num 
_pdbx_nonpoly_scheme.pdb_seq_num 
_pdbx_nonpoly_scheme.auth_seq_num 
_pdbx_nonpoly_scheme.pdb_mon_id 
_pdbx_nonpoly_scheme.auth_mon_id 
_pdbx_nonpoly_scheme.pdb_strand_id 
_pdbx_nonpoly_scheme.pdb_ins_code 
B 2 HOH 1   2001 2001 HOH HOH A . 
B 2 HOH 2   2002 2002 HOH HOH A . 
B 2 HOH 3   2003 2003 HOH HOH A . 
B 2 HOH 4   2004 2004 HOH HOH A . 
B 2 HOH 5   2005 2005 HOH HOH A . 
B 2 HOH 6   2006 2006 HOH HOH A . 
B 2 HOH 7   2007 2007 HOH HOH A . 
B 2 HOH 8   2008 2008 HOH HOH A . 
B 2 HOH 9   2009 2009 HOH HOH A . 
B 2 HOH 10  2010 2010 HOH HOH A . 
B 2 HOH 11  2011 2011 HOH HOH A . 
B 2 HOH 12  2012 2012 HOH HOH A . 
B 2 HOH 13  2013 2013 HOH HOH A . 
B 2 HOH 14  2014 2014 HOH HOH A . 
B 2 HOH 15  2015 2015 HOH HOH A . 
B 2 HOH 16  2016 2016 HOH HOH A . 
B 2 HOH 17  2017 2017 HOH HOH A . 
B 2 HOH 18  2018 2018 HOH HOH A . 
B 2 HOH 19  2019 2019 HOH HOH A . 
B 2 HOH 20  2020 2020 HOH HOH A . 
B 2 HOH 21  2021 2021 HOH HOH A . 
B 2 HOH 22  2022 2022 HOH HOH A . 
B 2 HOH 23  2023 2023 HOH HOH A . 
B 2 HOH 24  2024 2024 HOH HOH A . 
B 2 HOH 25  2025 2025 HOH HOH A . 
B 2 HOH 26  2026 2026 HOH HOH A . 
B 2 HOH 27  2027 2027 HOH HOH A . 
B 2 HOH 28  2028 2028 HOH HOH A . 
B 2 HOH 29  2029 2029 HOH HOH A . 
B 2 HOH 30  2030 2030 HOH HOH A . 
B 2 HOH 31  2031 2031 HOH HOH A . 
B 2 HOH 32  2032 2032 HOH HOH A . 
B 2 HOH 33  2033 2033 HOH HOH A . 
B 2 HOH 34  2034 2034 HOH HOH A . 
B 2 HOH 35  2035 2035 HOH HOH A . 
B 2 HOH 36  2036 2036 HOH HOH A . 
B 2 HOH 37  2037 2037 HOH HOH A . 
B 2 HOH 38  2038 2038 HOH HOH A . 
B 2 HOH 39  2039 2039 HOH HOH A . 
B 2 HOH 40  2040 2040 HOH HOH A . 
B 2 HOH 41  2041 2041 HOH HOH A . 
B 2 HOH 42  2042 2042 HOH HOH A . 
B 2 HOH 43  2043 2043 HOH HOH A . 
B 2 HOH 44  2044 2044 HOH HOH A . 
B 2 HOH 45  2045 2045 HOH HOH A . 
B 2 HOH 46  2046 2046 HOH HOH A . 
B 2 HOH 47  2047 2047 HOH HOH A . 
B 2 HOH 48  2048 2048 HOH HOH A . 
B 2 HOH 49  2049 2049 HOH HOH A . 
B 2 HOH 50  2050 2050 HOH HOH A . 
B 2 HOH 51  2051 2051 HOH HOH A . 
B 2 HOH 52  2052 2052 HOH HOH A . 
B 2 HOH 53  2053 2053 HOH HOH A . 
B 2 HOH 54  2054 2054 HOH HOH A . 
B 2 HOH 55  2055 2055 HOH HOH A . 
B 2 HOH 56  2056 2056 HOH HOH A . 
B 2 HOH 57  2057 2057 HOH HOH A . 
B 2 HOH 58  2058 2058 HOH HOH A . 
B 2 HOH 59  2059 2059 HOH HOH A . 
B 2 HOH 60  2060 2060 HOH HOH A . 
B 2 HOH 61  2061 2061 HOH HOH A . 
B 2 HOH 62  2062 2062 HOH HOH A . 
B 2 HOH 63  2063 2063 HOH HOH A . 
B 2 HOH 64  2064 2064 HOH HOH A . 
B 2 HOH 65  2065 2065 HOH HOH A . 
B 2 HOH 66  2066 2066 HOH HOH A . 
B 2 HOH 67  2067 2067 HOH HOH A . 
B 2 HOH 68  2068 2068 HOH HOH A . 
B 2 HOH 69  2069 2069 HOH HOH A . 
B 2 HOH 70  2070 2070 HOH HOH A . 
B 2 HOH 71  2071 2071 HOH HOH A . 
B 2 HOH 72  2072 2072 HOH HOH A . 
B 2 HOH 73  2073 2073 HOH HOH A . 
B 2 HOH 74  2074 2074 HOH HOH A . 
B 2 HOH 75  2075 2075 HOH HOH A . 
B 2 HOH 76  2076 2076 HOH HOH A . 
B 2 HOH 77  2077 2077 HOH HOH A . 
B 2 HOH 78  2078 2078 HOH HOH A . 
B 2 HOH 79  2079 2079 HOH HOH A . 
B 2 HOH 80  2080 2080 HOH HOH A . 
B 2 HOH 81  2081 2081 HOH HOH A . 
B 2 HOH 82  2082 2082 HOH HOH A . 
B 2 HOH 83  2083 2083 HOH HOH A . 
B 2 HOH 84  2084 2084 HOH HOH A . 
B 2 HOH 85  2085 2085 HOH HOH A . 
B 2 HOH 86  2086 2086 HOH HOH A . 
B 2 HOH 87  2087 2087 HOH HOH A . 
B 2 HOH 88  2088 2088 HOH HOH A . 
B 2 HOH 89  2089 2089 HOH HOH A . 
B 2 HOH 90  2090 2090 HOH HOH A . 
B 2 HOH 91  2091 2091 HOH HOH A . 
B 2 HOH 92  2092 2092 HOH HOH A . 
B 2 HOH 93  2093 2093 HOH HOH A . 
B 2 HOH 94  2094 2094 HOH HOH A . 
B 2 HOH 95  2095 2095 HOH HOH A . 
B 2 HOH 96  2096 2096 HOH HOH A . 
B 2 HOH 97  2097 2097 HOH HOH A . 
B 2 HOH 98  2098 2098 HOH HOH A . 
B 2 HOH 99  2099 2099 HOH HOH A . 
B 2 HOH 100 2100 2100 HOH HOH A . 
# 
_pdbx_struct_assembly.id                   1 
_pdbx_struct_assembly.details              author_and_software_defined_assembly 
_pdbx_struct_assembly.method_details       PQS 
_pdbx_struct_assembly.oligomeric_details   monomeric 
_pdbx_struct_assembly.oligomeric_count     1 
# 
_pdbx_struct_assembly_gen.assembly_id       1 
_pdbx_struct_assembly_gen.oper_expression   1 
_pdbx_struct_assembly_gen.asym_id_list      A,B 
# 
_pdbx_struct_oper_list.id                   1 
_pdbx_struct_oper_list.type                 'identity operation' 
_pdbx_struct_oper_list.name                 1_555 
_pdbx_struct_oper_list.symmetry_operation   x,y,z 
_pdbx_struct_oper_list.matrix[1][1]         1.0000000000 
_pdbx_struct_oper_list.matrix[1][2]         0.0000000000 
_pdbx_struct_oper_list.matrix[1][3]         0.0000000000 
_pdbx_struct_oper_list.vector[1]            0.0000000000 
_pdbx_struct_oper_list.matrix[2][1]         0.0000000000 
_pdbx_struct_oper_list.matrix[2][2]         1.0000000000 
_pdbx_struct_oper_list.matrix[2][3]         0.0000000000 
_pdbx_struct_oper_list.vector[2]            0.0000000000 
_pdbx_struct_oper_list.matrix[3][1]         0.0000000000 
_pdbx_struct_oper_list.matrix[3][2]         0.0000000000 
_pdbx_struct_oper_list.matrix[3][3]         1.0000000000 
_pdbx_struct_oper_list.vector[3]            0.0000000000 
# 
loop_
_pdbx_struct_special_symmetry.id 
_pdbx_struct_special_symmetry.PDB_model_num 
_pdbx_struct_special_symmetry.auth_asym_id 
_pdbx_struct_special_symmetry.auth_comp_id 
_pdbx_struct_special_symmetry.auth_seq_id 
_pdbx_struct_special_symmetry.PDB_ins_code 
_pdbx_struct_special_symmetry.label_asym_id 
_pdbx_struct_special_symmetry.label_comp_id 
_pdbx_struct_special_symmetry.label_seq_id 
1 1 A HOH 2064 ? B HOH . 
2 1 A HOH 2082 ? B HOH . 
# 
loop_
_pdbx_audit_revision_history.ordinal 
_pdbx_audit_revision_history.data_content_type 
_pdbx_audit_revision_history.major_revision 
_pdbx_audit_revision_history.minor_revision 
_pdbx_audit_revision_history.revision_date 
1 'Structure model' 1 0 2005-08-04 
2 'Structure model' 1 1 2011-07-13 
3 'Structure model' 1 2 2023-12-13 
# 
_pdbx_audit_revision_details.ordinal             1 
_pdbx_audit_revision_details.revision_ordinal    1 
_pdbx_audit_revision_details.data_content_type   'Structure model' 
_pdbx_audit_revision_details.provider            repository 
_pdbx_audit_revision_details.type                'Initial release' 
_pdbx_audit_revision_details.description         ? 
_pdbx_audit_revision_details.details             ? 
# 
loop_
_pdbx_audit_revision_group.ordinal 
_pdbx_audit_revision_group.revision_ordinal 
_pdbx_audit_revision_group.data_content_type 
_pdbx_audit_revision_group.group 
1 2 'Structure model' Advisory                    
2 2 'Structure model' 'Version format compliance' 
3 3 'Structure model' 'Data collection'           
4 3 'Structure model' 'Database references'       
5 3 'Structure model' Other                       
6 3 'Structure model' 'Refinement description'    
# 
loop_
_pdbx_audit_revision_category.ordinal 
_pdbx_audit_revision_category.revision_ordinal 
_pdbx_audit_revision_category.data_content_type 
_pdbx_audit_revision_category.category 
1 3 'Structure model' chem_comp_atom                
2 3 'Structure model' chem_comp_bond                
3 3 'Structure model' database_2                    
4 3 'Structure model' pdbx_database_status          
5 3 'Structure model' pdbx_initial_refinement_model 
# 
loop_
_pdbx_audit_revision_item.ordinal 
_pdbx_audit_revision_item.revision_ordinal 
_pdbx_audit_revision_item.data_content_type 
_pdbx_audit_revision_item.item 
1 3 'Structure model' '_database_2.pdbx_DOI'                 
2 3 'Structure model' '_database_2.pdbx_database_accession'  
3 3 'Structure model' '_pdbx_database_status.status_code_sf' 
# 
_pdbx_refine_tls.pdbx_refine_id   'X-RAY DIFFRACTION' 
_pdbx_refine_tls.id               1 
_pdbx_refine_tls.details          ? 
_pdbx_refine_tls.method           refined 
_pdbx_refine_tls.origin_x         0.2433 
_pdbx_refine_tls.origin_y         -0.8634 
_pdbx_refine_tls.origin_z         -0.6511 
_pdbx_refine_tls.T[1][1]          -0.1487 
_pdbx_refine_tls.T[2][2]          -0.1729 
_pdbx_refine_tls.T[3][3]          -0.1141 
_pdbx_refine_tls.T[1][2]          0.0271 
_pdbx_refine_tls.T[1][3]          0.0057 
_pdbx_refine_tls.T[2][3]          0.0149 
_pdbx_refine_tls.L[1][1]          3.0534 
_pdbx_refine_tls.L[2][2]          1.9588 
_pdbx_refine_tls.L[3][3]          2.1980 
_pdbx_refine_tls.L[1][2]          0.0657 
_pdbx_refine_tls.L[1][3]          -1.2345 
_pdbx_refine_tls.L[2][3]          -1.0865 
_pdbx_refine_tls.S[1][1]          0.0751 
_pdbx_refine_tls.S[1][2]          -0.0456 
_pdbx_refine_tls.S[1][3]          0.0886 
_pdbx_refine_tls.S[2][1]          0.0536 
_pdbx_refine_tls.S[2][2]          -0.0182 
_pdbx_refine_tls.S[2][3]          0.1017 
_pdbx_refine_tls.S[3][1]          -0.1213 
_pdbx_refine_tls.S[3][2]          -0.0379 
_pdbx_refine_tls.S[3][3]          -0.0569 
# 
_pdbx_refine_tls_group.pdbx_refine_id      'X-RAY DIFFRACTION' 
_pdbx_refine_tls_group.id                  1 
_pdbx_refine_tls_group.refine_tls_id       1 
_pdbx_refine_tls_group.beg_auth_asym_id    A 
_pdbx_refine_tls_group.beg_auth_seq_id     180 
_pdbx_refine_tls_group.beg_label_asym_id   ? 
_pdbx_refine_tls_group.beg_label_seq_id    ? 
_pdbx_refine_tls_group.end_auth_asym_id    A 
_pdbx_refine_tls_group.end_auth_seq_id     279 
_pdbx_refine_tls_group.end_label_asym_id   ? 
_pdbx_refine_tls_group.end_label_seq_id    ? 
_pdbx_refine_tls_group.selection           ? 
_pdbx_refine_tls_group.selection_details   ? 
# 
loop_
_software.name 
_software.classification 
_software.version 
_software.citation_id 
_software.pdbx_ordinal 
REFMAC refinement       5.2.0005 ? 1 
MOSFLM 'data reduction' .        ? 2 
SCALA  'data scaling'   .        ? 3 
PHASER phasing          .        ? 4 
# 
_pdbx_database_remark.id     700 
_pdbx_database_remark.text   
;
SHEET
THE SHEET STRUCTURE OF THIS MOLECULE IS BIFURCATED. IN
ORDER TO REPRESENT THIS FEATURE IN THE SHEET RECORDS BELOW,
TWO SHEETS ARE DEFINED.
;
# 
_pdbx_entry_details.entry_id                 2BYG 
_pdbx_entry_details.compound_details         
;INTERACTS WITH THE CYTOPLASMIC TAIL OF NMDA RECEPTOR
 SUBUNITS AND THE POTASSIUM CHANNELS
;
_pdbx_entry_details.source_details           ? 
_pdbx_entry_details.nonpolymer_details       ? 
_pdbx_entry_details.sequence_details         'MUTATION RESIDUE ASN278 TO LYS A278 IS A CLONING ARTEFACT' 
_pdbx_entry_details.has_ligand_of_interest   ? 
# 
loop_
_pdbx_validate_torsion.id 
_pdbx_validate_torsion.PDB_model_num 
_pdbx_validate_torsion.auth_comp_id 
_pdbx_validate_torsion.auth_asym_id 
_pdbx_validate_torsion.auth_seq_id 
_pdbx_validate_torsion.PDB_ins_code 
_pdbx_validate_torsion.label_alt_id 
_pdbx_validate_torsion.phi 
_pdbx_validate_torsion.psi 
1 1 ASN A 213 ? ? -148.50 48.57   
2 1 ASN A 250 ? ? 77.03   -8.96   
3 1 SER A 269 ? ? -101.91 -152.23 
# 
loop_
_pdbx_unobs_or_zero_occ_atoms.id 
_pdbx_unobs_or_zero_occ_atoms.PDB_model_num 
_pdbx_unobs_or_zero_occ_atoms.polymer_flag 
_pdbx_unobs_or_zero_occ_atoms.occupancy_flag 
_pdbx_unobs_or_zero_occ_atoms.auth_asym_id 
_pdbx_unobs_or_zero_occ_atoms.auth_comp_id 
_pdbx_unobs_or_zero_occ_atoms.auth_seq_id 
_pdbx_unobs_or_zero_occ_atoms.PDB_ins_code 
_pdbx_unobs_or_zero_occ_atoms.auth_atom_id 
_pdbx_unobs_or_zero_occ_atoms.label_alt_id 
_pdbx_unobs_or_zero_occ_atoms.label_asym_id 
_pdbx_unobs_or_zero_occ_atoms.label_comp_id 
_pdbx_unobs_or_zero_occ_atoms.label_seq_id 
_pdbx_unobs_or_zero_occ_atoms.label_atom_id 
1 1 Y 1 A PHE 186 ? CD1 ? A PHE 20 CD1 
2 1 Y 1 A PHE 186 ? CD2 ? A PHE 20 CD2 
3 1 Y 1 A PHE 186 ? CE1 ? A PHE 20 CE1 
4 1 Y 1 A PHE 186 ? CE2 ? A PHE 20 CE2 
5 1 Y 1 A PHE 186 ? CZ  ? A PHE 20 CZ  
6 1 Y 1 A LYS 201 ? CE  ? A LYS 35 CE  
7 1 Y 1 A LYS 201 ? NZ  ? A LYS 35 NZ  
# 
loop_
_pdbx_unobs_or_zero_occ_residues.id 
_pdbx_unobs_or_zero_occ_residues.PDB_model_num 
_pdbx_unobs_or_zero_occ_residues.polymer_flag 
_pdbx_unobs_or_zero_occ_residues.occupancy_flag 
_pdbx_unobs_or_zero_occ_residues.auth_asym_id 
_pdbx_unobs_or_zero_occ_residues.auth_comp_id 
_pdbx_unobs_or_zero_occ_residues.auth_seq_id 
_pdbx_unobs_or_zero_occ_residues.PDB_ins_code 
_pdbx_unobs_or_zero_occ_residues.label_asym_id 
_pdbx_unobs_or_zero_occ_residues.label_comp_id 
_pdbx_unobs_or_zero_occ_residues.label_seq_id 
1  1 Y 1 A MET 167 ? A MET 1  
2  1 Y 1 A HIS 168 ? A HIS 2  
3  1 Y 1 A HIS 169 ? A HIS 3  
4  1 Y 1 A HIS 170 ? A HIS 4  
5  1 Y 1 A HIS 171 ? A HIS 5  
6  1 Y 1 A HIS 172 ? A HIS 6  
7  1 Y 1 A HIS 173 ? A HIS 7  
8  1 Y 1 A SER 174 ? A SER 8  
9  1 Y 1 A SER 175 ? A SER 9  
10 1 Y 1 A GLY 176 ? A GLY 10 
11 1 Y 1 A VAL 177 ? A VAL 11 
12 1 Y 1 A ASP 178 ? A ASP 12 
13 1 Y 1 A LEU 179 ? A LEU 13 
14 1 Y 1 A GLY 180 ? A GLY 14 
15 1 Y 1 A THR 181 ? A THR 15 
16 1 Y 1 A GLU 182 ? A GLU 16 
17 1 Y 1 A ASN 183 ? A ASN 17 
18 1 Y 1 A LEU 184 ? A LEU 18 
19 1 Y 1 A TYR 185 ? A TYR 19 
# 
loop_
_chem_comp_atom.comp_id 
_chem_comp_atom.atom_id 
_chem_comp_atom.type_symbol 
_chem_comp_atom.pdbx_aromatic_flag 
_chem_comp_atom.pdbx_stereo_config 
_chem_comp_atom.pdbx_ordinal 
ALA N    N N N 1   
ALA CA   C N S 2   
ALA C    C N N 3   
ALA O    O N N 4   
ALA CB   C N N 5   
ALA OXT  O N N 6   
ALA H    H N N 7   
ALA H2   H N N 8   
ALA HA   H N N 9   
ALA HB1  H N N 10  
ALA HB2  H N N 11  
ALA HB3  H N N 12  
ALA HXT  H N N 13  
ARG N    N N N 14  
ARG CA   C N S 15  
ARG C    C N N 16  
ARG O    O N N 17  
ARG CB   C N N 18  
ARG CG   C N N 19  
ARG CD   C N N 20  
ARG NE   N N N 21  
ARG CZ   C N N 22  
ARG NH1  N N N 23  
ARG NH2  N N N 24  
ARG OXT  O N N 25  
ARG H    H N N 26  
ARG H2   H N N 27  
ARG HA   H N N 28  
ARG HB2  H N N 29  
ARG HB3  H N N 30  
ARG HG2  H N N 31  
ARG HG3  H N N 32  
ARG HD2  H N N 33  
ARG HD3  H N N 34  
ARG HE   H N N 35  
ARG HH11 H N N 36  
ARG HH12 H N N 37  
ARG HH21 H N N 38  
ARG HH22 H N N 39  
ARG HXT  H N N 40  
ASN N    N N N 41  
ASN CA   C N S 42  
ASN C    C N N 43  
ASN O    O N N 44  
ASN CB   C N N 45  
ASN CG   C N N 46  
ASN OD1  O N N 47  
ASN ND2  N N N 48  
ASN OXT  O N N 49  
ASN H    H N N 50  
ASN H2   H N N 51  
ASN HA   H N N 52  
ASN HB2  H N N 53  
ASN HB3  H N N 54  
ASN HD21 H N N 55  
ASN HD22 H N N 56  
ASN HXT  H N N 57  
ASP N    N N N 58  
ASP CA   C N S 59  
ASP C    C N N 60  
ASP O    O N N 61  
ASP CB   C N N 62  
ASP CG   C N N 63  
ASP OD1  O N N 64  
ASP OD2  O N N 65  
ASP OXT  O N N 66  
ASP H    H N N 67  
ASP H2   H N N 68  
ASP HA   H N N 69  
ASP HB2  H N N 70  
ASP HB3  H N N 71  
ASP HD2  H N N 72  
ASP HXT  H N N 73  
GLN N    N N N 74  
GLN CA   C N S 75  
GLN C    C N N 76  
GLN O    O N N 77  
GLN CB   C N N 78  
GLN CG   C N N 79  
GLN CD   C N N 80  
GLN OE1  O N N 81  
GLN NE2  N N N 82  
GLN OXT  O N N 83  
GLN H    H N N 84  
GLN H2   H N N 85  
GLN HA   H N N 86  
GLN HB2  H N N 87  
GLN HB3  H N N 88  
GLN HG2  H N N 89  
GLN HG3  H N N 90  
GLN HE21 H N N 91  
GLN HE22 H N N 92  
GLN HXT  H N N 93  
GLU N    N N N 94  
GLU CA   C N S 95  
GLU C    C N N 96  
GLU O    O N N 97  
GLU CB   C N N 98  
GLU CG   C N N 99  
GLU CD   C N N 100 
GLU OE1  O N N 101 
GLU OE2  O N N 102 
GLU OXT  O N N 103 
GLU H    H N N 104 
GLU H2   H N N 105 
GLU HA   H N N 106 
GLU HB2  H N N 107 
GLU HB3  H N N 108 
GLU HG2  H N N 109 
GLU HG3  H N N 110 
GLU HE2  H N N 111 
GLU HXT  H N N 112 
GLY N    N N N 113 
GLY CA   C N N 114 
GLY C    C N N 115 
GLY O    O N N 116 
GLY OXT  O N N 117 
GLY H    H N N 118 
GLY H2   H N N 119 
GLY HA2  H N N 120 
GLY HA3  H N N 121 
GLY HXT  H N N 122 
HIS N    N N N 123 
HIS CA   C N S 124 
HIS C    C N N 125 
HIS O    O N N 126 
HIS CB   C N N 127 
HIS CG   C Y N 128 
HIS ND1  N Y N 129 
HIS CD2  C Y N 130 
HIS CE1  C Y N 131 
HIS NE2  N Y N 132 
HIS OXT  O N N 133 
HIS H    H N N 134 
HIS H2   H N N 135 
HIS HA   H N N 136 
HIS HB2  H N N 137 
HIS HB3  H N N 138 
HIS HD1  H N N 139 
HIS HD2  H N N 140 
HIS HE1  H N N 141 
HIS HE2  H N N 142 
HIS HXT  H N N 143 
HOH O    O N N 144 
HOH H1   H N N 145 
HOH H2   H N N 146 
ILE N    N N N 147 
ILE CA   C N S 148 
ILE C    C N N 149 
ILE O    O N N 150 
ILE CB   C N S 151 
ILE CG1  C N N 152 
ILE CG2  C N N 153 
ILE CD1  C N N 154 
ILE OXT  O N N 155 
ILE H    H N N 156 
ILE H2   H N N 157 
ILE HA   H N N 158 
ILE HB   H N N 159 
ILE HG12 H N N 160 
ILE HG13 H N N 161 
ILE HG21 H N N 162 
ILE HG22 H N N 163 
ILE HG23 H N N 164 
ILE HD11 H N N 165 
ILE HD12 H N N 166 
ILE HD13 H N N 167 
ILE HXT  H N N 168 
LEU N    N N N 169 
LEU CA   C N S 170 
LEU C    C N N 171 
LEU O    O N N 172 
LEU CB   C N N 173 
LEU CG   C N N 174 
LEU CD1  C N N 175 
LEU CD2  C N N 176 
LEU OXT  O N N 177 
LEU H    H N N 178 
LEU H2   H N N 179 
LEU HA   H N N 180 
LEU HB2  H N N 181 
LEU HB3  H N N 182 
LEU HG   H N N 183 
LEU HD11 H N N 184 
LEU HD12 H N N 185 
LEU HD13 H N N 186 
LEU HD21 H N N 187 
LEU HD22 H N N 188 
LEU HD23 H N N 189 
LEU HXT  H N N 190 
LYS N    N N N 191 
LYS CA   C N S 192 
LYS C    C N N 193 
LYS O    O N N 194 
LYS CB   C N N 195 
LYS CG   C N N 196 
LYS CD   C N N 197 
LYS CE   C N N 198 
LYS NZ   N N N 199 
LYS OXT  O N N 200 
LYS H    H N N 201 
LYS H2   H N N 202 
LYS HA   H N N 203 
LYS HB2  H N N 204 
LYS HB3  H N N 205 
LYS HG2  H N N 206 
LYS HG3  H N N 207 
LYS HD2  H N N 208 
LYS HD3  H N N 209 
LYS HE2  H N N 210 
LYS HE3  H N N 211 
LYS HZ1  H N N 212 
LYS HZ2  H N N 213 
LYS HZ3  H N N 214 
LYS HXT  H N N 215 
MET N    N N N 216 
MET CA   C N S 217 
MET C    C N N 218 
MET O    O N N 219 
MET CB   C N N 220 
MET CG   C N N 221 
MET SD   S N N 222 
MET CE   C N N 223 
MET OXT  O N N 224 
MET H    H N N 225 
MET H2   H N N 226 
MET HA   H N N 227 
MET HB2  H N N 228 
MET HB3  H N N 229 
MET HG2  H N N 230 
MET HG3  H N N 231 
MET HE1  H N N 232 
MET HE2  H N N 233 
MET HE3  H N N 234 
MET HXT  H N N 235 
PHE N    N N N 236 
PHE CA   C N S 237 
PHE C    C N N 238 
PHE O    O N N 239 
PHE CB   C N N 240 
PHE CG   C Y N 241 
PHE CD1  C Y N 242 
PHE CD2  C Y N 243 
PHE CE1  C Y N 244 
PHE CE2  C Y N 245 
PHE CZ   C Y N 246 
PHE OXT  O N N 247 
PHE H    H N N 248 
PHE H2   H N N 249 
PHE HA   H N N 250 
PHE HB2  H N N 251 
PHE HB3  H N N 252 
PHE HD1  H N N 253 
PHE HD2  H N N 254 
PHE HE1  H N N 255 
PHE HE2  H N N 256 
PHE HZ   H N N 257 
PHE HXT  H N N 258 
PRO N    N N N 259 
PRO CA   C N S 260 
PRO C    C N N 261 
PRO O    O N N 262 
PRO CB   C N N 263 
PRO CG   C N N 264 
PRO CD   C N N 265 
PRO OXT  O N N 266 
PRO H    H N N 267 
PRO HA   H N N 268 
PRO HB2  H N N 269 
PRO HB3  H N N 270 
PRO HG2  H N N 271 
PRO HG3  H N N 272 
PRO HD2  H N N 273 
PRO HD3  H N N 274 
PRO HXT  H N N 275 
SER N    N N N 276 
SER CA   C N S 277 
SER C    C N N 278 
SER O    O N N 279 
SER CB   C N N 280 
SER OG   O N N 281 
SER OXT  O N N 282 
SER H    H N N 283 
SER H2   H N N 284 
SER HA   H N N 285 
SER HB2  H N N 286 
SER HB3  H N N 287 
SER HG   H N N 288 
SER HXT  H N N 289 
THR N    N N N 290 
THR CA   C N S 291 
THR C    C N N 292 
THR O    O N N 293 
THR CB   C N R 294 
THR OG1  O N N 295 
THR CG2  C N N 296 
THR OXT  O N N 297 
THR H    H N N 298 
THR H2   H N N 299 
THR HA   H N N 300 
THR HB   H N N 301 
THR HG1  H N N 302 
THR HG21 H N N 303 
THR HG22 H N N 304 
THR HG23 H N N 305 
THR HXT  H N N 306 
TYR N    N N N 307 
TYR CA   C N S 308 
TYR C    C N N 309 
TYR O    O N N 310 
TYR CB   C N N 311 
TYR CG   C Y N 312 
TYR CD1  C Y N 313 
TYR CD2  C Y N 314 
TYR CE1  C Y N 315 
TYR CE2  C Y N 316 
TYR CZ   C Y N 317 
TYR OH   O N N 318 
TYR OXT  O N N 319 
TYR H    H N N 320 
TYR H2   H N N 321 
TYR HA   H N N 322 
TYR HB2  H N N 323 
TYR HB3  H N N 324 
TYR HD1  H N N 325 
TYR HD2  H N N 326 
TYR HE1  H N N 327 
TYR HE2  H N N 328 
TYR HH   H N N 329 
TYR HXT  H N N 330 
VAL N    N N N 331 
VAL CA   C N S 332 
VAL C    C N N 333 
VAL O    O N N 334 
VAL CB   C N N 335 
VAL CG1  C N N 336 
VAL CG2  C N N 337 
VAL OXT  O N N 338 
VAL H    H N N 339 
VAL H2   H N N 340 
VAL HA   H N N 341 
VAL HB   H N N 342 
VAL HG11 H N N 343 
VAL HG12 H N N 344 
VAL HG13 H N N 345 
VAL HG21 H N N 346 
VAL HG22 H N N 347 
VAL HG23 H N N 348 
VAL HXT  H N N 349 
# 
loop_
_chem_comp_bond.comp_id 
_chem_comp_bond.atom_id_1 
_chem_comp_bond.atom_id_2 
_chem_comp_bond.value_order 
_chem_comp_bond.pdbx_aromatic_flag 
_chem_comp_bond.pdbx_stereo_config 
_chem_comp_bond.pdbx_ordinal 
ALA N   CA   sing N N 1   
ALA N   H    sing N N 2   
ALA N   H2   sing N N 3   
ALA CA  C    sing N N 4   
ALA CA  CB   sing N N 5   
ALA CA  HA   sing N N 6   
ALA C   O    doub N N 7   
ALA C   OXT  sing N N 8   
ALA CB  HB1  sing N N 9   
ALA CB  HB2  sing N N 10  
ALA CB  HB3  sing N N 11  
ALA OXT HXT  sing N N 12  
ARG N   CA   sing N N 13  
ARG N   H    sing N N 14  
ARG N   H2   sing N N 15  
ARG CA  C    sing N N 16  
ARG CA  CB   sing N N 17  
ARG CA  HA   sing N N 18  
ARG C   O    doub N N 19  
ARG C   OXT  sing N N 20  
ARG CB  CG   sing N N 21  
ARG CB  HB2  sing N N 22  
ARG CB  HB3  sing N N 23  
ARG CG  CD   sing N N 24  
ARG CG  HG2  sing N N 25  
ARG CG  HG3  sing N N 26  
ARG CD  NE   sing N N 27  
ARG CD  HD2  sing N N 28  
ARG CD  HD3  sing N N 29  
ARG NE  CZ   sing N N 30  
ARG NE  HE   sing N N 31  
ARG CZ  NH1  sing N N 32  
ARG CZ  NH2  doub N N 33  
ARG NH1 HH11 sing N N 34  
ARG NH1 HH12 sing N N 35  
ARG NH2 HH21 sing N N 36  
ARG NH2 HH22 sing N N 37  
ARG OXT HXT  sing N N 38  
ASN N   CA   sing N N 39  
ASN N   H    sing N N 40  
ASN N   H2   sing N N 41  
ASN CA  C    sing N N 42  
ASN CA  CB   sing N N 43  
ASN CA  HA   sing N N 44  
ASN C   O    doub N N 45  
ASN C   OXT  sing N N 46  
ASN CB  CG   sing N N 47  
ASN CB  HB2  sing N N 48  
ASN CB  HB3  sing N N 49  
ASN CG  OD1  doub N N 50  
ASN CG  ND2  sing N N 51  
ASN ND2 HD21 sing N N 52  
ASN ND2 HD22 sing N N 53  
ASN OXT HXT  sing N N 54  
ASP N   CA   sing N N 55  
ASP N   H    sing N N 56  
ASP N   H2   sing N N 57  
ASP CA  C    sing N N 58  
ASP CA  CB   sing N N 59  
ASP CA  HA   sing N N 60  
ASP C   O    doub N N 61  
ASP C   OXT  sing N N 62  
ASP CB  CG   sing N N 63  
ASP CB  HB2  sing N N 64  
ASP CB  HB3  sing N N 65  
ASP CG  OD1  doub N N 66  
ASP CG  OD2  sing N N 67  
ASP OD2 HD2  sing N N 68  
ASP OXT HXT  sing N N 69  
GLN N   CA   sing N N 70  
GLN N   H    sing N N 71  
GLN N   H2   sing N N 72  
GLN CA  C    sing N N 73  
GLN CA  CB   sing N N 74  
GLN CA  HA   sing N N 75  
GLN C   O    doub N N 76  
GLN C   OXT  sing N N 77  
GLN CB  CG   sing N N 78  
GLN CB  HB2  sing N N 79  
GLN CB  HB3  sing N N 80  
GLN CG  CD   sing N N 81  
GLN CG  HG2  sing N N 82  
GLN CG  HG3  sing N N 83  
GLN CD  OE1  doub N N 84  
GLN CD  NE2  sing N N 85  
GLN NE2 HE21 sing N N 86  
GLN NE2 HE22 sing N N 87  
GLN OXT HXT  sing N N 88  
GLU N   CA   sing N N 89  
GLU N   H    sing N N 90  
GLU N   H2   sing N N 91  
GLU CA  C    sing N N 92  
GLU CA  CB   sing N N 93  
GLU CA  HA   sing N N 94  
GLU C   O    doub N N 95  
GLU C   OXT  sing N N 96  
GLU CB  CG   sing N N 97  
GLU CB  HB2  sing N N 98  
GLU CB  HB3  sing N N 99  
GLU CG  CD   sing N N 100 
GLU CG  HG2  sing N N 101 
GLU CG  HG3  sing N N 102 
GLU CD  OE1  doub N N 103 
GLU CD  OE2  sing N N 104 
GLU OE2 HE2  sing N N 105 
GLU OXT HXT  sing N N 106 
GLY N   CA   sing N N 107 
GLY N   H    sing N N 108 
GLY N   H2   sing N N 109 
GLY CA  C    sing N N 110 
GLY CA  HA2  sing N N 111 
GLY CA  HA3  sing N N 112 
GLY C   O    doub N N 113 
GLY C   OXT  sing N N 114 
GLY OXT HXT  sing N N 115 
HIS N   CA   sing N N 116 
HIS N   H    sing N N 117 
HIS N   H2   sing N N 118 
HIS CA  C    sing N N 119 
HIS CA  CB   sing N N 120 
HIS CA  HA   sing N N 121 
HIS C   O    doub N N 122 
HIS C   OXT  sing N N 123 
HIS CB  CG   sing N N 124 
HIS CB  HB2  sing N N 125 
HIS CB  HB3  sing N N 126 
HIS CG  ND1  sing Y N 127 
HIS CG  CD2  doub Y N 128 
HIS ND1 CE1  doub Y N 129 
HIS ND1 HD1  sing N N 130 
HIS CD2 NE2  sing Y N 131 
HIS CD2 HD2  sing N N 132 
HIS CE1 NE2  sing Y N 133 
HIS CE1 HE1  sing N N 134 
HIS NE2 HE2  sing N N 135 
HIS OXT HXT  sing N N 136 
HOH O   H1   sing N N 137 
HOH O   H2   sing N N 138 
ILE N   CA   sing N N 139 
ILE N   H    sing N N 140 
ILE N   H2   sing N N 141 
ILE CA  C    sing N N 142 
ILE CA  CB   sing N N 143 
ILE CA  HA   sing N N 144 
ILE C   O    doub N N 145 
ILE C   OXT  sing N N 146 
ILE CB  CG1  sing N N 147 
ILE CB  CG2  sing N N 148 
ILE CB  HB   sing N N 149 
ILE CG1 CD1  sing N N 150 
ILE CG1 HG12 sing N N 151 
ILE CG1 HG13 sing N N 152 
ILE CG2 HG21 sing N N 153 
ILE CG2 HG22 sing N N 154 
ILE CG2 HG23 sing N N 155 
ILE CD1 HD11 sing N N 156 
ILE CD1 HD12 sing N N 157 
ILE CD1 HD13 sing N N 158 
ILE OXT HXT  sing N N 159 
LEU N   CA   sing N N 160 
LEU N   H    sing N N 161 
LEU N   H2   sing N N 162 
LEU CA  C    sing N N 163 
LEU CA  CB   sing N N 164 
LEU CA  HA   sing N N 165 
LEU C   O    doub N N 166 
LEU C   OXT  sing N N 167 
LEU CB  CG   sing N N 168 
LEU CB  HB2  sing N N 169 
LEU CB  HB3  sing N N 170 
LEU CG  CD1  sing N N 171 
LEU CG  CD2  sing N N 172 
LEU CG  HG   sing N N 173 
LEU CD1 HD11 sing N N 174 
LEU CD1 HD12 sing N N 175 
LEU CD1 HD13 sing N N 176 
LEU CD2 HD21 sing N N 177 
LEU CD2 HD22 sing N N 178 
LEU CD2 HD23 sing N N 179 
LEU OXT HXT  sing N N 180 
LYS N   CA   sing N N 181 
LYS N   H    sing N N 182 
LYS N   H2   sing N N 183 
LYS CA  C    sing N N 184 
LYS CA  CB   sing N N 185 
LYS CA  HA   sing N N 186 
LYS C   O    doub N N 187 
LYS C   OXT  sing N N 188 
LYS CB  CG   sing N N 189 
LYS CB  HB2  sing N N 190 
LYS CB  HB3  sing N N 191 
LYS CG  CD   sing N N 192 
LYS CG  HG2  sing N N 193 
LYS CG  HG3  sing N N 194 
LYS CD  CE   sing N N 195 
LYS CD  HD2  sing N N 196 
LYS CD  HD3  sing N N 197 
LYS CE  NZ   sing N N 198 
LYS CE  HE2  sing N N 199 
LYS CE  HE3  sing N N 200 
LYS NZ  HZ1  sing N N 201 
LYS NZ  HZ2  sing N N 202 
LYS NZ  HZ3  sing N N 203 
LYS OXT HXT  sing N N 204 
MET N   CA   sing N N 205 
MET N   H    sing N N 206 
MET N   H2   sing N N 207 
MET CA  C    sing N N 208 
MET CA  CB   sing N N 209 
MET CA  HA   sing N N 210 
MET C   O    doub N N 211 
MET C   OXT  sing N N 212 
MET CB  CG   sing N N 213 
MET CB  HB2  sing N N 214 
MET CB  HB3  sing N N 215 
MET CG  SD   sing N N 216 
MET CG  HG2  sing N N 217 
MET CG  HG3  sing N N 218 
MET SD  CE   sing N N 219 
MET CE  HE1  sing N N 220 
MET CE  HE2  sing N N 221 
MET CE  HE3  sing N N 222 
MET OXT HXT  sing N N 223 
PHE N   CA   sing N N 224 
PHE N   H    sing N N 225 
PHE N   H2   sing N N 226 
PHE CA  C    sing N N 227 
PHE CA  CB   sing N N 228 
PHE CA  HA   sing N N 229 
PHE C   O    doub N N 230 
PHE C   OXT  sing N N 231 
PHE CB  CG   sing N N 232 
PHE CB  HB2  sing N N 233 
PHE CB  HB3  sing N N 234 
PHE CG  CD1  doub Y N 235 
PHE CG  CD2  sing Y N 236 
PHE CD1 CE1  sing Y N 237 
PHE CD1 HD1  sing N N 238 
PHE CD2 CE2  doub Y N 239 
PHE CD2 HD2  sing N N 240 
PHE CE1 CZ   doub Y N 241 
PHE CE1 HE1  sing N N 242 
PHE CE2 CZ   sing Y N 243 
PHE CE2 HE2  sing N N 244 
PHE CZ  HZ   sing N N 245 
PHE OXT HXT  sing N N 246 
PRO N   CA   sing N N 247 
PRO N   CD   sing N N 248 
PRO N   H    sing N N 249 
PRO CA  C    sing N N 250 
PRO CA  CB   sing N N 251 
PRO CA  HA   sing N N 252 
PRO C   O    doub N N 253 
PRO C   OXT  sing N N 254 
PRO CB  CG   sing N N 255 
PRO CB  HB2  sing N N 256 
PRO CB  HB3  sing N N 257 
PRO CG  CD   sing N N 258 
PRO CG  HG2  sing N N 259 
PRO CG  HG3  sing N N 260 
PRO CD  HD2  sing N N 261 
PRO CD  HD3  sing N N 262 
PRO OXT HXT  sing N N 263 
SER N   CA   sing N N 264 
SER N   H    sing N N 265 
SER N   H2   sing N N 266 
SER CA  C    sing N N 267 
SER CA  CB   sing N N 268 
SER CA  HA   sing N N 269 
SER C   O    doub N N 270 
SER C   OXT  sing N N 271 
SER CB  OG   sing N N 272 
SER CB  HB2  sing N N 273 
SER CB  HB3  sing N N 274 
SER OG  HG   sing N N 275 
SER OXT HXT  sing N N 276 
THR N   CA   sing N N 277 
THR N   H    sing N N 278 
THR N   H2   sing N N 279 
THR CA  C    sing N N 280 
THR CA  CB   sing N N 281 
THR CA  HA   sing N N 282 
THR C   O    doub N N 283 
THR C   OXT  sing N N 284 
THR CB  OG1  sing N N 285 
THR CB  CG2  sing N N 286 
THR CB  HB   sing N N 287 
THR OG1 HG1  sing N N 288 
THR CG2 HG21 sing N N 289 
THR CG2 HG22 sing N N 290 
THR CG2 HG23 sing N N 291 
THR OXT HXT  sing N N 292 
TYR N   CA   sing N N 293 
TYR N   H    sing N N 294 
TYR N   H2   sing N N 295 
TYR CA  C    sing N N 296 
TYR CA  CB   sing N N 297 
TYR CA  HA   sing N N 298 
TYR C   O    doub N N 299 
TYR C   OXT  sing N N 300 
TYR CB  CG   sing N N 301 
TYR CB  HB2  sing N N 302 
TYR CB  HB3  sing N N 303 
TYR CG  CD1  doub Y N 304 
TYR CG  CD2  sing Y N 305 
TYR CD1 CE1  sing Y N 306 
TYR CD1 HD1  sing N N 307 
TYR CD2 CE2  doub Y N 308 
TYR CD2 HD2  sing N N 309 
TYR CE1 CZ   doub Y N 310 
TYR CE1 HE1  sing N N 311 
TYR CE2 CZ   sing Y N 312 
TYR CE2 HE2  sing N N 313 
TYR CZ  OH   sing N N 314 
TYR OH  HH   sing N N 315 
TYR OXT HXT  sing N N 316 
VAL N   CA   sing N N 317 
VAL N   H    sing N N 318 
VAL N   H2   sing N N 319 
VAL CA  C    sing N N 320 
VAL CA  CB   sing N N 321 
VAL CA  HA   sing N N 322 
VAL C   O    doub N N 323 
VAL C   OXT  sing N N 324 
VAL CB  CG1  sing N N 325 
VAL CB  CG2  sing N N 326 
VAL CB  HB   sing N N 327 
VAL CG1 HG11 sing N N 328 
VAL CG1 HG12 sing N N 329 
VAL CG1 HG13 sing N N 330 
VAL CG2 HG21 sing N N 331 
VAL CG2 HG22 sing N N 332 
VAL CG2 HG23 sing N N 333 
VAL OXT HXT  sing N N 334 
# 
_pdbx_entity_nonpoly.entity_id   2 
_pdbx_entity_nonpoly.name        water 
_pdbx_entity_nonpoly.comp_id     HOH 
# 
_pdbx_initial_refinement_model.id               1 
_pdbx_initial_refinement_model.entity_id_list   ? 
_pdbx_initial_refinement_model.type             'experimental model' 
_pdbx_initial_refinement_model.source_name      PDB 
_pdbx_initial_refinement_model.accession_code   1PDR 
_pdbx_initial_refinement_model.details          'PDB ENTRY 1PDR' 
# 
